data_6IJ9
#
_entry.id   6IJ9
#
_cell.length_a   92.979
_cell.length_b   84.141
_cell.length_c   129.146
_cell.angle_alpha   90.000
_cell.angle_beta   108.900
_cell.angle_gamma   90.000
#
_symmetry.space_group_name_H-M   'P 1 21 1'
#
loop_
_entity.id
_entity.type
_entity.pdbx_description
1 polymer 'UDP-glycosyltransferase 89C1'
2 non-polymer "URIDINE-5'-DIPHOSPHATE"
3 water water
#
_entity_poly.entity_id   1
_entity_poly.type   'polypeptide(L)'
_entity_poly.pdbx_seq_one_letter_code
;MTTTTTKKPHVLVIPFPQSGHMVPHLDLTHQILLRGATVTVLVTPKNSSYLDALRSLHSPEHFKTLILPFPSHPCIPSGV
ESLQQLPLEAIVHMFDALSRLHDPLVDFLSRQPPSDLPDAILGSSFLSPWINKVADAFSIKSISFLPINAHSISVMWAQE
DRSFFNDLETATTESYGLVINSFYDLEPEFVETVKTRFLNHHRIWTVGPLLPFKAGVDRGGQSSIPPAKVSAWLDSCPED
NSVVYVGFGSQIRLTAEQTAALAAALEKSSVRFIWAVRDAAKKVNSSDNSVEEDVIPAGFEERVKEKGLVIRGWAPQTMI
LEHRAVGSYLTHLGWGSVLEGMVGGVMLLAWPMQADHFFNTTLIVDKLRAAVRVGENRDSVPDSDKLARILAESAREDLP
ERVTLMKLREKAMEAIKEGGSSYKNLDELVAEMCL
;
_entity_poly.pdbx_strand_id   A,B,C,D
#
loop_
_chem_comp.id
_chem_comp.type
_chem_comp.name
_chem_comp.formula
UDP RNA linking URIDINE-5'-DIPHOSPHATE 'C9 H14 N2 O12 P2'
#
# COMPACT_ATOMS: atom_id res chain seq x y z
N LYS A 8 10.57 30.51 29.55
CA LYS A 8 11.70 30.14 28.72
C LYS A 8 11.28 30.44 27.25
N PRO A 9 10.18 29.87 26.74
CA PRO A 9 9.69 30.32 25.42
C PRO A 9 8.47 31.25 25.45
N HIS A 10 8.42 32.26 24.57
CA HIS A 10 7.19 33.05 24.37
C HIS A 10 6.38 32.36 23.26
N VAL A 11 5.17 31.89 23.60
CA VAL A 11 4.38 31.03 22.73
C VAL A 11 3.14 31.80 22.31
N LEU A 12 2.91 31.89 21.00
CA LEU A 12 1.65 32.42 20.47
C LEU A 12 0.71 31.25 20.30
N VAL A 13 -0.42 31.26 21.01
CA VAL A 13 -1.38 30.16 21.02
C VAL A 13 -2.58 30.60 20.19
N ILE A 14 -2.89 29.88 19.12
CA ILE A 14 -4.03 30.20 18.25
C ILE A 14 -4.97 29.00 18.17
N PRO A 15 -6.00 28.96 19.01
CA PRO A 15 -6.92 27.83 19.04
C PRO A 15 -7.98 27.91 17.96
N PHE A 16 -8.52 26.75 17.60
CA PHE A 16 -9.67 26.73 16.68
C PHE A 16 -10.95 27.01 17.44
N PRO A 17 -11.73 27.96 17.00
CA PRO A 17 -12.88 28.42 17.78
C PRO A 17 -13.94 27.36 18.01
N GLN A 18 -13.59 26.09 18.11
CA GLN A 18 -14.57 25.06 18.38
C GLN A 18 -14.24 24.39 19.72
N SER A 19 -15.28 24.02 20.47
CA SER A 19 -15.10 23.55 21.84
C SER A 19 -14.23 22.29 21.93
N GLY A 20 -14.49 21.30 21.08
CA GLY A 20 -13.73 20.06 21.12
C GLY A 20 -12.25 20.28 20.93
N HIS A 21 -11.88 21.42 20.28
CA HIS A 21 -10.54 21.92 19.99
C HIS A 21 -10.02 22.90 21.03
N MET A 22 -10.79 23.93 21.34
CA MET A 22 -10.28 25.00 22.20
C MET A 22 -10.15 24.57 23.65
N VAL A 23 -11.01 23.68 24.11
CA VAL A 23 -10.99 23.24 25.51
C VAL A 23 -9.70 22.50 25.88
N PRO A 24 -9.22 21.48 25.12
CA PRO A 24 -7.88 20.93 25.44
C PRO A 24 -6.73 21.83 24.97
N HIS A 25 -6.93 22.66 23.93
CA HIS A 25 -5.89 23.59 23.51
C HIS A 25 -5.55 24.62 24.58
N LEU A 26 -6.52 24.98 25.45
CA LEU A 26 -6.24 25.87 26.58
C LEU A 26 -5.72 25.15 27.82
N ASP A 27 -6.10 23.90 28.05
CA ASP A 27 -5.45 23.12 29.11
C ASP A 27 -3.97 22.89 28.78
N LEU A 28 -3.68 22.58 27.51
CA LEU A 28 -2.29 22.56 27.08
C LEU A 28 -1.66 23.91 27.21
N THR A 29 -2.42 25.00 27.00
CA THR A 29 -1.88 26.35 27.23
C THR A 29 -1.49 26.53 28.69
N HIS A 30 -2.37 26.14 29.61
CA HIS A 30 -2.05 26.19 31.03
C HIS A 30 -0.84 25.31 31.36
N GLN A 31 -0.78 24.11 30.79
CA GLN A 31 0.32 23.18 31.06
C GLN A 31 1.67 23.75 30.63
N ILE A 32 1.75 24.34 29.43
CA ILE A 32 3.00 24.96 29.03
C ILE A 32 3.21 26.25 29.81
N LEU A 33 2.12 26.90 30.23
CA LEU A 33 2.25 28.04 31.15
C LEU A 33 2.90 27.63 32.47
N LEU A 34 2.50 26.50 33.06
CA LEU A 34 2.99 26.15 34.38
C LEU A 34 4.49 25.87 34.40
N ARG A 35 5.03 25.42 33.29
CA ARG A 35 6.45 25.15 33.23
C ARG A 35 7.22 26.38 32.83
N GLY A 36 6.59 27.55 32.86
CA GLY A 36 7.33 28.80 32.69
C GLY A 36 7.15 29.51 31.37
N ALA A 37 6.35 29.01 30.45
CA ALA A 37 6.24 29.68 29.19
C ALA A 37 5.50 31.02 29.34
N THR A 38 5.75 31.90 28.39
CA THR A 38 4.92 33.06 28.15
C THR A 38 4.00 32.75 26.98
N VAL A 39 2.77 33.28 27.03
CA VAL A 39 1.73 32.86 26.12
C VAL A 39 1.00 34.11 25.65
N THR A 40 0.84 34.26 24.35
CA THR A 40 -0.09 35.23 23.77
C THR A 40 -1.19 34.43 23.08
N VAL A 41 -2.45 34.67 23.42
CA VAL A 41 -3.53 33.90 22.82
C VAL A 41 -4.22 34.76 21.78
N LEU A 42 -4.28 34.28 20.53
CA LEU A 42 -5.01 34.96 19.47
C LEU A 42 -6.44 34.45 19.51
N VAL A 43 -7.37 35.36 19.73
CA VAL A 43 -8.76 35.07 19.96
C VAL A 43 -9.57 36.16 19.28
N THR A 44 -10.76 35.82 18.77
CA THR A 44 -11.70 36.84 18.29
C THR A 44 -12.50 37.40 19.46
N PRO A 45 -13.22 38.53 19.26
CA PRO A 45 -13.68 39.33 20.41
C PRO A 45 -14.60 38.60 21.37
N LYS A 46 -15.66 37.98 20.85
CA LYS A 46 -16.63 37.31 21.71
C LYS A 46 -15.98 36.14 22.46
N ASN A 47 -15.05 35.43 21.80
CA ASN A 47 -14.34 34.31 22.39
C ASN A 47 -13.29 34.75 23.39
N SER A 48 -13.05 36.06 23.53
CA SER A 48 -12.02 36.48 24.44
C SER A 48 -12.37 36.05 25.85
N SER A 49 -13.66 35.90 26.11
CA SER A 49 -14.10 35.67 27.46
C SER A 49 -13.86 34.24 27.93
N TYR A 50 -13.79 33.25 27.01
CA TYR A 50 -13.36 31.91 27.42
C TYR A 50 -12.00 31.95 28.06
N LEU A 51 -11.20 32.95 27.73
CA LEU A 51 -9.91 33.12 28.33
C LEU A 51 -9.98 33.64 29.76
N ASP A 52 -11.15 34.08 30.23
CA ASP A 52 -11.22 34.70 31.57
C ASP A 52 -10.77 33.72 32.65
N ALA A 53 -11.23 32.47 32.58
CA ALA A 53 -10.82 31.47 33.56
C ALA A 53 -9.30 31.34 33.59
N LEU A 54 -8.69 31.07 32.44
CA LEU A 54 -7.25 30.88 32.37
C LEU A 54 -6.50 32.16 32.70
N ARG A 55 -7.02 33.31 32.27
CA ARG A 55 -6.36 34.59 32.54
C ARG A 55 -6.29 34.87 34.05
N SER A 56 -7.30 34.40 34.80
CA SER A 56 -7.41 34.54 36.25
C SER A 56 -6.37 33.77 37.02
N LEU A 57 -5.63 32.88 36.36
CA LEU A 57 -4.64 32.06 37.02
C LEU A 57 -3.20 32.55 36.77
N HIS A 58 -2.96 33.52 35.88
CA HIS A 58 -1.61 33.88 35.47
C HIS A 58 -1.38 35.39 35.38
N SER A 59 -0.13 35.78 35.69
CA SER A 59 0.25 37.18 35.76
C SER A 59 0.16 37.83 34.39
N PRO A 60 -0.33 39.07 34.31
CA PRO A 60 -0.49 39.72 32.99
C PRO A 60 0.78 39.83 32.18
N GLU A 61 1.96 39.79 32.81
CA GLU A 61 3.18 39.68 32.02
C GLU A 61 3.38 38.26 31.48
N HIS A 62 2.86 37.22 32.16
CA HIS A 62 2.97 35.86 31.65
C HIS A 62 1.83 35.49 30.70
N PHE A 63 0.71 36.22 30.74
CA PHE A 63 -0.48 35.91 29.96
C PHE A 63 -0.93 37.19 29.25
N LYS A 64 -0.75 37.24 27.94
CA LYS A 64 -1.19 38.33 27.10
C LYS A 64 -2.40 37.86 26.30
N THR A 65 -3.13 38.80 25.75
CA THR A 65 -4.36 38.51 25.01
C THR A 65 -4.40 39.39 23.77
N LEU A 66 -4.24 38.82 22.59
CA LEU A 66 -4.37 39.60 21.36
C LEU A 66 -5.74 39.34 20.77
N ILE A 67 -6.52 40.39 20.50
CA ILE A 67 -7.92 40.23 20.12
C ILE A 67 -8.13 40.90 18.76
N LEU A 68 -8.35 40.11 17.72
CA LEU A 68 -8.56 40.78 16.44
C LEU A 68 -10.00 40.58 16.00
N PRO A 69 -10.59 41.52 15.27
CA PRO A 69 -12.00 41.37 14.90
C PRO A 69 -12.22 40.13 14.06
N PHE A 70 -13.40 39.53 14.22
CA PHE A 70 -13.77 38.34 13.45
C PHE A 70 -14.00 38.71 12.01
N PRO A 71 -13.35 38.05 11.05
CA PRO A 71 -13.55 38.41 9.64
C PRO A 71 -14.95 38.12 9.16
N SER A 72 -15.59 39.14 8.59
CA SER A 72 -16.96 39.01 8.12
C SER A 72 -17.06 37.98 7.00
N HIS A 73 -18.02 37.07 7.11
CA HIS A 73 -18.34 36.13 6.05
C HIS A 73 -19.86 36.15 5.85
N PRO A 74 -20.35 36.22 4.61
CA PRO A 74 -21.80 36.29 4.40
C PRO A 74 -22.58 35.17 5.04
N CYS A 75 -21.94 34.01 5.22
CA CYS A 75 -22.65 32.80 5.59
C CYS A 75 -22.68 32.53 7.09
N ILE A 76 -21.95 33.30 7.87
CA ILE A 76 -21.94 33.18 9.32
C ILE A 76 -22.87 34.25 9.90
N PRO A 77 -23.80 33.91 10.75
CA PRO A 77 -24.65 34.94 11.36
C PRO A 77 -23.79 35.88 12.19
N SER A 78 -24.27 37.13 12.33
CA SER A 78 -23.55 38.11 13.13
C SER A 78 -23.39 37.60 14.55
N GLY A 79 -22.27 37.91 15.16
CA GLY A 79 -22.02 37.55 16.52
C GLY A 79 -21.62 36.11 16.77
N VAL A 80 -21.58 35.26 15.75
CA VAL A 80 -21.25 33.86 15.95
C VAL A 80 -19.80 33.69 15.51
N GLU A 81 -18.91 33.42 16.45
CA GLU A 81 -17.49 33.24 16.14
C GLU A 81 -16.96 31.88 16.57
N SER A 82 -17.83 30.91 16.76
CA SER A 82 -17.43 29.63 17.32
C SER A 82 -18.33 28.54 16.74
N LEU A 83 -17.71 27.57 16.09
CA LEU A 83 -18.42 26.59 15.32
C LEU A 83 -19.42 25.78 16.14
N GLN A 84 -19.25 25.69 17.47
CA GLN A 84 -20.29 24.99 18.25
C GLN A 84 -21.67 25.60 18.13
N GLN A 85 -21.82 26.80 17.56
CA GLN A 85 -23.14 27.37 17.42
C GLN A 85 -23.67 27.30 16.00
N LEU A 86 -23.08 26.47 15.14
CA LEU A 86 -23.39 26.43 13.73
C LEU A 86 -23.59 25.00 13.29
N PRO A 87 -24.19 24.79 12.12
CA PRO A 87 -24.17 23.45 11.50
C PRO A 87 -22.75 23.07 11.14
N LEU A 88 -22.40 21.81 11.31
CA LEU A 88 -21.03 21.38 11.03
C LEU A 88 -20.58 21.74 9.62
N GLU A 89 -21.51 21.83 8.67
CA GLU A 89 -21.17 22.22 7.31
C GLU A 89 -20.65 23.65 7.25
N ALA A 90 -20.87 24.44 8.29
CA ALA A 90 -20.31 25.76 8.27
C ALA A 90 -18.79 25.74 8.39
N ILE A 91 -18.18 24.58 8.65
CA ILE A 91 -16.74 24.57 8.88
C ILE A 91 -15.99 25.05 7.65
N VAL A 92 -16.54 24.82 6.45
CA VAL A 92 -15.83 25.27 5.25
C VAL A 92 -15.86 26.79 5.19
N HIS A 93 -16.86 27.40 5.84
CA HIS A 93 -16.97 28.86 5.91
C HIS A 93 -16.16 29.46 7.07
N MET A 94 -16.21 28.84 8.26
CA MET A 94 -15.28 29.17 9.33
C MET A 94 -13.84 29.14 8.87
N PHE A 95 -13.46 28.13 8.08
CA PHE A 95 -12.12 28.04 7.52
C PHE A 95 -11.82 29.22 6.60
N ASP A 96 -12.70 29.46 5.64
CA ASP A 96 -12.45 30.51 4.67
C ASP A 96 -12.43 31.87 5.33
N ALA A 97 -13.28 32.06 6.32
CA ALA A 97 -13.28 33.32 7.07
C ALA A 97 -12.03 33.48 7.93
N LEU A 98 -11.76 32.50 8.78
CA LEU A 98 -10.62 32.60 9.67
C LEU A 98 -9.31 32.75 8.93
N SER A 99 -9.22 32.29 7.68
CA SER A 99 -7.91 32.38 7.02
C SER A 99 -7.55 33.81 6.75
N ARG A 100 -8.55 34.71 6.75
CA ARG A 100 -8.35 36.14 6.51
C ARG A 100 -7.93 36.91 7.75
N LEU A 101 -7.69 36.22 8.84
CA LEU A 101 -6.89 36.70 9.95
C LEU A 101 -5.41 36.75 9.62
N HIS A 102 -5.00 36.32 8.42
CA HIS A 102 -3.56 36.13 8.11
C HIS A 102 -2.82 37.47 8.09
N ASP A 103 -3.26 38.45 7.28
CA ASP A 103 -2.40 39.64 7.36
C ASP A 103 -2.77 40.64 8.46
N PRO A 104 -3.95 40.58 9.10
CA PRO A 104 -4.05 41.29 10.38
C PRO A 104 -3.13 40.69 11.47
N LEU A 105 -2.86 39.39 11.44
CA LEU A 105 -1.85 38.83 12.33
C LEU A 105 -0.45 39.24 11.90
N VAL A 106 -0.18 39.26 10.58
CA VAL A 106 1.12 39.69 10.08
C VAL A 106 1.38 41.16 10.43
N ASP A 107 0.37 42.01 10.24
CA ASP A 107 0.45 43.40 10.67
C ASP A 107 0.86 43.54 12.14
N PHE A 108 0.22 42.77 13.03
CA PHE A 108 0.51 42.92 14.44
C PHE A 108 1.96 42.55 14.75
N LEU A 109 2.39 41.37 14.31
CA LEU A 109 3.73 40.88 14.59
C LEU A 109 4.80 41.81 13.99
N SER A 110 4.52 42.40 12.82
CA SER A 110 5.49 43.22 12.13
C SER A 110 5.65 44.61 12.75
N ARG A 111 4.73 45.01 13.62
CA ARG A 111 4.85 46.26 14.37
C ARG A 111 5.39 46.05 15.78
N GLN A 112 5.75 44.85 16.16
CA GLN A 112 6.28 44.59 17.49
C GLN A 112 7.80 44.68 17.46
N PRO A 113 8.41 45.12 18.55
CA PRO A 113 9.86 45.05 18.64
C PRO A 113 10.29 43.63 18.44
N PRO A 114 11.19 43.35 17.49
CA PRO A 114 11.41 41.96 17.10
C PRO A 114 11.81 41.07 18.24
N SER A 115 12.43 41.63 19.29
CA SER A 115 12.82 40.84 20.44
C SER A 115 11.61 40.21 21.12
N ASP A 116 10.46 40.91 21.17
CA ASP A 116 9.21 40.41 21.76
C ASP A 116 8.44 39.41 20.90
N LEU A 117 8.89 39.11 19.66
CA LEU A 117 8.18 38.15 18.85
C LEU A 117 8.26 36.79 19.50
N PRO A 118 7.31 35.91 19.22
CA PRO A 118 7.33 34.61 19.85
C PRO A 118 8.35 33.67 19.21
N ASP A 119 8.75 32.66 19.98
CA ASP A 119 9.71 31.66 19.56
C ASP A 119 9.04 30.45 18.90
N ALA A 120 7.79 30.19 19.25
CA ALA A 120 6.98 29.13 18.64
C ALA A 120 5.53 29.62 18.61
N ILE A 121 4.80 29.21 17.57
CA ILE A 121 3.35 29.39 17.48
C ILE A 121 2.70 28.03 17.73
N LEU A 122 1.69 27.97 18.57
CA LEU A 122 1.01 26.72 18.89
C LEU A 122 -0.41 26.85 18.40
N GLY A 123 -0.61 26.75 17.10
CA GLY A 123 -1.90 26.98 16.49
C GLY A 123 -2.65 25.70 16.18
N SER A 124 -3.95 25.82 16.04
CA SER A 124 -4.71 24.65 15.62
C SER A 124 -4.17 24.11 14.32
N SER A 125 -3.94 22.80 14.27
CA SER A 125 -3.64 22.12 13.01
C SER A 125 -4.66 22.48 11.90
N PHE A 126 -5.93 22.80 12.28
CA PHE A 126 -6.96 23.19 11.31
C PHE A 126 -6.67 24.51 10.64
N LEU A 127 -5.84 25.33 11.26
CA LEU A 127 -5.53 26.64 10.73
C LEU A 127 -4.14 26.70 10.14
N SER A 128 -3.41 25.58 10.16
CA SER A 128 -2.00 25.59 9.76
C SER A 128 -1.72 26.04 8.33
N PRO A 129 -2.64 25.93 7.36
CA PRO A 129 -2.35 26.47 6.03
C PRO A 129 -1.93 27.91 6.02
N TRP A 130 -2.57 28.78 6.82
CA TRP A 130 -2.12 30.17 6.89
C TRP A 130 -1.22 30.49 8.09
N ILE A 131 -1.39 29.77 9.22
CA ILE A 131 -0.53 29.95 10.40
C ILE A 131 0.91 29.60 10.06
N ASN A 132 1.14 28.55 9.27
CA ASN A 132 2.50 28.24 8.85
C ASN A 132 3.10 29.35 8.00
N LYS A 133 2.29 29.97 7.13
CA LYS A 133 2.78 31.08 6.31
C LYS A 133 3.21 32.27 7.18
N VAL A 134 2.40 32.62 8.18
CA VAL A 134 2.81 33.61 9.18
C VAL A 134 4.08 33.16 9.89
N ALA A 135 4.05 31.97 10.49
CA ALA A 135 5.20 31.46 11.22
C ALA A 135 6.44 31.53 10.34
N ASP A 136 6.26 31.28 9.05
CA ASP A 136 7.38 31.23 8.14
C ASP A 136 7.89 32.63 7.85
N ALA A 137 6.98 33.59 7.67
CA ALA A 137 7.39 34.97 7.43
C ALA A 137 8.32 35.51 8.54
N PHE A 138 8.04 35.17 9.79
CA PHE A 138 8.82 35.65 10.92
C PHE A 138 9.80 34.61 11.45
N SER A 139 10.08 33.58 10.65
CA SER A 139 11.04 32.56 11.01
C SER A 139 10.81 32.03 12.42
N ILE A 140 9.57 31.60 12.68
CA ILE A 140 9.12 31.05 13.96
C ILE A 140 8.68 29.59 13.70
N LYS A 141 9.03 28.67 14.62
CA LYS A 141 8.56 27.29 14.46
C LYS A 141 7.05 27.26 14.69
N SER A 142 6.33 26.56 13.80
CA SER A 142 4.89 26.38 13.95
C SER A 142 4.63 24.95 14.36
N ILE A 143 4.22 24.76 15.62
CA ILE A 143 3.79 23.47 16.13
C ILE A 143 2.27 23.39 16.05
N SER A 144 1.75 22.35 15.41
CA SER A 144 0.30 22.22 15.27
C SER A 144 -0.29 21.32 16.35
N PHE A 145 -1.57 21.53 16.60
CA PHE A 145 -2.30 20.87 17.66
C PHE A 145 -3.57 20.24 17.11
N LEU A 146 -3.92 19.05 17.63
CA LEU A 146 -5.21 18.35 17.31
C LEU A 146 -5.85 17.78 18.57
N PRO A 147 -7.18 17.80 18.68
CA PRO A 147 -7.84 17.19 19.84
C PRO A 147 -8.25 15.74 19.64
N ILE A 148 -7.72 15.08 18.60
CA ILE A 148 -7.98 13.70 18.24
C ILE A 148 -6.69 12.93 18.35
N ASN A 149 -6.81 11.61 18.40
CA ASN A 149 -5.70 10.70 18.65
C ASN A 149 -5.02 10.29 17.35
N ALA A 150 -3.85 9.67 17.49
CA ALA A 150 -3.06 9.29 16.33
C ALA A 150 -3.79 8.30 15.42
N HIS A 151 -4.58 7.38 15.98
CA HIS A 151 -5.34 6.46 15.14
C HIS A 151 -6.24 7.22 14.18
N SER A 152 -7.10 8.11 14.73
CA SER A 152 -7.99 8.90 13.87
C SER A 152 -7.20 9.68 12.84
N ILE A 153 -6.04 10.21 13.23
CA ILE A 153 -5.18 10.95 12.32
C ILE A 153 -4.68 10.06 11.21
N SER A 154 -4.31 8.81 11.55
CA SER A 154 -3.71 7.87 10.60
C SER A 154 -4.64 7.51 9.47
N VAL A 155 -5.89 7.27 9.80
CA VAL A 155 -6.89 6.98 8.78
C VAL A 155 -7.07 8.16 7.84
N MET A 156 -7.24 9.38 8.40
CA MET A 156 -7.60 10.55 7.59
C MET A 156 -6.45 10.91 6.65
N TRP A 157 -5.26 11.02 7.18
CA TRP A 157 -4.12 11.40 6.37
C TRP A 157 -3.83 10.38 5.29
N ALA A 158 -4.27 9.14 5.48
CA ALA A 158 -4.01 8.11 4.49
C ALA A 158 -4.94 8.16 3.29
N GLN A 159 -6.11 8.80 3.40
CA GLN A 159 -7.08 8.83 2.30
C GLN A 159 -6.52 9.50 1.05
N GLU A 160 -6.99 9.04 -0.12
CA GLU A 160 -6.56 9.63 -1.38
C GLU A 160 -7.23 10.98 -1.58
N ASP A 161 -8.56 11.01 -1.40
CA ASP A 161 -9.41 12.19 -1.57
C ASP A 161 -9.76 12.73 -0.20
N ARG A 162 -9.05 13.78 0.21
CA ARG A 162 -9.24 14.36 1.53
C ARG A 162 -9.99 15.68 1.51
N SER A 163 -9.65 16.60 0.59
CA SER A 163 -10.11 17.99 0.65
C SER A 163 -11.63 18.03 0.71
N PHE A 164 -12.16 19.08 1.33
CA PHE A 164 -11.48 20.31 1.72
C PHE A 164 -10.54 20.27 2.91
N PHE A 165 -10.37 19.10 3.49
CA PHE A 165 -9.36 18.97 4.52
C PHE A 165 -7.95 18.79 3.96
N ASN A 166 -7.77 18.80 2.63
CA ASN A 166 -6.45 18.45 2.08
C ASN A 166 -5.38 19.45 2.46
N ASP A 167 -5.70 20.75 2.39
CA ASP A 167 -4.69 21.77 2.64
C ASP A 167 -4.24 21.77 4.08
N LEU A 168 -5.17 21.61 5.02
CA LEU A 168 -4.82 21.63 6.43
C LEU A 168 -4.02 20.38 6.81
N GLU A 169 -4.25 19.25 6.12
CA GLU A 169 -3.47 18.04 6.35
C GLU A 169 -2.09 18.14 5.74
N THR A 170 -1.98 18.71 4.55
CA THR A 170 -0.68 18.94 3.97
C THR A 170 0.13 19.90 4.83
N ALA A 171 -0.51 20.95 5.33
CA ALA A 171 0.14 21.95 6.17
C ALA A 171 0.61 21.40 7.52
N THR A 172 -0.13 20.49 8.13
CA THR A 172 0.32 19.90 9.40
C THR A 172 1.58 19.03 9.23
N THR A 173 1.66 18.26 8.14
CA THR A 173 2.88 17.49 7.84
C THR A 173 4.11 18.38 7.74
N GLU A 174 3.97 19.52 7.07
CA GLU A 174 5.05 20.49 6.91
C GLU A 174 5.27 21.36 8.15
N SER A 175 4.50 21.16 9.22
CA SER A 175 4.73 21.87 10.45
C SER A 175 5.97 21.32 11.14
N TYR A 176 6.45 22.08 12.12
CA TYR A 176 7.58 21.64 12.92
C TYR A 176 7.25 20.37 13.69
N GLY A 177 5.99 20.21 14.08
CA GLY A 177 5.62 19.08 14.91
C GLY A 177 4.16 19.15 15.19
N LEU A 178 3.66 18.10 15.86
CA LEU A 178 2.23 17.97 16.16
C LEU A 178 2.03 17.59 17.63
N VAL A 179 1.08 18.25 18.29
CA VAL A 179 0.71 17.94 19.67
C VAL A 179 -0.72 17.38 19.67
N ILE A 180 -0.90 16.17 20.16
CA ILE A 180 -2.24 15.61 20.17
C ILE A 180 -2.61 15.21 21.60
N ASN A 181 -3.91 15.30 21.88
CA ASN A 181 -4.48 15.04 23.21
C ASN A 181 -4.77 13.55 23.32
N SER A 182 -3.71 12.77 23.50
CA SER A 182 -3.79 11.31 23.64
C SER A 182 -2.57 10.84 24.44
N PHE A 183 -2.65 9.67 25.03
CA PHE A 183 -1.48 9.11 25.69
C PHE A 183 -0.92 7.99 24.83
N TYR A 184 0.41 7.78 24.95
CA TYR A 184 1.15 6.95 23.99
C TYR A 184 0.76 5.47 24.07
N ASP A 185 0.43 4.98 25.27
CA ASP A 185 0.19 3.55 25.47
C ASP A 185 -1.22 3.11 25.10
N LEU A 186 -2.08 4.03 24.63
CA LEU A 186 -3.36 3.64 24.03
C LEU A 186 -3.15 3.12 22.63
N GLU A 187 -2.23 3.74 21.88
CA GLU A 187 -2.14 3.56 20.44
C GLU A 187 -0.70 3.71 20.01
N PRO A 188 0.17 2.79 20.42
CA PRO A 188 1.59 2.94 20.03
C PRO A 188 1.85 2.69 18.55
N GLU A 189 1.16 1.70 17.95
CA GLU A 189 1.32 1.43 16.52
C GLU A 189 1.01 2.65 15.70
N PHE A 190 0.01 3.44 16.11
CA PHE A 190 -0.48 4.56 15.30
C PHE A 190 0.29 5.86 15.55
N VAL A 191 0.78 6.08 16.76
CA VAL A 191 1.73 7.17 16.97
C VAL A 191 2.95 6.96 16.08
N GLU A 192 3.56 5.78 16.16
CA GLU A 192 4.78 5.54 15.41
C GLU A 192 4.58 5.67 13.92
N THR A 193 3.45 5.19 13.39
CA THR A 193 3.23 5.34 11.95
C THR A 193 2.98 6.79 11.58
N VAL A 194 2.11 7.48 12.34
CA VAL A 194 1.86 8.89 12.04
C VAL A 194 3.14 9.67 12.24
N LYS A 195 3.90 9.38 13.32
CA LYS A 195 5.20 10.04 13.51
C LYS A 195 6.12 9.79 12.34
N THR A 196 6.06 8.60 11.72
CA THR A 196 7.06 8.31 10.70
C THR A 196 6.67 8.81 9.31
N ARG A 197 5.51 8.42 8.77
CA ARG A 197 5.30 9.10 7.49
C ARG A 197 4.04 9.92 7.32
N PHE A 198 3.79 10.83 8.26
CA PHE A 198 2.76 11.87 8.09
C PHE A 198 3.20 13.16 8.75
N LEU A 199 4.41 13.21 9.27
CA LEU A 199 5.07 14.43 9.71
C LEU A 199 6.46 14.41 9.04
N ASN A 200 6.72 15.39 8.17
CA ASN A 200 8.00 15.41 7.45
C ASN A 200 9.18 15.33 8.41
N HIS A 201 9.17 16.13 9.48
CA HIS A 201 10.28 16.21 10.41
C HIS A 201 10.11 15.34 11.63
N HIS A 202 9.04 14.54 11.67
CA HIS A 202 8.88 13.39 12.58
C HIS A 202 8.83 13.81 14.05
N ARG A 203 8.10 14.89 14.36
CA ARG A 203 8.03 15.36 15.74
C ARG A 203 6.59 15.35 16.25
N ILE A 204 6.23 14.30 17.01
CA ILE A 204 4.90 14.15 17.61
C ILE A 204 4.98 14.23 19.13
N TRP A 205 4.01 14.88 19.71
CA TRP A 205 3.94 15.10 21.14
C TRP A 205 2.59 14.56 21.61
N THR A 206 2.56 13.39 22.23
CA THR A 206 1.35 12.94 22.92
C THR A 206 1.42 13.52 24.34
N VAL A 207 0.41 14.32 24.71
CA VAL A 207 0.46 15.11 25.93
C VAL A 207 -0.76 14.85 26.79
N GLY A 208 -1.59 13.89 26.40
CA GLY A 208 -2.91 13.76 26.99
C GLY A 208 -3.01 12.69 28.05
N PRO A 209 -4.19 12.57 28.68
CA PRO A 209 -5.35 13.44 28.58
C PRO A 209 -5.15 14.75 29.30
N LEU A 210 -5.36 15.87 28.64
CA LEU A 210 -5.34 17.14 29.35
C LEU A 210 -6.61 17.24 30.21
N LEU A 211 -6.42 17.51 31.59
CA LEU A 211 -7.40 17.63 32.67
C LEU A 211 -7.71 19.10 32.95
N PRO A 212 -8.91 19.45 33.43
CA PRO A 212 -9.24 20.88 33.52
C PRO A 212 -8.49 21.58 34.64
N PHE A 213 -8.49 22.92 34.57
CA PHE A 213 -7.94 23.82 35.59
C PHE A 213 -9.07 24.57 36.33
N ASP A 218 -15.24 25.53 35.39
CA ASP A 218 -16.31 26.12 34.57
C ASP A 218 -15.90 26.09 33.08
N ARG A 219 -15.62 24.89 32.58
CA ARG A 219 -14.80 24.72 31.39
C ARG A 219 -15.64 24.51 30.14
N GLY A 220 -15.12 25.03 29.01
CA GLY A 220 -15.78 24.96 27.73
C GLY A 220 -16.83 26.02 27.50
N GLY A 221 -17.29 26.66 28.55
CA GLY A 221 -18.41 27.58 28.54
C GLY A 221 -19.04 27.64 29.91
N GLN A 222 -19.75 28.73 30.16
CA GLN A 222 -20.43 28.87 31.43
C GLN A 222 -21.70 28.05 31.38
N SER A 223 -21.86 27.12 32.33
CA SER A 223 -22.96 26.17 32.26
C SER A 223 -24.32 26.83 32.43
N SER A 224 -25.31 26.32 31.69
CA SER A 224 -26.65 26.90 31.71
C SER A 224 -27.47 26.48 32.92
N ILE A 225 -26.91 25.70 33.84
CA ILE A 225 -27.50 25.47 35.16
C ILE A 225 -26.36 25.48 36.18
N PRO A 226 -26.51 26.17 37.33
CA PRO A 226 -25.39 26.33 38.26
C PRO A 226 -24.77 25.00 38.65
N PRO A 227 -23.47 24.80 38.39
CA PRO A 227 -22.86 23.52 38.76
C PRO A 227 -22.90 23.21 40.25
N ALA A 228 -23.05 24.21 41.13
CA ALA A 228 -23.33 23.88 42.52
C ALA A 228 -24.62 23.07 42.66
N LYS A 229 -25.68 23.46 41.92
CA LYS A 229 -26.97 22.80 42.07
C LYS A 229 -27.00 21.39 41.49
N VAL A 230 -26.24 21.09 40.41
CA VAL A 230 -26.31 19.75 39.84
C VAL A 230 -25.61 18.76 40.77
N SER A 231 -24.58 19.21 41.51
CA SER A 231 -23.97 18.33 42.49
C SER A 231 -24.92 18.01 43.63
N ALA A 232 -25.74 18.99 44.05
CA ALA A 232 -26.68 18.74 45.13
C ALA A 232 -27.79 17.77 44.69
N TRP A 233 -28.06 17.71 43.40
CA TRP A 233 -28.92 16.67 42.85
C TRP A 233 -28.21 15.33 42.88
N LEU A 234 -26.93 15.32 42.50
CA LEU A 234 -26.16 14.07 42.41
C LEU A 234 -25.80 13.52 43.79
N ASP A 235 -25.42 14.40 44.72
CA ASP A 235 -25.27 14.04 46.12
C ASP A 235 -26.27 14.86 46.88
N SER A 236 -27.23 14.19 47.53
CA SER A 236 -27.28 12.73 47.48
C SER A 236 -28.24 12.25 46.40
N CYS A 237 -27.69 11.58 45.40
CA CYS A 237 -28.50 10.55 44.75
C CYS A 237 -28.33 9.24 45.50
N PRO A 238 -29.43 8.57 45.87
CA PRO A 238 -29.34 7.41 46.78
C PRO A 238 -28.20 6.43 46.52
N GLU A 239 -27.95 6.14 45.25
CA GLU A 239 -27.21 4.97 44.82
C GLU A 239 -26.03 5.39 43.94
N ASP A 240 -24.82 4.98 44.35
CA ASP A 240 -23.62 5.13 43.53
C ASP A 240 -23.72 4.29 42.27
N ASN A 241 -22.96 4.71 41.25
CA ASN A 241 -22.92 4.03 39.95
C ASN A 241 -24.33 3.73 39.43
N SER A 242 -25.25 4.69 39.62
CA SER A 242 -26.65 4.51 39.26
C SER A 242 -27.18 5.53 38.27
N VAL A 243 -26.49 6.65 38.08
CA VAL A 243 -26.98 7.73 37.22
C VAL A 243 -26.32 7.56 35.87
N VAL A 244 -27.08 7.86 34.82
CA VAL A 244 -26.62 7.70 33.44
C VAL A 244 -26.50 9.09 32.84
N TYR A 245 -25.28 9.47 32.42
CA TYR A 245 -25.10 10.74 31.76
C TYR A 245 -25.36 10.59 30.27
N VAL A 246 -26.13 11.51 29.70
CA VAL A 246 -26.43 11.53 28.25
C VAL A 246 -25.99 12.88 27.72
N GLY A 247 -24.98 12.87 26.86
CA GLY A 247 -24.48 14.09 26.26
C GLY A 247 -23.74 13.81 24.98
N PHE A 248 -24.21 14.36 23.86
CA PHE A 248 -23.57 14.13 22.57
C PHE A 248 -22.60 15.25 22.20
N GLY A 249 -22.06 15.96 23.21
CA GLY A 249 -21.01 16.89 22.95
C GLY A 249 -21.50 18.27 22.50
N SER A 250 -20.58 18.98 21.86
CA SER A 250 -20.81 20.36 21.42
C SER A 250 -21.52 20.47 20.09
N GLN A 251 -21.29 19.54 19.17
CA GLN A 251 -21.66 19.79 17.79
C GLN A 251 -22.99 19.21 17.38
N ILE A 252 -23.46 18.18 18.06
CA ILE A 252 -24.57 17.39 17.58
C ILE A 252 -25.85 17.94 18.18
N ARG A 253 -26.90 17.96 17.36
CA ARG A 253 -28.23 18.35 17.78
C ARG A 253 -29.19 17.31 17.21
N LEU A 254 -29.78 16.50 18.08
CA LEU A 254 -30.63 15.43 17.61
C LEU A 254 -31.96 15.95 17.06
N THR A 255 -32.58 15.15 16.19
CA THR A 255 -33.85 15.53 15.60
C THR A 255 -34.94 15.39 16.64
N ALA A 256 -36.11 15.93 16.31
CA ALA A 256 -37.26 15.62 17.15
C ALA A 256 -37.48 14.11 17.22
N GLU A 257 -37.38 13.45 16.07
CA GLU A 257 -37.71 12.03 16.06
C GLU A 257 -36.82 11.22 16.99
N GLN A 258 -35.49 11.39 16.88
CA GLN A 258 -34.61 10.58 17.72
C GLN A 258 -34.74 10.99 19.20
N THR A 259 -34.86 12.30 19.45
CA THR A 259 -34.96 12.75 20.83
C THR A 259 -36.17 12.15 21.53
N ALA A 260 -37.25 11.92 20.79
CA ALA A 260 -38.40 11.26 21.39
C ALA A 260 -38.08 9.80 21.67
N ALA A 261 -37.38 9.12 20.75
CA ALA A 261 -37.08 7.72 20.96
C ALA A 261 -36.06 7.54 22.08
N LEU A 262 -35.08 8.44 22.16
CA LEU A 262 -34.13 8.35 23.26
C LEU A 262 -34.81 8.66 24.59
N ALA A 263 -35.71 9.65 24.61
CA ALA A 263 -36.45 9.98 25.82
C ALA A 263 -37.36 8.84 26.27
N ALA A 264 -37.86 8.04 25.33
CA ALA A 264 -38.67 6.88 25.71
C ALA A 264 -37.82 5.82 26.41
N ALA A 265 -36.57 5.65 25.96
CA ALA A 265 -35.66 4.70 26.58
C ALA A 265 -35.27 5.10 27.99
N LEU A 266 -35.03 6.41 28.21
CA LEU A 266 -34.68 6.89 29.55
C LEU A 266 -35.86 6.81 30.50
N GLU A 267 -37.09 6.87 29.99
CA GLU A 267 -38.25 6.68 30.84
C GLU A 267 -38.53 5.20 31.04
N LYS A 268 -38.38 4.40 29.98
CA LYS A 268 -38.62 2.96 30.11
C LYS A 268 -37.59 2.28 31.00
N SER A 269 -36.29 2.61 30.86
CA SER A 269 -35.36 2.17 31.89
C SER A 269 -35.60 3.12 33.06
N SER A 270 -35.91 2.59 34.25
CA SER A 270 -36.21 3.54 35.31
C SER A 270 -34.94 3.92 36.05
N VAL A 271 -33.94 4.27 35.26
CA VAL A 271 -32.64 4.69 35.75
C VAL A 271 -32.71 6.19 35.93
N ARG A 272 -31.90 6.69 36.85
CA ARG A 272 -31.71 8.11 36.97
C ARG A 272 -30.73 8.55 35.90
N PHE A 273 -30.83 9.82 35.51
CA PHE A 273 -30.05 10.29 34.38
C PHE A 273 -30.07 11.80 34.33
N ILE A 274 -29.06 12.36 33.66
CA ILE A 274 -28.99 13.77 33.30
C ILE A 274 -28.79 13.84 31.79
N TRP A 275 -29.62 14.61 31.10
CA TRP A 275 -29.63 14.57 29.64
C TRP A 275 -29.30 15.93 29.07
N ALA A 276 -28.17 16.03 28.37
CA ALA A 276 -27.69 17.27 27.80
C ALA A 276 -28.25 17.48 26.40
N VAL A 277 -28.85 18.66 26.16
CA VAL A 277 -29.47 19.02 24.89
C VAL A 277 -28.94 20.37 24.45
N ARG A 278 -28.49 20.45 23.19
CA ARG A 278 -27.91 21.65 22.59
C ARG A 278 -28.95 22.45 21.75
N ASP A 279 -28.45 23.46 20.97
CA ASP A 279 -29.23 24.41 20.16
C ASP A 279 -28.61 24.51 18.75
N ALA A 280 -29.15 25.38 17.86
CA ALA A 280 -28.48 25.63 16.55
C ALA A 280 -28.82 27.00 15.97
N ALA A 281 -27.86 27.66 15.30
CA ALA A 281 -28.03 29.04 14.82
C ALA A 281 -27.80 29.17 13.31
N LYS A 282 -28.62 30.01 12.69
CA LYS A 282 -28.73 30.04 11.23
C LYS A 282 -28.77 31.47 10.70
N LYS A 283 -28.70 31.57 9.38
CA LYS A 283 -28.92 32.83 8.67
C LYS A 283 -27.81 33.85 8.95
N ALA A 298 -38.73 23.95 20.68
CA ALA A 298 -38.69 22.96 21.76
C ALA A 298 -37.99 21.69 21.28
N GLY A 299 -38.77 20.71 20.83
CA GLY A 299 -38.21 19.50 20.24
C GLY A 299 -37.78 18.43 21.23
N PHE A 300 -37.63 18.77 22.50
CA PHE A 300 -37.42 17.81 23.59
C PHE A 300 -38.72 17.51 24.32
N GLU A 301 -39.84 17.50 23.61
CA GLU A 301 -41.17 17.35 24.20
C GLU A 301 -41.39 15.92 24.65
N GLU A 302 -42.22 15.73 25.69
CA GLU A 302 -43.00 16.74 26.41
C GLU A 302 -43.26 16.34 27.89
N ARG A 303 -42.21 16.44 28.71
CA ARG A 303 -42.36 16.03 30.11
C ARG A 303 -41.14 16.40 30.95
N VAL A 304 -41.43 16.76 32.19
CA VAL A 304 -40.80 16.05 33.29
C VAL A 304 -42.00 15.53 34.16
N LYS A 305 -42.46 14.35 33.75
CA LYS A 305 -43.21 13.48 34.64
C LYS A 305 -42.26 12.73 35.55
N GLU A 306 -41.00 13.19 35.58
CA GLU A 306 -39.92 12.64 36.38
C GLU A 306 -39.31 13.69 37.28
N LYS A 307 -39.02 13.28 38.50
CA LYS A 307 -37.90 13.81 39.27
C LYS A 307 -36.98 12.61 39.49
N GLY A 308 -36.47 12.08 38.38
CA GLY A 308 -35.30 11.23 38.33
C GLY A 308 -34.38 11.68 37.21
N LEU A 309 -34.44 12.98 36.85
CA LEU A 309 -33.75 13.52 35.67
C LEU A 309 -33.51 15.04 35.79
N VAL A 310 -32.80 15.57 34.76
CA VAL A 310 -32.60 17.00 34.51
C VAL A 310 -32.08 17.21 33.09
N ILE A 311 -32.36 18.38 32.47
CA ILE A 311 -32.21 18.66 31.04
C ILE A 311 -31.54 20.03 30.85
N ARG A 312 -31.11 20.36 29.61
CA ARG A 312 -30.23 21.52 29.30
C ARG A 312 -30.75 22.28 28.04
N GLY A 313 -29.95 23.20 27.42
CA GLY A 313 -28.82 23.93 27.95
C GLY A 313 -27.40 23.80 27.37
N TRP A 314 -26.41 23.82 28.29
CA TRP A 314 -25.01 23.39 28.14
C TRP A 314 -24.51 23.00 29.54
N ALA A 315 -23.97 21.76 29.70
CA ALA A 315 -23.84 21.06 30.98
C ALA A 315 -22.40 21.04 31.53
N PRO A 316 -22.22 20.77 32.84
CA PRO A 316 -20.87 20.56 33.36
C PRO A 316 -20.44 19.11 33.30
N GLN A 317 -19.84 18.68 32.17
CA GLN A 317 -19.59 17.26 31.94
C GLN A 317 -18.58 16.68 32.93
N THR A 318 -17.40 17.30 33.06
CA THR A 318 -16.39 16.68 33.90
C THR A 318 -16.87 16.53 35.34
N MET A 319 -17.69 17.45 35.85
CA MET A 319 -18.19 17.31 37.25
C MET A 319 -19.14 16.13 37.38
N ILE A 320 -19.99 15.93 36.38
CA ILE A 320 -20.89 14.78 36.36
C ILE A 320 -20.09 13.48 36.19
N LEU A 321 -19.21 13.42 35.19
CA LEU A 321 -18.59 12.13 34.90
C LEU A 321 -17.65 11.70 36.01
N GLU A 322 -16.99 12.67 36.66
CA GLU A 322 -16.09 12.38 37.76
C GLU A 322 -16.85 12.02 39.04
N HIS A 323 -18.11 12.47 39.17
CA HIS A 323 -18.94 12.24 40.36
C HIS A 323 -19.09 10.74 40.59
N ARG A 324 -19.12 10.33 41.87
CA ARG A 324 -19.23 8.90 42.14
C ARG A 324 -20.61 8.35 41.82
N ALA A 325 -21.65 9.18 41.93
CA ALA A 325 -23.01 8.71 41.71
C ALA A 325 -23.30 8.37 40.24
N VAL A 326 -22.44 8.79 39.32
CA VAL A 326 -22.66 8.61 37.88
C VAL A 326 -21.74 7.51 37.39
N GLY A 327 -22.32 6.51 36.73
CA GLY A 327 -21.54 5.36 36.29
C GLY A 327 -21.77 4.94 34.86
N SER A 328 -22.50 5.73 34.10
CA SER A 328 -22.66 5.43 32.69
C SER A 328 -22.67 6.73 31.90
N TYR A 329 -22.36 6.60 30.62
CA TYR A 329 -22.30 7.76 29.76
C TYR A 329 -22.72 7.34 28.36
N LEU A 330 -23.86 7.83 27.90
CA LEU A 330 -24.31 7.64 26.53
C LEU A 330 -23.76 8.79 25.72
N THR A 331 -22.77 8.52 24.88
CA THR A 331 -21.93 9.57 24.31
C THR A 331 -21.83 9.43 22.79
N HIS A 332 -21.54 10.55 22.14
CA HIS A 332 -21.16 10.62 20.73
C HIS A 332 -19.79 10.00 20.47
N LEU A 333 -19.04 9.71 21.53
CA LEU A 333 -17.70 9.13 21.44
C LEU A 333 -16.76 10.08 20.68
N GLY A 334 -16.96 11.36 20.89
CA GLY A 334 -15.94 12.32 20.48
C GLY A 334 -14.70 12.14 21.33
N TRP A 335 -13.53 12.52 20.77
CA TRP A 335 -12.32 12.09 21.44
C TRP A 335 -12.12 12.77 22.78
N GLY A 336 -12.53 14.02 22.92
CA GLY A 336 -12.40 14.66 24.22
C GLY A 336 -13.24 13.98 25.27
N SER A 337 -14.51 13.69 24.90
CA SER A 337 -15.51 13.16 25.80
C SER A 337 -15.22 11.72 26.21
N VAL A 338 -14.50 10.95 25.38
CA VAL A 338 -14.07 9.62 25.80
C VAL A 338 -13.06 9.73 26.93
N LEU A 339 -12.12 10.67 26.81
CA LEU A 339 -11.10 10.82 27.84
C LEU A 339 -11.72 11.32 29.15
N GLU A 340 -12.70 12.24 29.07
CA GLU A 340 -13.36 12.67 30.31
C GLU A 340 -14.15 11.54 30.95
N GLY A 341 -14.86 10.74 30.14
CA GLY A 341 -15.59 9.60 30.68
C GLY A 341 -14.68 8.47 31.14
N MET A 342 -13.47 8.39 30.57
CA MET A 342 -12.54 7.40 31.04
C MET A 342 -11.91 7.88 32.33
N VAL A 343 -11.58 9.17 32.43
CA VAL A 343 -11.04 9.69 33.68
C VAL A 343 -12.12 9.68 34.76
N GLY A 344 -13.39 9.80 34.38
CA GLY A 344 -14.44 9.67 35.35
C GLY A 344 -14.74 8.23 35.77
N GLY A 345 -14.21 7.26 35.03
CA GLY A 345 -14.44 5.87 35.36
C GLY A 345 -15.89 5.48 35.19
N VAL A 346 -16.42 5.66 33.97
CA VAL A 346 -17.80 5.33 33.67
C VAL A 346 -17.84 4.46 32.43
N MET A 347 -18.85 3.61 32.37
CA MET A 347 -19.08 2.80 31.19
C MET A 347 -19.44 3.71 30.03
N LEU A 348 -18.85 3.45 28.87
CA LEU A 348 -19.08 4.26 27.68
C LEU A 348 -20.03 3.54 26.75
N LEU A 349 -21.19 4.11 26.51
CA LEU A 349 -22.12 3.59 25.53
C LEU A 349 -22.04 4.49 24.30
N ALA A 350 -21.56 3.92 23.18
CA ALA A 350 -21.13 4.70 22.02
C ALA A 350 -22.22 4.75 20.97
N TRP A 351 -22.43 5.95 20.40
CA TRP A 351 -23.36 6.18 19.30
C TRP A 351 -22.72 7.18 18.37
N PRO A 352 -21.77 6.74 17.54
CA PRO A 352 -20.98 7.69 16.75
C PRO A 352 -21.82 8.31 15.67
N MET A 353 -21.47 9.54 15.28
CA MET A 353 -22.35 10.26 14.35
C MET A 353 -21.62 10.99 13.23
N GLN A 354 -20.39 11.46 13.42
CA GLN A 354 -19.76 12.38 12.48
C GLN A 354 -18.31 12.51 12.90
N ALA A 355 -17.55 13.24 12.09
CA ALA A 355 -16.15 13.62 12.40
C ALA A 355 -15.38 12.34 12.65
N ASP A 356 -14.65 12.23 13.77
CA ASP A 356 -13.80 11.11 14.08
C ASP A 356 -14.53 10.00 14.82
N HIS A 357 -15.81 10.21 15.17
CA HIS A 357 -16.53 9.32 16.08
C HIS A 357 -16.47 7.87 15.66
N PHE A 358 -16.36 7.60 14.36
CA PHE A 358 -16.29 6.21 13.94
C PHE A 358 -14.88 5.65 14.08
N PHE A 359 -13.87 6.45 13.71
CA PHE A 359 -12.54 6.09 14.13
C PHE A 359 -12.62 5.77 15.59
N ASN A 360 -13.51 6.45 16.36
CA ASN A 360 -12.99 6.20 17.68
C ASN A 360 -13.78 4.98 18.18
N THR A 361 -14.89 4.64 17.48
CA THR A 361 -15.58 3.41 17.74
C THR A 361 -14.73 2.20 17.36
N THR A 362 -14.03 2.26 16.21
CA THR A 362 -13.14 1.13 15.82
C THR A 362 -12.03 0.91 16.84
N LEU A 363 -11.48 2.00 17.38
CA LEU A 363 -10.39 1.93 18.36
C LEU A 363 -10.87 1.47 19.73
N ILE A 364 -11.96 2.05 20.21
CA ILE A 364 -12.40 1.90 21.59
C ILE A 364 -13.46 0.81 21.73
N VAL A 365 -14.39 0.71 20.79
CA VAL A 365 -15.36 -0.38 20.88
C VAL A 365 -14.79 -1.67 20.29
N ASP A 366 -14.09 -1.60 19.15
CA ASP A 366 -13.61 -2.82 18.48
C ASP A 366 -12.23 -3.30 18.95
N LYS A 367 -11.16 -2.61 18.51
CA LYS A 367 -9.81 -3.13 18.81
C LYS A 367 -9.61 -3.34 20.31
N LEU A 368 -9.96 -2.34 21.12
CA LEU A 368 -9.65 -2.36 22.54
C LEU A 368 -10.78 -2.89 23.41
N ARG A 369 -12.01 -2.88 22.91
CA ARG A 369 -13.17 -3.45 23.59
C ARG A 369 -13.35 -2.81 24.98
N ALA A 370 -13.61 -1.50 24.99
CA ALA A 370 -13.72 -0.72 26.22
C ALA A 370 -14.98 0.14 26.24
N ALA A 371 -15.94 -0.14 25.38
CA ALA A 371 -17.18 0.61 25.27
C ALA A 371 -18.11 -0.24 24.43
N VAL A 372 -19.41 -0.05 24.57
CA VAL A 372 -20.36 -0.83 23.78
C VAL A 372 -21.04 0.11 22.80
N ARG A 373 -21.17 -0.32 21.57
CA ARG A 373 -21.87 0.47 20.58
C ARG A 373 -23.35 0.22 20.81
N VAL A 374 -24.12 1.27 21.09
CA VAL A 374 -25.54 1.17 21.35
C VAL A 374 -26.33 2.06 20.40
N GLY A 375 -25.68 2.43 19.29
CA GLY A 375 -26.30 3.23 18.25
C GLY A 375 -25.45 3.15 17.00
N GLU A 376 -26.08 3.35 15.85
CA GLU A 376 -25.42 3.00 14.60
C GLU A 376 -24.91 4.22 13.83
N ASN A 377 -25.81 5.03 13.31
CA ASN A 377 -25.49 6.13 12.41
C ASN A 377 -25.92 7.45 13.05
N ARG A 378 -25.53 8.57 12.42
CA ARG A 378 -25.99 9.86 12.93
C ARG A 378 -27.50 9.94 12.82
N ASP A 379 -28.07 9.24 11.84
CA ASP A 379 -29.50 9.27 11.62
C ASP A 379 -30.16 7.98 12.11
N SER A 380 -29.39 7.11 12.76
CA SER A 380 -29.94 6.00 13.50
C SER A 380 -30.98 6.51 14.50
N VAL A 381 -31.97 5.67 14.78
CA VAL A 381 -33.06 5.95 15.73
C VAL A 381 -33.21 4.74 16.65
N PRO A 382 -32.84 4.85 17.92
CA PRO A 382 -32.78 3.66 18.78
C PRO A 382 -34.12 2.97 18.90
N ASP A 383 -34.08 1.66 19.11
CA ASP A 383 -35.29 0.94 19.54
C ASP A 383 -35.52 1.25 21.02
N SER A 384 -36.66 1.86 21.32
CA SER A 384 -36.81 2.49 22.63
C SER A 384 -36.84 1.44 23.72
N ASP A 385 -37.25 0.21 23.37
CA ASP A 385 -37.21 -0.92 24.29
C ASP A 385 -35.81 -1.53 24.38
N LYS A 386 -35.19 -1.83 23.24
CA LYS A 386 -33.84 -2.36 23.26
C LYS A 386 -32.92 -1.42 24.03
N LEU A 387 -32.98 -0.12 23.74
CA LEU A 387 -32.08 0.81 24.40
C LEU A 387 -32.36 0.92 25.89
N ALA A 388 -33.61 0.66 26.32
CA ALA A 388 -33.95 0.79 27.75
C ALA A 388 -33.37 -0.34 28.59
N ARG A 389 -33.20 -1.55 28.02
CA ARG A 389 -32.58 -2.60 28.82
C ARG A 389 -31.10 -2.31 28.99
N ILE A 390 -30.44 -1.84 27.92
CA ILE A 390 -29.01 -1.57 27.87
C ILE A 390 -28.65 -0.41 28.81
N LEU A 391 -29.55 0.55 29.00
CA LEU A 391 -29.30 1.64 29.93
C LEU A 391 -29.31 1.18 31.37
N ALA A 392 -30.31 0.38 31.74
CA ALA A 392 -30.37 -0.13 33.11
C ALA A 392 -29.20 -1.06 33.42
N GLU A 393 -28.77 -1.86 32.45
CA GLU A 393 -27.65 -2.74 32.74
C GLU A 393 -26.33 -1.97 32.90
N SER A 394 -26.17 -0.82 32.25
CA SER A 394 -24.89 -0.10 32.33
C SER A 394 -24.57 0.38 33.73
N ALA A 395 -25.60 0.66 34.52
CA ALA A 395 -25.46 0.81 35.97
C ALA A 395 -25.13 -0.53 36.66
N ARG A 396 -23.97 -1.12 36.32
CA ARG A 396 -23.46 -2.37 36.91
C ARG A 396 -21.94 -2.27 36.93
N GLU A 397 -21.34 -2.54 38.11
CA GLU A 397 -19.92 -2.27 38.28
C GLU A 397 -19.07 -3.30 37.55
N ASP A 398 -19.50 -4.57 37.57
CA ASP A 398 -18.77 -5.73 37.04
C ASP A 398 -18.68 -5.78 35.51
N LEU A 399 -19.25 -4.84 34.74
CA LEU A 399 -19.30 -5.04 33.30
C LEU A 399 -17.88 -5.14 32.75
N PRO A 400 -17.63 -6.05 31.79
CA PRO A 400 -16.24 -6.28 31.37
C PRO A 400 -15.67 -5.13 30.57
N GLU A 401 -16.50 -4.43 29.78
CA GLU A 401 -16.03 -3.28 29.05
C GLU A 401 -15.69 -2.11 29.96
N ARG A 402 -16.23 -2.06 31.19
CA ARG A 402 -15.80 -1.02 32.13
C ARG A 402 -14.45 -1.36 32.76
N VAL A 403 -14.20 -2.65 33.02
CA VAL A 403 -12.91 -3.03 33.59
C VAL A 403 -11.80 -2.90 32.55
N THR A 404 -12.09 -3.17 31.27
CA THR A 404 -11.09 -2.91 30.23
C THR A 404 -10.84 -1.42 30.07
N LEU A 405 -11.91 -0.60 30.07
CA LEU A 405 -11.75 0.85 30.06
C LEU A 405 -10.92 1.33 31.23
N MET A 406 -11.18 0.80 32.43
CA MET A 406 -10.48 1.32 33.60
C MET A 406 -9.02 0.88 33.59
N LYS A 407 -8.71 -0.25 32.97
CA LYS A 407 -7.32 -0.61 32.78
C LYS A 407 -6.65 0.34 31.77
N LEU A 408 -7.42 1.07 30.98
CA LEU A 408 -6.82 2.13 30.20
C LEU A 408 -6.67 3.39 31.04
N ARG A 409 -7.68 3.67 31.88
CA ARG A 409 -7.55 4.78 32.84
C ARG A 409 -6.27 4.62 33.63
N GLU A 410 -5.88 3.38 33.92
CA GLU A 410 -4.65 3.15 34.67
C GLU A 410 -3.42 3.54 33.84
N LYS A 411 -3.39 3.15 32.55
CA LYS A 411 -2.25 3.53 31.73
C LYS A 411 -2.21 5.05 31.50
N ALA A 412 -3.39 5.66 31.36
CA ALA A 412 -3.50 7.09 31.12
C ALA A 412 -3.09 7.94 32.33
N MET A 413 -3.37 7.47 33.55
CA MET A 413 -2.94 8.24 34.73
C MET A 413 -1.43 8.20 34.95
N GLU A 414 -0.78 7.07 34.64
CA GLU A 414 0.67 7.08 34.80
C GLU A 414 1.32 7.92 33.73
N ALA A 415 0.68 8.03 32.56
CA ALA A 415 1.21 8.84 31.46
C ALA A 415 1.11 10.33 31.75
N ILE A 416 0.07 10.78 32.43
CA ILE A 416 -0.15 12.24 32.55
C ILE A 416 0.79 12.86 33.56
N LYS A 417 0.96 12.22 34.70
CA LYS A 417 1.86 12.78 35.72
C LYS A 417 2.32 11.62 36.59
N GLU A 418 3.53 11.72 37.15
CA GLU A 418 4.63 12.59 36.77
C GLU A 418 5.80 11.64 36.40
N GLY A 419 6.46 11.85 35.27
CA GLY A 419 7.41 10.89 34.76
C GLY A 419 6.85 9.98 33.69
N GLY A 420 5.58 10.16 33.33
CA GLY A 420 4.96 9.36 32.31
C GLY A 420 5.18 9.94 30.92
N SER A 421 4.62 9.25 29.93
CA SER A 421 4.80 9.67 28.55
C SER A 421 4.46 11.13 28.38
N SER A 422 3.36 11.58 29.00
CA SER A 422 2.85 12.91 28.72
C SER A 422 3.45 14.00 29.59
N TYR A 423 3.77 13.71 30.85
CA TYR A 423 4.53 14.70 31.60
C TYR A 423 5.85 14.96 30.90
N LYS A 424 6.51 13.91 30.44
CA LYS A 424 7.75 14.05 29.70
C LYS A 424 7.52 14.72 28.33
N ASN A 425 6.44 14.38 27.62
CA ASN A 425 6.23 15.07 26.36
C ASN A 425 6.00 16.54 26.59
N LEU A 426 5.21 16.88 27.61
CA LEU A 426 4.96 18.28 27.92
C LEU A 426 6.22 18.96 28.44
N ASP A 427 7.09 18.24 29.13
CA ASP A 427 8.36 18.86 29.44
C ASP A 427 9.19 19.02 28.18
N GLU A 428 9.30 17.96 27.38
CA GLU A 428 10.08 18.04 26.14
C GLU A 428 9.50 19.06 25.17
N LEU A 429 8.19 19.19 25.10
CA LEU A 429 7.61 20.18 24.22
C LEU A 429 8.05 21.59 24.62
N VAL A 430 7.85 21.94 25.91
CA VAL A 430 8.18 23.28 26.39
C VAL A 430 9.66 23.58 26.20
N ALA A 431 10.52 22.59 26.45
CA ALA A 431 11.94 22.82 26.21
C ALA A 431 12.20 23.09 24.74
N GLU A 432 11.68 22.24 23.85
CA GLU A 432 11.96 22.32 22.42
C GLU A 432 11.55 23.66 21.85
N MET A 433 10.48 24.26 22.37
CA MET A 433 9.96 25.50 21.80
C MET A 433 10.98 26.61 21.89
N CYS A 434 12.01 26.42 22.71
CA CYS A 434 13.02 27.44 22.95
C CYS A 434 14.08 27.45 21.87
N LEU A 435 14.36 26.33 21.23
CA LEU A 435 15.42 26.28 20.23
C LEU A 435 15.22 27.22 19.01
N LYS B 8 35.78 -13.26 -39.76
CA LYS B 8 37.18 -12.97 -39.41
C LYS B 8 37.71 -13.42 -38.01
N PRO B 9 36.85 -13.52 -36.94
CA PRO B 9 37.38 -14.01 -35.64
C PRO B 9 37.06 -15.45 -35.27
N HIS B 10 38.00 -16.15 -34.61
CA HIS B 10 37.73 -17.47 -34.04
C HIS B 10 37.23 -17.29 -32.62
N VAL B 11 36.02 -17.78 -32.33
CA VAL B 11 35.32 -17.47 -31.08
C VAL B 11 35.19 -18.74 -30.25
N LEU B 12 35.64 -18.70 -29.00
CA LEU B 12 35.36 -19.80 -28.05
C LEU B 12 34.09 -19.52 -27.30
N VAL B 13 33.13 -20.41 -27.44
CA VAL B 13 31.77 -20.29 -26.90
C VAL B 13 31.61 -21.28 -25.76
N ILE B 14 31.29 -20.79 -24.59
CA ILE B 14 31.08 -21.66 -23.44
C ILE B 14 29.69 -21.37 -22.90
N PRO B 15 28.67 -22.10 -23.31
CA PRO B 15 27.32 -21.86 -22.77
C PRO B 15 27.09 -22.52 -21.43
N PHE B 16 26.18 -21.92 -20.68
CA PHE B 16 25.75 -22.45 -19.38
C PHE B 16 24.80 -23.60 -19.65
N PRO B 17 25.03 -24.76 -19.05
CA PRO B 17 24.37 -25.98 -19.53
C PRO B 17 22.85 -25.97 -19.41
N GLN B 18 22.25 -24.96 -18.78
CA GLN B 18 20.80 -24.89 -18.61
C GLN B 18 20.10 -24.39 -19.88
N SER B 19 18.87 -24.87 -20.11
CA SER B 19 18.22 -24.66 -21.41
C SER B 19 18.00 -23.19 -21.70
N GLY B 20 17.41 -22.46 -20.75
CA GLY B 20 17.05 -21.07 -20.98
C GLY B 20 18.23 -20.23 -21.38
N HIS B 21 19.43 -20.66 -21.00
CA HIS B 21 20.69 -20.02 -21.32
C HIS B 21 21.28 -20.56 -22.61
N MET B 22 21.34 -21.89 -22.74
CA MET B 22 22.04 -22.50 -23.87
C MET B 22 21.29 -22.35 -25.19
N VAL B 23 19.96 -22.35 -25.17
CA VAL B 23 19.23 -22.31 -26.43
C VAL B 23 19.51 -21.04 -27.21
N PRO B 24 19.42 -19.85 -26.63
CA PRO B 24 19.78 -18.67 -27.40
C PRO B 24 21.27 -18.53 -27.59
N HIS B 25 22.08 -19.06 -26.67
CA HIS B 25 23.53 -18.97 -26.82
C HIS B 25 23.99 -19.70 -28.08
N LEU B 26 23.24 -20.70 -28.52
CA LEU B 26 23.54 -21.39 -29.75
C LEU B 26 22.98 -20.65 -30.98
N ASP B 27 21.82 -20.00 -30.85
CA ASP B 27 21.37 -19.16 -31.95
C ASP B 27 22.28 -17.94 -32.12
N LEU B 28 22.75 -17.37 -31.02
CA LEU B 28 23.80 -16.37 -31.12
C LEU B 28 25.06 -16.96 -31.72
N THR B 29 25.35 -18.23 -31.45
CA THR B 29 26.48 -18.86 -32.13
C THR B 29 26.25 -18.89 -33.63
N HIS B 30 25.06 -19.31 -34.05
CA HIS B 30 24.74 -19.33 -35.46
C HIS B 30 24.93 -17.96 -36.10
N GLN B 31 24.51 -16.90 -35.39
CA GLN B 31 24.57 -15.57 -35.97
C GLN B 31 26.00 -15.15 -36.33
N ILE B 32 26.94 -15.26 -35.38
CA ILE B 32 28.31 -14.81 -35.66
C ILE B 32 28.97 -15.77 -36.63
N LEU B 33 28.53 -17.04 -36.64
CA LEU B 33 28.97 -17.99 -37.65
C LEU B 33 28.60 -17.48 -39.04
N LEU B 34 27.40 -16.90 -39.19
CA LEU B 34 26.91 -16.42 -40.48
C LEU B 34 27.64 -15.19 -40.96
N ARG B 35 28.23 -14.40 -40.07
CA ARG B 35 28.98 -13.20 -40.43
C ARG B 35 30.44 -13.47 -40.72
N GLY B 36 30.83 -14.75 -40.85
CA GLY B 36 32.16 -15.10 -41.29
C GLY B 36 33.10 -15.61 -40.22
N ALA B 37 32.68 -15.64 -38.95
CA ALA B 37 33.49 -16.12 -37.84
C ALA B 37 33.58 -17.65 -37.83
N THR B 38 34.63 -18.13 -37.20
CA THR B 38 34.82 -19.52 -36.81
C THR B 38 34.54 -19.68 -35.32
N VAL B 39 34.00 -20.85 -34.96
CA VAL B 39 33.44 -21.06 -33.64
C VAL B 39 33.91 -22.41 -33.11
N THR B 40 34.38 -22.45 -31.86
CA THR B 40 34.52 -23.68 -31.07
C THR B 40 33.57 -23.57 -29.88
N VAL B 41 32.78 -24.61 -29.65
CA VAL B 41 31.86 -24.65 -28.51
C VAL B 41 32.39 -25.60 -27.46
N LEU B 42 32.45 -25.14 -26.22
CA LEU B 42 32.85 -25.98 -25.10
C LEU B 42 31.63 -26.64 -24.45
N VAL B 43 31.57 -27.96 -24.44
CA VAL B 43 30.46 -28.67 -23.83
C VAL B 43 30.99 -29.90 -23.10
N THR B 44 30.33 -30.24 -22.00
CA THR B 44 30.63 -31.50 -21.36
C THR B 44 29.89 -32.60 -22.13
N PRO B 45 30.27 -33.87 -21.95
CA PRO B 45 29.92 -34.88 -22.96
C PRO B 45 28.43 -35.05 -23.22
N LYS B 46 27.59 -35.18 -22.19
CA LYS B 46 26.17 -35.43 -22.44
C LYS B 46 25.53 -34.33 -23.29
N ASN B 47 25.95 -33.07 -23.10
CA ASN B 47 25.43 -31.93 -23.85
C ASN B 47 25.92 -31.83 -25.31
N SER B 48 26.79 -32.70 -25.79
CA SER B 48 27.26 -32.50 -27.16
C SER B 48 26.13 -32.67 -28.18
N SER B 49 25.09 -33.40 -27.84
CA SER B 49 24.06 -33.71 -28.83
C SER B 49 23.20 -32.49 -29.16
N TYR B 50 23.10 -31.52 -28.24
CA TYR B 50 22.45 -30.25 -28.54
C TYR B 50 23.16 -29.50 -29.66
N LEU B 51 24.45 -29.81 -29.87
CA LEU B 51 25.23 -29.21 -30.94
C LEU B 51 25.02 -29.85 -32.31
N ASP B 52 24.32 -30.98 -32.39
CA ASP B 52 24.22 -31.65 -33.68
C ASP B 52 23.53 -30.78 -34.71
N ALA B 53 22.40 -30.15 -34.32
CA ALA B 53 21.66 -29.35 -35.28
C ALA B 53 22.55 -28.34 -35.92
N LEU B 54 23.20 -27.56 -35.08
CA LEU B 54 24.10 -26.50 -35.53
C LEU B 54 25.30 -27.08 -36.27
N ARG B 55 25.71 -28.31 -35.91
CA ARG B 55 26.83 -28.94 -36.61
C ARG B 55 26.47 -29.21 -38.06
N SER B 56 25.26 -29.72 -38.27
CA SER B 56 24.83 -30.09 -39.61
C SER B 56 24.79 -28.90 -40.55
N LEU B 57 24.86 -27.69 -40.02
CA LEU B 57 24.66 -26.46 -40.78
C LEU B 57 25.95 -25.82 -41.25
N HIS B 58 27.11 -26.23 -40.71
CA HIS B 58 28.35 -25.51 -40.87
C HIS B 58 29.51 -26.47 -41.10
N SER B 59 30.56 -25.90 -41.68
CA SER B 59 31.75 -26.67 -42.03
C SER B 59 32.41 -27.21 -40.76
N PRO B 60 32.92 -28.44 -40.78
CA PRO B 60 33.83 -28.86 -39.69
C PRO B 60 34.99 -27.92 -39.59
N GLU B 61 35.27 -27.22 -40.69
CA GLU B 61 36.28 -26.19 -40.77
C GLU B 61 35.91 -24.96 -39.97
N HIS B 62 34.63 -24.67 -39.87
CA HIS B 62 34.18 -23.49 -39.14
C HIS B 62 33.56 -23.77 -37.78
N PHE B 63 33.12 -25.01 -37.50
CA PHE B 63 32.39 -25.29 -36.25
C PHE B 63 33.03 -26.46 -35.55
N LYS B 64 33.77 -26.19 -34.47
CA LYS B 64 34.48 -27.19 -33.71
C LYS B 64 33.84 -27.38 -32.35
N THR B 65 34.10 -28.56 -31.76
CA THR B 65 33.46 -29.01 -30.53
C THR B 65 34.51 -29.51 -29.59
N LEU B 66 34.80 -28.77 -28.54
CA LEU B 66 35.76 -29.15 -27.50
C LEU B 66 35.00 -29.73 -26.34
N ILE B 67 35.37 -30.92 -25.90
CA ILE B 67 34.54 -31.68 -24.96
C ILE B 67 35.33 -32.11 -23.75
N LEU B 68 35.01 -31.62 -22.65
CA LEU B 68 35.76 -32.01 -21.49
C LEU B 68 34.88 -32.82 -20.55
N PRO B 69 35.42 -33.78 -19.83
CA PRO B 69 34.57 -34.55 -18.92
C PRO B 69 33.95 -33.66 -17.83
N PHE B 70 32.72 -33.99 -17.43
CA PHE B 70 32.04 -33.21 -16.39
C PHE B 70 32.66 -33.48 -15.01
N PRO B 71 33.08 -32.44 -14.30
CA PRO B 71 33.77 -32.63 -13.00
C PRO B 71 32.89 -33.21 -11.92
N SER B 72 33.40 -34.24 -11.24
CA SER B 72 32.66 -34.87 -10.14
C SER B 72 32.42 -33.90 -9.00
N HIS B 73 31.17 -33.84 -8.54
CA HIS B 73 30.74 -33.10 -7.35
C HIS B 73 29.75 -33.99 -6.58
N PRO B 74 29.86 -34.05 -5.25
CA PRO B 74 28.92 -34.88 -4.50
C PRO B 74 27.45 -34.54 -4.73
N CYS B 75 27.13 -33.27 -4.98
CA CYS B 75 25.76 -32.78 -4.91
C CYS B 75 24.98 -32.77 -6.21
N ILE B 76 25.63 -33.09 -7.33
CA ILE B 76 24.95 -33.27 -8.61
C ILE B 76 24.79 -34.76 -8.83
N PRO B 77 23.60 -35.24 -9.19
CA PRO B 77 23.46 -36.69 -9.43
C PRO B 77 24.37 -37.09 -10.58
N SER B 78 24.88 -38.31 -10.50
CA SER B 78 25.78 -38.79 -11.54
C SER B 78 25.08 -38.79 -12.91
N GLY B 79 25.84 -38.45 -13.95
CA GLY B 79 25.34 -38.48 -15.30
C GLY B 79 24.46 -37.33 -15.73
N VAL B 80 24.10 -36.39 -14.85
CA VAL B 80 23.27 -35.23 -15.20
C VAL B 80 24.18 -34.02 -15.29
N GLU B 81 24.36 -33.49 -16.50
CA GLU B 81 25.21 -32.32 -16.72
C GLU B 81 24.42 -31.12 -17.21
N SER B 82 23.18 -30.96 -16.77
CA SER B 82 22.31 -29.94 -17.34
C SER B 82 21.32 -29.48 -16.28
N LEU B 83 21.43 -28.24 -15.82
CA LEU B 83 20.64 -27.81 -14.66
C LEU B 83 19.14 -27.92 -14.90
N GLN B 84 18.72 -27.88 -16.16
CA GLN B 84 17.31 -27.98 -16.57
C GLN B 84 16.60 -29.26 -16.07
N GLN B 85 17.40 -30.21 -15.65
CA GLN B 85 17.13 -31.48 -14.98
C GLN B 85 17.29 -31.57 -13.44
N LEU B 86 17.35 -30.48 -12.69
CA LEU B 86 17.64 -30.56 -11.27
C LEU B 86 16.76 -29.57 -10.53
N PRO B 87 16.77 -29.62 -9.20
CA PRO B 87 16.13 -28.55 -8.45
C PRO B 87 16.83 -27.25 -8.78
N LEU B 88 16.04 -26.20 -8.97
CA LEU B 88 16.65 -24.89 -9.22
C LEU B 88 17.61 -24.52 -8.11
N GLU B 89 17.36 -25.01 -6.89
CA GLU B 89 18.23 -24.75 -5.75
C GLU B 89 19.61 -25.35 -5.93
N ALA B 90 19.74 -26.31 -6.85
CA ALA B 90 21.02 -26.96 -7.13
C ALA B 90 22.03 -26.06 -7.83
N ILE B 91 21.64 -24.88 -8.29
CA ILE B 91 22.51 -24.08 -9.14
C ILE B 91 23.83 -23.74 -8.46
N VAL B 92 23.85 -23.60 -7.13
CA VAL B 92 25.07 -23.20 -6.44
C VAL B 92 26.14 -24.26 -6.57
N HIS B 93 25.74 -25.52 -6.70
CA HIS B 93 26.69 -26.62 -6.87
C HIS B 93 27.04 -26.84 -8.32
N MET B 94 26.07 -26.73 -9.22
CA MET B 94 26.40 -26.59 -10.63
C MET B 94 27.46 -25.48 -10.84
N PHE B 95 27.34 -24.36 -10.14
CA PHE B 95 28.37 -23.31 -10.21
C PHE B 95 29.72 -23.82 -9.74
N ASP B 96 29.78 -24.45 -8.59
CA ASP B 96 31.07 -24.92 -8.09
C ASP B 96 31.61 -26.04 -8.98
N ALA B 97 30.75 -26.92 -9.46
CA ALA B 97 31.20 -28.02 -10.30
C ALA B 97 31.80 -27.52 -11.59
N LEU B 98 31.07 -26.69 -12.32
CA LEU B 98 31.57 -26.15 -13.60
C LEU B 98 32.87 -25.38 -13.44
N SER B 99 33.17 -24.88 -12.26
CA SER B 99 34.39 -24.11 -12.08
C SER B 99 35.63 -24.98 -12.14
N ARG B 100 35.52 -26.28 -11.92
CA ARG B 100 36.73 -27.09 -12.03
C ARG B 100 37.05 -27.42 -13.48
N LEU B 101 36.32 -26.86 -14.44
CA LEU B 101 36.74 -26.84 -15.83
C LEU B 101 37.90 -25.86 -16.06
N HIS B 102 38.29 -25.10 -15.04
CA HIS B 102 39.29 -24.06 -15.27
C HIS B 102 40.64 -24.66 -15.61
N ASP B 103 41.09 -25.66 -14.84
CA ASP B 103 42.45 -26.14 -15.07
C ASP B 103 42.50 -27.12 -16.23
N PRO B 104 41.47 -27.92 -16.49
CA PRO B 104 41.45 -28.63 -17.77
C PRO B 104 41.33 -27.73 -18.99
N LEU B 105 40.64 -26.60 -18.88
CA LEU B 105 40.52 -25.73 -20.04
C LEU B 105 41.85 -25.06 -20.36
N VAL B 106 42.54 -24.52 -19.34
CA VAL B 106 43.82 -23.89 -19.58
C VAL B 106 44.83 -24.90 -20.11
N ASP B 107 44.85 -26.09 -19.50
CA ASP B 107 45.72 -27.15 -20.00
C ASP B 107 45.48 -27.39 -21.47
N PHE B 108 44.22 -27.52 -21.88
CA PHE B 108 43.97 -27.83 -23.28
C PHE B 108 44.45 -26.70 -24.17
N LEU B 109 44.03 -25.47 -23.87
CA LEU B 109 44.38 -24.35 -24.73
C LEU B 109 45.90 -24.15 -24.81
N SER B 110 46.61 -24.36 -23.69
CA SER B 110 48.05 -24.10 -23.61
C SER B 110 48.89 -25.12 -24.39
N ARG B 111 48.30 -26.19 -24.86
CA ARG B 111 48.98 -27.13 -25.71
C ARG B 111 48.68 -26.87 -27.17
N GLN B 112 47.90 -25.87 -27.48
CA GLN B 112 47.46 -25.69 -28.86
C GLN B 112 48.29 -24.66 -29.62
N PRO B 113 48.49 -24.87 -30.92
CA PRO B 113 49.22 -23.91 -31.71
C PRO B 113 48.56 -22.54 -31.68
N PRO B 114 49.35 -21.48 -31.45
CA PRO B 114 48.75 -20.15 -31.25
C PRO B 114 47.83 -19.72 -32.36
N SER B 115 48.03 -20.24 -33.56
CA SER B 115 47.07 -19.96 -34.61
C SER B 115 45.72 -20.54 -34.25
N ASP B 116 45.70 -21.70 -33.62
CA ASP B 116 44.39 -22.30 -33.30
C ASP B 116 43.70 -21.68 -32.10
N LEU B 117 44.33 -20.76 -31.38
CA LEU B 117 43.70 -20.14 -30.25
C LEU B 117 42.55 -19.31 -30.76
N PRO B 118 41.56 -19.01 -29.90
CA PRO B 118 40.43 -18.17 -30.31
C PRO B 118 40.75 -16.70 -30.08
N ASP B 119 40.05 -15.85 -30.84
CA ASP B 119 40.27 -14.40 -30.67
C ASP B 119 39.43 -13.81 -29.57
N ALA B 120 38.28 -14.38 -29.26
CA ALA B 120 37.43 -13.92 -28.17
C ALA B 120 36.70 -15.12 -27.60
N ILE B 121 36.45 -15.07 -26.30
CA ILE B 121 35.60 -16.04 -25.63
C ILE B 121 34.23 -15.43 -25.44
N LEU B 122 33.18 -16.19 -25.70
CA LEU B 122 31.81 -15.70 -25.50
C LEU B 122 31.09 -16.61 -24.50
N GLY B 123 31.44 -16.49 -23.23
CA GLY B 123 30.98 -17.42 -22.23
C GLY B 123 29.75 -16.96 -21.47
N SER B 124 29.04 -17.90 -20.88
CA SER B 124 27.89 -17.54 -20.06
C SER B 124 28.35 -16.68 -18.92
N SER B 125 27.65 -15.55 -18.77
CA SER B 125 27.89 -14.67 -17.65
C SER B 125 27.90 -15.43 -16.33
N PHE B 126 27.14 -16.50 -16.22
CA PHE B 126 27.11 -17.25 -14.97
C PHE B 126 28.45 -17.88 -14.64
N LEU B 127 29.33 -17.99 -15.66
CA LEU B 127 30.65 -18.59 -15.55
C LEU B 127 31.80 -17.59 -15.57
N SER B 128 31.51 -16.30 -15.66
CA SER B 128 32.55 -15.31 -15.93
C SER B 128 33.66 -15.22 -14.88
N PRO B 129 33.48 -15.59 -13.60
CA PRO B 129 34.61 -15.51 -12.66
C PRO B 129 35.82 -16.32 -13.05
N TRP B 130 35.65 -17.54 -13.58
CA TRP B 130 36.76 -18.33 -14.08
C TRP B 130 36.96 -18.19 -15.58
N ILE B 131 35.92 -17.86 -16.35
CA ILE B 131 36.15 -17.64 -17.78
C ILE B 131 37.05 -16.41 -17.97
N ASN B 132 36.82 -15.36 -17.17
CA ASN B 132 37.65 -14.16 -17.26
C ASN B 132 39.08 -14.49 -16.93
N LYS B 133 39.29 -15.35 -15.93
CA LYS B 133 40.62 -15.78 -15.57
C LYS B 133 41.28 -16.56 -16.69
N VAL B 134 40.56 -17.51 -17.28
CA VAL B 134 41.09 -18.16 -18.47
C VAL B 134 41.37 -17.11 -19.54
N ALA B 135 40.35 -16.31 -19.88
CA ALA B 135 40.51 -15.36 -20.96
C ALA B 135 41.76 -14.50 -20.76
N ASP B 136 42.06 -14.11 -19.52
CA ASP B 136 43.18 -13.21 -19.31
C ASP B 136 44.48 -13.96 -19.37
N ALA B 137 44.53 -15.19 -18.85
CA ALA B 137 45.76 -15.98 -18.97
C ALA B 137 46.25 -16.02 -20.42
N PHE B 138 45.35 -16.13 -21.38
CA PHE B 138 45.72 -16.17 -22.78
C PHE B 138 45.54 -14.84 -23.48
N SER B 139 45.39 -13.75 -22.72
CA SER B 139 45.17 -12.39 -23.25
C SER B 139 44.10 -12.38 -24.33
N ILE B 140 42.91 -12.86 -23.97
CA ILE B 140 41.74 -12.85 -24.83
C ILE B 140 40.61 -12.08 -24.16
N LYS B 141 39.86 -11.35 -24.96
CA LYS B 141 38.69 -10.67 -24.44
C LYS B 141 37.64 -11.70 -24.01
N SER B 142 37.04 -11.46 -22.88
CA SER B 142 35.94 -12.27 -22.41
C SER B 142 34.68 -11.44 -22.60
N ILE B 143 33.85 -11.81 -23.58
CA ILE B 143 32.54 -11.21 -23.71
C ILE B 143 31.52 -12.12 -23.05
N SER B 144 30.73 -11.57 -22.13
CA SER B 144 29.77 -12.37 -21.39
C SER B 144 28.41 -12.37 -22.08
N PHE B 145 27.64 -13.40 -21.87
CA PHE B 145 26.34 -13.46 -22.48
C PHE B 145 25.26 -13.82 -21.46
N LEU B 146 24.11 -13.15 -21.55
CA LEU B 146 22.97 -13.35 -20.67
C LEU B 146 21.67 -13.48 -21.44
N PRO B 147 20.80 -14.37 -21.01
CA PRO B 147 19.54 -14.60 -21.72
C PRO B 147 18.38 -13.76 -21.20
N ILE B 148 18.66 -12.79 -20.33
CA ILE B 148 17.64 -11.98 -19.69
C ILE B 148 17.82 -10.54 -20.14
N ASN B 149 16.78 -9.72 -19.91
CA ASN B 149 16.71 -8.38 -20.46
C ASN B 149 17.41 -7.38 -19.57
N ALA B 150 17.68 -6.20 -20.14
CA ALA B 150 18.43 -5.19 -19.40
C ALA B 150 17.73 -4.80 -18.13
N HIS B 151 16.38 -4.76 -18.18
CA HIS B 151 15.60 -4.42 -17.00
C HIS B 151 15.88 -5.38 -15.85
N SER B 152 15.76 -6.68 -16.08
CA SER B 152 16.05 -7.63 -15.01
C SER B 152 17.47 -7.41 -14.48
N ILE B 153 18.42 -7.16 -15.37
CA ILE B 153 19.79 -6.95 -14.92
C ILE B 153 19.86 -5.74 -14.01
N SER B 154 19.12 -4.67 -14.33
CA SER B 154 19.20 -3.45 -13.55
C SER B 154 18.80 -3.67 -12.12
N VAL B 155 17.73 -4.42 -11.89
CA VAL B 155 17.36 -4.72 -10.51
C VAL B 155 18.44 -5.54 -9.85
N MET B 156 18.88 -6.62 -10.52
CA MET B 156 19.72 -7.60 -9.85
C MET B 156 21.07 -7.01 -9.46
N TRP B 157 21.73 -6.32 -10.39
CA TRP B 157 23.06 -5.81 -10.10
C TRP B 157 23.06 -4.73 -9.01
N ALA B 158 21.98 -3.96 -8.89
CA ALA B 158 21.90 -2.87 -7.93
C ALA B 158 21.56 -3.32 -6.52
N GLN B 159 21.09 -4.55 -6.36
CA GLN B 159 20.68 -5.06 -5.07
C GLN B 159 21.81 -4.96 -4.04
N GLU B 160 21.43 -4.76 -2.79
CA GLU B 160 22.42 -4.57 -1.74
C GLU B 160 23.12 -5.88 -1.44
N ASP B 161 22.35 -6.92 -1.16
CA ASP B 161 22.87 -8.25 -0.84
C ASP B 161 22.62 -9.12 -2.06
N ARG B 162 23.65 -9.34 -2.86
CA ARG B 162 23.51 -10.03 -4.13
C ARG B 162 23.86 -11.50 -4.03
N SER B 163 24.83 -11.85 -3.18
CA SER B 163 25.41 -13.18 -3.14
C SER B 163 24.33 -14.23 -2.91
N PHE B 164 24.55 -15.44 -3.43
CA PHE B 164 25.78 -15.92 -4.06
C PHE B 164 26.03 -15.52 -5.52
N PHE B 165 25.19 -14.65 -6.08
CA PHE B 165 25.42 -14.16 -7.44
C PHE B 165 26.47 -13.05 -7.52
N ASN B 166 27.12 -12.70 -6.40
CA ASN B 166 27.99 -11.53 -6.41
C ASN B 166 29.22 -11.73 -7.28
N ASP B 167 29.79 -12.94 -7.26
CA ASP B 167 31.01 -13.19 -8.00
C ASP B 167 30.79 -13.07 -9.48
N LEU B 168 29.61 -13.47 -9.97
CA LEU B 168 29.25 -13.42 -11.39
C LEU B 168 29.02 -12.00 -11.87
N GLU B 169 28.42 -11.17 -11.00
CA GLU B 169 28.08 -9.81 -11.35
C GLU B 169 29.32 -8.94 -11.38
N THR B 170 30.22 -9.16 -10.43
CA THR B 170 31.51 -8.48 -10.52
C THR B 170 32.25 -8.91 -11.77
N ALA B 171 32.31 -10.23 -12.00
CA ALA B 171 33.01 -10.75 -13.15
C ALA B 171 32.37 -10.30 -14.44
N THR B 172 31.05 -10.21 -14.45
CA THR B 172 30.38 -9.69 -15.64
C THR B 172 30.69 -8.22 -15.84
N THR B 173 30.73 -7.45 -14.75
CA THR B 173 31.08 -6.04 -14.86
C THR B 173 32.50 -5.84 -15.39
N GLU B 174 33.46 -6.62 -14.86
CA GLU B 174 34.84 -6.54 -15.29
C GLU B 174 35.05 -7.23 -16.63
N SER B 175 34.00 -7.75 -17.23
CA SER B 175 34.14 -8.40 -18.51
C SER B 175 34.44 -7.35 -19.56
N TYR B 176 34.88 -7.83 -20.72
CA TYR B 176 35.07 -6.95 -21.85
C TYR B 176 33.75 -6.35 -22.27
N GLY B 177 32.69 -7.13 -22.25
CA GLY B 177 31.41 -6.63 -22.71
C GLY B 177 30.34 -7.66 -22.47
N LEU B 178 29.09 -7.24 -22.69
CA LEU B 178 27.94 -8.09 -22.39
C LEU B 178 27.01 -8.12 -23.58
N VAL B 179 26.57 -9.32 -23.93
CA VAL B 179 25.61 -9.59 -24.98
C VAL B 179 24.36 -10.14 -24.29
N ILE B 180 23.23 -9.52 -24.50
CA ILE B 180 21.98 -9.94 -23.89
C ILE B 180 20.92 -10.13 -24.96
N ASN B 181 19.95 -11.03 -24.68
CA ASN B 181 18.89 -11.32 -25.66
C ASN B 181 17.70 -10.39 -25.48
N SER B 182 17.85 -9.16 -25.94
CA SER B 182 16.80 -8.16 -25.99
C SER B 182 17.09 -7.27 -27.17
N PHE B 183 16.05 -6.59 -27.65
CA PHE B 183 16.22 -5.58 -28.68
C PHE B 183 16.19 -4.21 -28.04
N TYR B 184 16.90 -3.26 -28.64
CA TYR B 184 17.14 -2.04 -27.91
C TYR B 184 15.85 -1.23 -27.73
N ASP B 185 14.96 -1.25 -28.74
CA ASP B 185 13.79 -0.38 -28.64
C ASP B 185 12.98 -0.64 -27.37
N LEU B 186 13.11 -1.84 -26.78
CA LEU B 186 12.14 -2.29 -25.79
C LEU B 186 12.31 -1.62 -24.43
N GLU B 187 13.55 -1.48 -23.97
CA GLU B 187 13.82 -1.03 -22.60
C GLU B 187 15.05 -0.13 -22.61
N PRO B 188 15.06 0.92 -23.42
CA PRO B 188 16.28 1.70 -23.57
C PRO B 188 16.71 2.38 -22.29
N GLU B 189 15.77 2.81 -21.47
CA GLU B 189 16.12 3.42 -20.20
C GLU B 189 17.05 2.49 -19.40
N PHE B 190 16.79 1.18 -19.44
CA PHE B 190 17.54 0.25 -18.60
C PHE B 190 18.78 -0.34 -19.27
N VAL B 191 18.77 -0.49 -20.60
CA VAL B 191 19.98 -0.79 -21.34
C VAL B 191 21.03 0.26 -21.02
N GLU B 192 20.66 1.53 -21.12
CA GLU B 192 21.58 2.62 -20.81
C GLU B 192 22.05 2.55 -19.36
N THR B 193 21.17 2.09 -18.46
CA THR B 193 21.55 2.00 -17.07
C THR B 193 22.65 0.98 -16.85
N VAL B 194 22.48 -0.21 -17.43
CA VAL B 194 23.49 -1.25 -17.29
C VAL B 194 24.79 -0.81 -17.95
N LYS B 195 24.70 -0.22 -19.15
CA LYS B 195 25.92 0.17 -19.85
C LYS B 195 26.76 1.11 -19.01
N THR B 196 26.12 2.00 -18.25
CA THR B 196 26.89 3.00 -17.50
C THR B 196 27.25 2.55 -16.08
N ARG B 197 26.32 1.99 -15.32
CA ARG B 197 26.57 1.81 -13.91
C ARG B 197 26.89 0.38 -13.52
N PHE B 198 27.03 -0.54 -14.48
CA PHE B 198 27.24 -1.95 -14.19
C PHE B 198 28.15 -2.70 -15.17
N LEU B 199 28.72 -2.02 -16.15
CA LEU B 199 29.75 -2.57 -17.02
C LEU B 199 30.92 -1.59 -16.98
N ASN B 200 32.06 -2.00 -16.39
CA ASN B 200 33.20 -1.09 -16.26
C ASN B 200 33.58 -0.51 -17.61
N HIS B 201 33.73 -1.34 -18.61
CA HIS B 201 34.14 -0.79 -19.88
C HIS B 201 32.97 -0.45 -20.76
N HIS B 202 31.75 -0.50 -20.24
CA HIS B 202 30.60 0.15 -20.87
C HIS B 202 30.31 -0.39 -22.27
N ARG B 203 30.40 -1.70 -22.44
CA ARG B 203 30.12 -2.34 -23.73
C ARG B 203 28.93 -3.29 -23.56
N ILE B 204 27.75 -2.85 -24.03
CA ILE B 204 26.54 -3.67 -24.06
C ILE B 204 26.09 -3.83 -25.49
N TRP B 205 25.64 -5.02 -25.85
CA TRP B 205 25.17 -5.31 -27.20
C TRP B 205 23.82 -6.01 -27.10
N THR B 206 22.74 -5.28 -27.40
CA THR B 206 21.43 -5.88 -27.48
C THR B 206 21.27 -6.49 -28.88
N VAL B 207 21.00 -7.79 -28.92
CA VAL B 207 21.09 -8.54 -30.18
C VAL B 207 19.81 -9.30 -30.40
N GLY B 208 18.77 -8.99 -29.64
CA GLY B 208 17.58 -9.80 -29.68
C GLY B 208 16.49 -9.19 -30.52
N PRO B 209 15.37 -9.91 -30.68
CA PRO B 209 15.22 -11.31 -30.28
C PRO B 209 15.96 -12.23 -31.24
N LEU B 210 16.85 -13.08 -30.73
CA LEU B 210 17.51 -14.05 -31.57
C LEU B 210 16.53 -15.14 -31.98
N LEU B 211 16.44 -15.46 -33.36
CA LEU B 211 15.50 -16.42 -33.94
C LEU B 211 16.18 -17.74 -34.31
N PRO B 212 15.46 -18.86 -34.29
CA PRO B 212 16.11 -20.20 -34.38
C PRO B 212 16.70 -20.56 -35.75
N PHE B 213 17.48 -21.63 -35.76
CA PHE B 213 17.97 -22.22 -37.01
C PHE B 213 17.33 -23.60 -37.25
N VAL B 217 14.30 -25.79 -35.26
CA VAL B 217 14.39 -27.22 -35.55
C VAL B 217 14.38 -28.15 -34.32
N ASP B 218 15.38 -28.05 -33.43
CA ASP B 218 15.46 -28.89 -32.25
C ASP B 218 15.62 -28.03 -31.01
N ARG B 219 14.99 -26.84 -31.01
CA ARG B 219 15.08 -25.86 -29.93
C ARG B 219 15.00 -26.48 -28.53
N GLY B 220 16.09 -26.39 -27.78
CA GLY B 220 16.11 -26.85 -26.40
C GLY B 220 16.22 -28.33 -26.20
N GLY B 221 16.05 -29.11 -27.26
CA GLY B 221 16.09 -30.55 -27.17
C GLY B 221 15.15 -31.17 -28.18
N GLN B 222 15.39 -32.46 -28.42
CA GLN B 222 14.37 -33.33 -28.98
C GLN B 222 13.11 -33.24 -28.14
N SER B 223 11.95 -33.41 -28.79
CA SER B 223 10.69 -33.29 -28.04
C SER B 223 10.41 -34.51 -27.16
N SER B 224 9.14 -34.81 -26.95
CA SER B 224 8.72 -36.10 -26.44
C SER B 224 7.49 -36.65 -27.18
N ILE B 225 6.99 -35.92 -28.16
CA ILE B 225 5.98 -36.35 -29.12
C ILE B 225 6.39 -35.77 -30.47
N PRO B 226 6.37 -36.53 -31.55
CA PRO B 226 6.98 -36.07 -32.81
C PRO B 226 6.43 -34.72 -33.22
N PRO B 227 7.28 -33.71 -33.42
CA PRO B 227 6.75 -32.42 -33.84
C PRO B 227 5.99 -32.49 -35.14
N ALA B 228 6.25 -33.52 -35.95
CA ALA B 228 5.41 -33.80 -37.11
C ALA B 228 3.96 -34.02 -36.69
N LYS B 229 3.75 -34.78 -35.61
CA LYS B 229 2.39 -35.07 -35.16
C LYS B 229 1.73 -33.84 -34.55
N VAL B 230 2.51 -32.99 -33.87
CA VAL B 230 1.92 -31.86 -33.15
C VAL B 230 1.50 -30.75 -34.11
N SER B 231 2.27 -30.51 -35.18
CA SER B 231 1.82 -29.49 -36.13
C SER B 231 0.56 -29.92 -36.86
N ALA B 232 0.45 -31.22 -37.18
CA ALA B 232 -0.74 -31.71 -37.88
C ALA B 232 -1.98 -31.72 -36.99
N TRP B 233 -1.82 -31.78 -35.66
CA TRP B 233 -2.98 -31.69 -34.77
C TRP B 233 -3.51 -30.26 -34.73
N LEU B 234 -2.63 -29.27 -34.77
CA LEU B 234 -3.05 -27.89 -34.62
C LEU B 234 -3.86 -27.43 -35.84
N ASP B 235 -3.27 -27.52 -37.04
CA ASP B 235 -4.07 -27.42 -38.25
C ASP B 235 -4.47 -28.83 -38.66
N SER B 236 -5.77 -29.13 -38.64
CA SER B 236 -6.82 -28.19 -38.31
C SER B 236 -7.31 -28.28 -36.88
N CYS B 237 -7.51 -27.10 -36.29
CA CYS B 237 -8.43 -26.86 -35.17
C CYS B 237 -9.38 -25.76 -35.62
N PRO B 238 -10.50 -25.53 -34.92
CA PRO B 238 -11.22 -24.27 -35.08
C PRO B 238 -10.24 -23.09 -35.08
N GLU B 239 -10.44 -22.18 -36.02
CA GLU B 239 -9.42 -21.18 -36.35
C GLU B 239 -9.84 -19.80 -35.86
N ASP B 240 -8.84 -19.01 -35.43
CA ASP B 240 -7.46 -19.47 -35.42
C ASP B 240 -6.62 -19.03 -34.20
N ASN B 241 -7.25 -18.39 -33.23
CA ASN B 241 -6.54 -18.01 -32.00
C ASN B 241 -7.30 -18.59 -30.82
N SER B 242 -7.68 -19.87 -30.98
CA SER B 242 -8.54 -20.57 -30.04
C SER B 242 -7.82 -21.64 -29.26
N VAL B 243 -6.57 -21.95 -29.65
CA VAL B 243 -5.76 -22.94 -28.94
C VAL B 243 -4.93 -22.18 -27.92
N VAL B 244 -4.86 -22.69 -26.70
CA VAL B 244 -4.12 -22.01 -25.64
C VAL B 244 -2.96 -22.93 -25.31
N TYR B 245 -1.74 -22.45 -25.53
CA TYR B 245 -0.58 -23.19 -25.13
C TYR B 245 -0.32 -22.88 -23.66
N VAL B 246 -0.06 -23.92 -22.88
CA VAL B 246 0.28 -23.80 -21.47
C VAL B 246 1.65 -24.42 -21.30
N GLY B 247 2.65 -23.60 -20.97
CA GLY B 247 3.99 -24.08 -20.76
C GLY B 247 4.81 -23.17 -19.84
N PHE B 248 5.28 -23.73 -18.73
CA PHE B 248 6.02 -22.98 -17.73
C PHE B 248 7.52 -23.15 -17.87
N GLY B 249 7.99 -23.42 -19.09
CA GLY B 249 9.42 -23.40 -19.42
C GLY B 249 10.12 -24.72 -19.13
N SER B 250 11.47 -24.65 -19.09
CA SER B 250 12.27 -25.83 -18.85
C SER B 250 12.47 -26.15 -17.38
N GLN B 251 12.44 -25.15 -16.50
CA GLN B 251 12.91 -25.32 -15.13
C GLN B 251 11.83 -25.70 -14.13
N ILE B 252 10.57 -25.30 -14.37
CA ILE B 252 9.50 -25.32 -13.38
C ILE B 252 8.69 -26.60 -13.51
N ARG B 253 8.35 -27.22 -12.36
CA ARG B 253 7.45 -28.37 -12.26
C ARG B 253 6.55 -28.17 -11.05
N LEU B 254 5.25 -27.96 -11.30
CA LEU B 254 4.25 -27.63 -10.27
C LEU B 254 3.91 -28.84 -9.38
N THR B 255 3.35 -28.54 -8.19
CA THR B 255 2.97 -29.54 -7.18
C THR B 255 1.70 -30.28 -7.60
N ALA B 256 1.37 -31.36 -6.88
CA ALA B 256 0.08 -32.03 -7.08
C ALA B 256 -1.09 -31.07 -6.86
N GLU B 257 -1.01 -30.26 -5.81
CA GLU B 257 -2.08 -29.32 -5.50
C GLU B 257 -2.31 -28.31 -6.61
N GLN B 258 -1.22 -27.70 -7.14
CA GLN B 258 -1.35 -26.67 -8.17
C GLN B 258 -1.86 -27.22 -9.49
N THR B 259 -1.30 -28.35 -9.92
CA THR B 259 -1.71 -28.94 -11.19
C THR B 259 -3.16 -29.39 -11.18
N ALA B 260 -3.69 -29.76 -10.00
CA ALA B 260 -5.08 -30.19 -9.93
C ALA B 260 -6.01 -29.03 -10.27
N ALA B 261 -5.71 -27.84 -9.75
CA ALA B 261 -6.54 -26.69 -10.02
C ALA B 261 -6.37 -26.20 -11.46
N LEU B 262 -5.17 -26.35 -12.02
CA LEU B 262 -4.88 -25.88 -13.38
C LEU B 262 -5.64 -26.69 -14.44
N ALA B 263 -5.65 -28.01 -14.33
CA ALA B 263 -6.44 -28.81 -15.27
C ALA B 263 -7.92 -28.51 -15.12
N ALA B 264 -8.35 -28.14 -13.90
CA ALA B 264 -9.74 -27.79 -13.65
C ALA B 264 -10.12 -26.52 -14.40
N ALA B 265 -9.20 -25.58 -14.55
CA ALA B 265 -9.48 -24.37 -15.32
C ALA B 265 -9.59 -24.67 -16.81
N LEU B 266 -8.68 -25.48 -17.36
CA LEU B 266 -8.71 -25.78 -18.78
C LEU B 266 -9.94 -26.61 -19.13
N GLU B 267 -10.49 -27.33 -18.15
CA GLU B 267 -11.71 -28.09 -18.33
C GLU B 267 -12.95 -27.20 -18.19
N LYS B 268 -12.94 -26.27 -17.23
CA LYS B 268 -14.06 -25.34 -17.08
C LYS B 268 -14.13 -24.39 -18.27
N SER B 269 -12.98 -23.91 -18.74
CA SER B 269 -12.90 -23.10 -19.95
C SER B 269 -13.07 -23.98 -21.19
N SER B 270 -13.88 -23.51 -22.13
CA SER B 270 -14.12 -24.28 -23.35
C SER B 270 -13.19 -23.89 -24.51
N VAL B 271 -11.87 -23.67 -24.24
CA VAL B 271 -10.85 -23.42 -25.28
C VAL B 271 -10.07 -24.72 -25.51
N ARG B 272 -9.59 -24.92 -26.74
CA ARG B 272 -8.69 -26.03 -26.95
C ARG B 272 -7.28 -25.68 -26.51
N PHE B 273 -6.49 -26.71 -26.21
CA PHE B 273 -5.19 -26.42 -25.63
C PHE B 273 -4.28 -27.61 -25.83
N ILE B 274 -2.98 -27.31 -25.81
CA ILE B 274 -1.91 -28.27 -25.68
C ILE B 274 -1.14 -27.84 -24.46
N TRP B 275 -0.90 -28.76 -23.54
CA TRP B 275 -0.45 -28.39 -22.20
C TRP B 275 0.92 -29.01 -21.96
N ALA B 276 1.93 -28.15 -21.80
CA ALA B 276 3.31 -28.59 -21.64
C ALA B 276 3.61 -28.84 -20.17
N VAL B 277 4.08 -30.04 -19.86
CA VAL B 277 4.45 -30.44 -18.51
C VAL B 277 5.86 -31.02 -18.59
N ARG B 278 6.79 -30.42 -17.83
CA ARG B 278 8.15 -30.95 -17.76
C ARG B 278 8.11 -32.17 -16.85
N ASP B 279 9.26 -32.69 -16.47
CA ASP B 279 9.28 -33.95 -15.75
C ASP B 279 10.02 -33.80 -14.42
N ALA B 280 9.91 -34.86 -13.60
CA ALA B 280 10.50 -34.87 -12.28
C ALA B 280 11.98 -34.49 -12.32
N ALA B 281 12.45 -33.93 -11.23
CA ALA B 281 13.82 -33.50 -11.08
C ALA B 281 14.40 -34.38 -9.98
N LYS B 282 15.71 -34.64 -10.06
CA LYS B 282 16.22 -35.84 -9.43
C LYS B 282 17.41 -35.55 -8.54
N LYS B 283 17.78 -36.59 -7.77
CA LYS B 283 19.01 -36.63 -6.99
C LYS B 283 19.30 -38.04 -6.50
N ALA B 298 1.72 -38.59 -15.15
CA ALA B 298 0.60 -38.87 -14.24
C ALA B 298 0.39 -37.73 -13.26
N GLY B 299 -0.49 -36.80 -13.69
CA GLY B 299 -1.10 -35.73 -12.92
C GLY B 299 -1.97 -34.95 -13.88
N PHE B 300 -3.26 -34.74 -13.63
CA PHE B 300 -4.04 -35.02 -12.41
C PHE B 300 -4.97 -36.24 -12.58
N GLU B 301 -5.23 -36.94 -11.47
CA GLU B 301 -5.60 -38.36 -11.48
C GLU B 301 -6.70 -38.71 -12.49
N GLU B 302 -7.77 -37.92 -12.52
CA GLU B 302 -8.92 -38.25 -13.37
C GLU B 302 -8.59 -38.13 -14.86
N ARG B 303 -7.64 -37.25 -15.23
CA ARG B 303 -7.25 -37.09 -16.62
C ARG B 303 -7.17 -38.44 -17.32
N VAL B 304 -7.60 -38.49 -18.58
CA VAL B 304 -7.85 -37.29 -19.38
C VAL B 304 -9.32 -37.30 -19.78
N LYS B 305 -10.11 -36.77 -18.85
CA LYS B 305 -11.54 -36.47 -18.99
C LYS B 305 -12.00 -36.21 -20.42
N GLU B 306 -11.19 -35.54 -21.26
CA GLU B 306 -11.53 -35.35 -22.68
C GLU B 306 -10.41 -34.57 -23.40
N LYS B 307 -10.52 -34.57 -24.74
CA LYS B 307 -9.48 -34.12 -25.67
C LYS B 307 -9.96 -32.97 -26.55
N GLY B 308 -9.88 -31.76 -26.01
CA GLY B 308 -9.59 -30.61 -26.84
C GLY B 308 -8.11 -30.33 -26.59
N LEU B 309 -7.33 -31.42 -26.53
CA LEU B 309 -6.24 -31.52 -25.56
C LEU B 309 -5.12 -32.44 -26.02
N VAL B 310 -3.88 -32.05 -25.69
CA VAL B 310 -2.72 -32.96 -25.65
C VAL B 310 -1.83 -32.48 -24.50
N ILE B 311 -0.82 -33.30 -24.11
CA ILE B 311 0.05 -33.11 -22.94
C ILE B 311 1.48 -33.55 -23.30
N ARG B 312 2.43 -33.39 -22.36
CA ARG B 312 3.90 -33.58 -22.59
C ARG B 312 4.51 -34.33 -21.37
N GLY B 313 5.85 -34.47 -21.25
CA GLY B 313 6.90 -34.41 -22.27
C GLY B 313 8.08 -33.41 -22.24
N TRP B 314 8.40 -32.94 -23.43
CA TRP B 314 9.20 -31.75 -23.69
C TRP B 314 8.67 -31.25 -25.02
N ALA B 315 8.23 -30.01 -25.08
CA ALA B 315 7.31 -29.67 -26.15
C ALA B 315 8.01 -28.94 -27.27
N PRO B 316 7.44 -28.94 -28.49
CA PRO B 316 8.00 -28.10 -29.54
C PRO B 316 7.36 -26.71 -29.50
N GLN B 317 7.92 -25.87 -28.62
CA GLN B 317 7.32 -24.56 -28.38
C GLN B 317 7.37 -23.72 -29.65
N THR B 318 8.55 -23.61 -30.27
CA THR B 318 8.67 -22.75 -31.44
C THR B 318 7.70 -23.17 -32.54
N MET B 319 7.47 -24.47 -32.71
CA MET B 319 6.50 -24.92 -33.73
C MET B 319 5.04 -24.72 -33.29
N ILE B 320 4.73 -25.03 -32.03
CA ILE B 320 3.36 -24.83 -31.55
C ILE B 320 3.03 -23.35 -31.54
N LEU B 321 3.90 -22.53 -30.93
CA LEU B 321 3.58 -21.14 -30.66
C LEU B 321 3.53 -20.29 -31.93
N GLU B 322 4.34 -20.61 -32.95
CA GLU B 322 4.31 -19.87 -34.21
C GLU B 322 3.04 -20.15 -35.03
N HIS B 323 2.42 -21.30 -34.79
CA HIS B 323 1.32 -21.82 -35.60
C HIS B 323 0.17 -20.81 -35.76
N ARG B 324 -0.55 -20.97 -36.86
CA ARG B 324 -1.71 -20.11 -37.11
C ARG B 324 -2.84 -20.37 -36.13
N ALA B 325 -3.00 -21.63 -35.68
CA ALA B 325 -4.09 -22.04 -34.80
C ALA B 325 -3.88 -21.67 -33.33
N VAL B 326 -2.68 -21.25 -32.93
CA VAL B 326 -2.36 -20.96 -31.52
C VAL B 326 -2.29 -19.45 -31.32
N GLY B 327 -3.10 -18.95 -30.36
CA GLY B 327 -3.23 -17.52 -30.10
C GLY B 327 -3.22 -17.05 -28.65
N SER B 328 -2.83 -17.90 -27.71
CA SER B 328 -2.66 -17.53 -26.31
C SER B 328 -1.49 -18.32 -25.73
N TYR B 329 -0.96 -17.84 -24.61
CA TYR B 329 0.13 -18.55 -23.98
C TYR B 329 0.10 -18.31 -22.49
N LEU B 330 -0.12 -19.37 -21.71
CA LEU B 330 0.00 -19.31 -20.24
C LEU B 330 1.41 -19.69 -19.83
N THR B 331 2.18 -18.73 -19.30
CA THR B 331 3.63 -18.89 -19.13
C THR B 331 4.10 -18.54 -17.74
N HIS B 332 5.26 -19.07 -17.38
CA HIS B 332 6.03 -18.56 -16.26
C HIS B 332 6.60 -17.18 -16.57
N LEU B 333 6.50 -16.75 -17.83
CA LEU B 333 7.04 -15.48 -18.31
C LEU B 333 8.55 -15.40 -18.11
N GLY B 334 9.27 -16.52 -18.22
CA GLY B 334 10.71 -16.46 -18.30
C GLY B 334 11.10 -15.76 -19.59
N TRP B 335 12.25 -15.08 -19.58
CA TRP B 335 12.49 -14.11 -20.65
C TRP B 335 12.60 -14.76 -22.01
N GLY B 336 13.10 -16.00 -22.08
CA GLY B 336 13.15 -16.66 -23.37
C GLY B 336 11.77 -16.89 -23.95
N SER B 337 10.87 -17.42 -23.12
CA SER B 337 9.53 -17.80 -23.56
C SER B 337 8.66 -16.59 -23.91
N VAL B 338 8.96 -15.42 -23.35
CA VAL B 338 8.23 -14.22 -23.71
C VAL B 338 8.50 -13.83 -25.17
N LEU B 339 9.78 -13.85 -25.58
CA LEU B 339 10.11 -13.39 -26.92
C LEU B 339 9.54 -14.31 -27.98
N GLU B 340 9.51 -15.62 -27.73
CA GLU B 340 8.90 -16.53 -28.69
C GLU B 340 7.40 -16.24 -28.83
N GLY B 341 6.75 -15.88 -27.72
CA GLY B 341 5.35 -15.51 -27.75
C GLY B 341 5.08 -14.19 -28.43
N MET B 342 6.05 -13.27 -28.41
CA MET B 342 5.82 -11.96 -29.00
C MET B 342 5.97 -11.98 -30.52
N VAL B 343 6.96 -12.72 -31.01
CA VAL B 343 7.14 -12.93 -32.45
C VAL B 343 6.08 -13.87 -33.01
N GLY B 344 5.55 -14.76 -32.17
CA GLY B 344 4.45 -15.58 -32.66
C GLY B 344 3.16 -14.82 -32.79
N GLY B 345 3.10 -13.61 -32.24
CA GLY B 345 1.91 -12.77 -32.29
C GLY B 345 0.79 -13.42 -31.52
N VAL B 346 1.05 -13.71 -30.26
CA VAL B 346 0.09 -14.42 -29.43
C VAL B 346 -0.13 -13.68 -28.11
N MET B 347 -1.32 -13.87 -27.57
CA MET B 347 -1.67 -13.35 -26.26
C MET B 347 -0.77 -14.00 -25.20
N LEU B 348 -0.36 -13.21 -24.23
CA LEU B 348 0.47 -13.67 -23.13
C LEU B 348 -0.34 -13.70 -21.85
N LEU B 349 -0.50 -14.88 -21.25
CA LEU B 349 -1.12 -15.01 -19.93
C LEU B 349 -0.04 -15.36 -18.93
N ALA B 350 0.17 -14.48 -17.95
CA ALA B 350 1.37 -14.50 -17.11
C ALA B 350 1.17 -15.13 -15.74
N TRP B 351 2.16 -15.89 -15.29
CA TRP B 351 2.18 -16.42 -13.93
C TRP B 351 3.63 -16.55 -13.43
N PRO B 352 4.19 -15.47 -12.88
CA PRO B 352 5.60 -15.49 -12.47
C PRO B 352 5.86 -16.31 -11.22
N MET B 353 7.04 -16.92 -11.13
CA MET B 353 7.29 -17.89 -10.09
C MET B 353 8.66 -17.84 -9.42
N GLN B 354 9.72 -17.42 -10.10
CA GLN B 354 11.06 -17.59 -9.56
C GLN B 354 11.99 -16.77 -10.41
N ALA B 355 13.27 -16.70 -9.97
CA ALA B 355 14.35 -16.15 -10.79
C ALA B 355 14.01 -14.73 -11.24
N ASP B 356 13.98 -14.46 -12.53
CA ASP B 356 13.70 -13.15 -13.05
C ASP B 356 12.22 -12.90 -13.36
N HIS B 357 11.36 -13.91 -13.22
CA HIS B 357 9.98 -13.80 -13.71
C HIS B 357 9.26 -12.56 -13.18
N PHE B 358 9.54 -12.16 -11.95
CA PHE B 358 8.85 -11.02 -11.39
C PHE B 358 9.37 -9.74 -12.00
N PHE B 359 10.69 -9.62 -12.17
CA PHE B 359 11.23 -8.52 -12.94
C PHE B 359 10.49 -8.36 -14.27
N ASN B 360 10.27 -9.48 -14.96
CA ASN B 360 9.64 -9.46 -16.28
C ASN B 360 8.17 -9.05 -16.21
N THR B 361 7.48 -9.36 -15.11
CA THR B 361 6.10 -8.89 -14.99
C THR B 361 6.06 -7.37 -14.89
N THR B 362 6.94 -6.80 -14.05
CA THR B 362 6.98 -5.36 -13.83
C THR B 362 7.24 -4.62 -15.12
N LEU B 363 8.12 -5.16 -15.97
CA LEU B 363 8.39 -4.52 -17.25
C LEU B 363 7.24 -4.73 -18.22
N ILE B 364 6.71 -5.95 -18.28
CA ILE B 364 5.85 -6.36 -19.37
C ILE B 364 4.37 -6.26 -19.01
N VAL B 365 3.99 -6.60 -17.78
CA VAL B 365 2.58 -6.49 -17.41
C VAL B 365 2.28 -5.06 -16.98
N ASP B 366 3.11 -4.51 -16.11
CA ASP B 366 2.86 -3.22 -15.50
C ASP B 366 3.38 -2.13 -16.43
N LYS B 367 4.68 -1.91 -16.48
CA LYS B 367 5.21 -0.77 -17.19
C LYS B 367 4.70 -0.71 -18.64
N LEU B 368 4.76 -1.82 -19.36
CA LEU B 368 4.43 -1.78 -20.79
C LEU B 368 3.02 -2.26 -21.16
N ARG B 369 2.39 -3.13 -20.37
CA ARG B 369 1.04 -3.62 -20.62
C ARG B 369 0.88 -4.31 -21.99
N ALA B 370 1.56 -5.45 -22.12
CA ALA B 370 1.44 -6.31 -23.29
C ALA B 370 1.11 -7.74 -22.87
N ALA B 371 0.70 -7.91 -21.61
CA ALA B 371 0.34 -9.19 -21.01
C ALA B 371 -0.48 -8.88 -19.75
N VAL B 372 -1.30 -9.86 -19.33
CA VAL B 372 -2.05 -9.77 -18.09
C VAL B 372 -1.60 -10.85 -17.12
N ARG B 373 -1.45 -10.49 -15.86
CA ARG B 373 -1.03 -11.41 -14.82
C ARG B 373 -2.17 -12.28 -14.34
N VAL B 374 -1.97 -13.59 -14.37
CA VAL B 374 -3.01 -14.55 -13.98
C VAL B 374 -2.51 -15.51 -12.90
N GLY B 375 -1.48 -15.11 -12.18
CA GLY B 375 -1.00 -15.89 -11.05
C GLY B 375 -0.01 -15.07 -10.25
N GLU B 376 0.14 -15.43 -8.97
CA GLU B 376 0.91 -14.57 -8.07
C GLU B 376 2.27 -15.20 -7.77
N ASN B 377 2.33 -16.29 -7.01
CA ASN B 377 3.60 -16.74 -6.45
C ASN B 377 3.95 -18.10 -7.04
N ARG B 378 5.21 -18.56 -6.79
CA ARG B 378 5.59 -19.88 -7.26
C ARG B 378 4.71 -20.95 -6.66
N ASP B 379 4.17 -20.70 -5.47
CA ASP B 379 3.34 -21.68 -4.78
C ASP B 379 1.88 -21.29 -4.76
N SER B 380 1.52 -20.21 -5.46
CA SER B 380 0.13 -19.82 -5.63
C SER B 380 -0.70 -20.96 -6.19
N VAL B 381 -1.98 -20.98 -5.84
CA VAL B 381 -2.93 -22.01 -6.26
C VAL B 381 -4.17 -21.33 -6.84
N PRO B 382 -4.34 -21.32 -8.15
CA PRO B 382 -5.41 -20.53 -8.77
C PRO B 382 -6.81 -20.98 -8.39
N ASP B 383 -7.73 -20.02 -8.36
CA ASP B 383 -9.14 -20.34 -8.35
C ASP B 383 -9.54 -20.72 -9.77
N SER B 384 -10.15 -21.89 -9.92
CA SER B 384 -10.28 -22.46 -11.26
C SER B 384 -11.27 -21.69 -12.14
N ASP B 385 -12.33 -21.10 -11.56
CA ASP B 385 -13.20 -20.28 -12.41
C ASP B 385 -12.55 -18.95 -12.74
N LYS B 386 -11.85 -18.33 -11.78
CA LYS B 386 -11.11 -17.11 -12.11
C LYS B 386 -10.27 -17.34 -13.35
N LEU B 387 -9.43 -18.37 -13.31
CA LEU B 387 -8.49 -18.66 -14.38
C LEU B 387 -9.21 -19.13 -15.65
N ALA B 388 -10.39 -19.72 -15.50
CA ALA B 388 -11.08 -20.28 -16.65
C ALA B 388 -11.62 -19.21 -17.58
N ARG B 389 -11.89 -18.01 -17.06
CA ARG B 389 -12.55 -17.00 -17.89
C ARG B 389 -11.62 -16.36 -18.93
N ILE B 390 -10.41 -15.97 -18.51
CA ILE B 390 -9.49 -15.33 -19.45
C ILE B 390 -9.06 -16.28 -20.55
N LEU B 391 -9.15 -17.58 -20.30
CA LEU B 391 -8.82 -18.54 -21.33
C LEU B 391 -9.81 -18.45 -22.50
N ALA B 392 -11.11 -18.42 -22.19
CA ALA B 392 -12.10 -18.28 -23.23
C ALA B 392 -12.03 -16.91 -23.90
N GLU B 393 -11.77 -15.86 -23.10
CA GLU B 393 -11.63 -14.52 -23.65
C GLU B 393 -10.40 -14.38 -24.53
N SER B 394 -9.38 -15.17 -24.27
CA SER B 394 -8.21 -15.20 -25.11
C SER B 394 -8.40 -16.19 -26.24
N ASP B 398 -10.90 -12.51 -28.29
CA ASP B 398 -9.58 -11.90 -28.13
C ASP B 398 -9.60 -10.66 -27.21
N LEU B 399 -8.39 -10.46 -26.34
CA LEU B 399 -8.19 -9.36 -25.39
C LEU B 399 -7.39 -8.23 -26.04
N PRO B 400 -7.65 -6.99 -25.63
CA PRO B 400 -6.94 -5.87 -26.25
C PRO B 400 -5.48 -5.79 -25.87
N GLU B 401 -5.15 -6.20 -24.64
CA GLU B 401 -3.78 -6.10 -24.12
C GLU B 401 -2.74 -6.82 -24.97
N ARG B 402 -3.18 -7.71 -25.86
CA ARG B 402 -2.33 -8.42 -26.81
C ARG B 402 -2.02 -7.61 -28.04
N VAL B 403 -2.92 -6.68 -28.40
CA VAL B 403 -2.73 -5.86 -29.60
C VAL B 403 -1.54 -4.93 -29.44
N THR B 404 -1.29 -4.45 -28.22
CA THR B 404 -0.04 -3.73 -27.96
C THR B 404 1.15 -4.65 -28.17
N LEU B 405 1.00 -5.93 -27.82
CA LEU B 405 2.08 -6.87 -28.09
C LEU B 405 2.48 -6.89 -29.55
N MET B 406 1.50 -6.91 -30.46
CA MET B 406 1.90 -7.07 -31.86
C MET B 406 2.56 -5.85 -32.44
N LYS B 407 2.31 -4.67 -31.87
CA LYS B 407 3.08 -3.48 -32.23
C LYS B 407 4.53 -3.58 -31.72
N LEU B 408 4.77 -4.45 -30.74
CA LEU B 408 6.13 -4.81 -30.38
C LEU B 408 6.67 -5.93 -31.26
N ARG B 409 5.81 -6.89 -31.66
CA ARG B 409 6.28 -7.88 -32.62
C ARG B 409 6.92 -7.20 -33.81
N GLU B 410 6.29 -6.14 -34.32
CA GLU B 410 6.89 -5.42 -35.45
C GLU B 410 8.08 -4.58 -35.04
N LYS B 411 8.02 -3.91 -33.87
CA LYS B 411 9.20 -3.12 -33.45
C LYS B 411 10.40 -4.03 -33.21
N ALA B 412 10.17 -5.25 -32.70
CA ALA B 412 11.27 -6.19 -32.51
C ALA B 412 11.82 -6.64 -33.85
N MET B 413 10.95 -6.82 -34.85
CA MET B 413 11.43 -7.24 -36.16
C MET B 413 12.26 -6.15 -36.80
N GLU B 414 11.98 -4.89 -36.45
CA GLU B 414 12.77 -3.80 -36.98
C GLU B 414 14.17 -3.85 -36.41
N ALA B 415 14.33 -4.36 -35.19
CA ALA B 415 15.67 -4.46 -34.60
C ALA B 415 16.49 -5.51 -35.30
N ILE B 416 15.87 -6.66 -35.58
CA ILE B 416 16.63 -7.79 -36.10
C ILE B 416 16.84 -7.67 -37.61
N LYS B 417 15.83 -7.22 -38.35
CA LYS B 417 15.90 -7.09 -39.80
C LYS B 417 17.04 -6.14 -40.20
N GLU B 418 17.55 -6.32 -41.43
CA GLU B 418 18.74 -5.60 -41.88
C GLU B 418 18.58 -4.08 -41.69
N GLY B 419 19.56 -3.48 -41.04
CA GLY B 419 19.48 -2.09 -40.69
C GLY B 419 18.95 -1.82 -39.31
N GLY B 420 18.61 -2.86 -38.54
CA GLY B 420 18.07 -2.67 -37.20
C GLY B 420 19.12 -2.57 -36.10
N SER B 421 18.62 -2.28 -34.89
CA SER B 421 19.48 -2.10 -33.71
C SER B 421 20.36 -3.32 -33.45
N SER B 422 19.74 -4.49 -33.47
CA SER B 422 20.33 -5.73 -33.04
C SER B 422 21.08 -6.41 -34.18
N TYR B 423 20.57 -6.30 -35.40
CA TYR B 423 21.35 -6.67 -36.56
C TYR B 423 22.64 -5.86 -36.62
N LYS B 424 22.55 -4.57 -36.35
CA LYS B 424 23.77 -3.77 -36.34
C LYS B 424 24.70 -4.20 -35.21
N ASN B 425 24.16 -4.48 -34.02
CA ASN B 425 25.03 -4.88 -32.92
C ASN B 425 25.69 -6.25 -33.19
N LEU B 426 24.99 -7.15 -33.87
CA LEU B 426 25.61 -8.43 -34.19
C LEU B 426 26.76 -8.23 -35.17
N ASP B 427 26.65 -7.23 -36.07
CA ASP B 427 27.78 -6.86 -36.92
C ASP B 427 28.91 -6.18 -36.15
N GLU B 428 28.59 -5.19 -35.31
CA GLU B 428 29.65 -4.57 -34.50
C GLU B 428 30.32 -5.60 -33.60
N LEU B 429 29.53 -6.57 -33.09
CA LEU B 429 30.07 -7.59 -32.23
C LEU B 429 31.15 -8.40 -32.97
N VAL B 430 30.78 -8.97 -34.11
CA VAL B 430 31.72 -9.82 -34.85
C VAL B 430 32.98 -9.05 -35.21
N ALA B 431 32.83 -7.80 -35.65
CA ALA B 431 33.99 -6.97 -35.93
C ALA B 431 34.80 -6.72 -34.67
N GLU B 432 34.11 -6.36 -33.58
CA GLU B 432 34.83 -6.01 -32.35
C GLU B 432 35.72 -7.16 -31.89
N MET B 433 35.23 -8.40 -32.01
CA MET B 433 35.96 -9.54 -31.48
C MET B 433 37.29 -9.74 -32.16
N CYS B 434 37.52 -9.06 -33.30
CA CYS B 434 38.72 -9.26 -34.11
C CYS B 434 39.92 -8.47 -33.63
N LEU B 435 39.67 -7.34 -32.95
CA LEU B 435 40.72 -6.43 -32.44
C LEU B 435 41.62 -7.09 -31.41
N LYS C 7 -45.67 3.74 -24.06
CA LYS C 7 -46.36 5.02 -24.29
C LYS C 7 -47.88 4.92 -23.96
N LYS C 8 -48.43 5.99 -23.38
CA LYS C 8 -47.66 7.21 -23.12
C LYS C 8 -47.80 7.65 -21.65
N PRO C 9 -46.67 7.87 -20.98
CA PRO C 9 -46.70 8.38 -19.61
C PRO C 9 -46.44 9.88 -19.59
N HIS C 10 -47.08 10.60 -18.70
CA HIS C 10 -46.73 12.00 -18.52
C HIS C 10 -45.64 12.02 -17.48
N VAL C 11 -44.49 12.57 -17.82
CA VAL C 11 -43.33 12.51 -16.94
C VAL C 11 -42.99 13.92 -16.47
N LEU C 12 -42.98 14.11 -15.14
CA LEU C 12 -42.48 15.33 -14.55
C LEU C 12 -41.00 15.12 -14.33
N VAL C 13 -40.19 15.92 -14.99
CA VAL C 13 -38.73 15.76 -15.01
C VAL C 13 -38.14 16.88 -14.17
N ILE C 14 -37.38 16.52 -13.15
CA ILE C 14 -36.77 17.54 -12.29
C ILE C 14 -35.24 17.37 -12.27
N PRO C 15 -34.52 18.07 -13.11
CA PRO C 15 -33.06 17.92 -13.17
C PRO C 15 -32.36 18.68 -12.07
N PHE C 16 -31.17 18.21 -11.72
CA PHE C 16 -30.38 18.95 -10.74
C PHE C 16 -29.68 20.13 -11.39
N PRO C 17 -29.81 21.33 -10.82
CA PRO C 17 -29.24 22.54 -11.43
C PRO C 17 -27.72 22.51 -11.51
N GLN C 18 -27.14 21.55 -12.20
CA GLN C 18 -25.69 21.47 -12.36
C GLN C 18 -25.38 20.78 -13.67
N SER C 19 -24.35 21.25 -14.35
CA SER C 19 -24.14 20.81 -15.73
C SER C 19 -23.98 19.31 -15.84
N GLY C 20 -23.10 18.74 -15.03
CA GLY C 20 -22.86 17.31 -15.14
C GLY C 20 -24.09 16.47 -14.92
N HIS C 21 -25.03 16.98 -14.12
CA HIS C 21 -26.27 16.30 -13.82
C HIS C 21 -27.34 16.62 -14.85
N MET C 22 -27.55 17.92 -15.11
CA MET C 22 -28.61 18.35 -15.98
C MET C 22 -28.34 18.03 -17.43
N VAL C 23 -27.08 18.07 -17.87
CA VAL C 23 -26.81 17.85 -19.29
C VAL C 23 -27.22 16.46 -19.73
N PRO C 24 -26.88 15.37 -19.02
CA PRO C 24 -27.42 14.06 -19.42
C PRO C 24 -28.88 13.89 -19.04
N HIS C 25 -29.37 14.56 -18.00
CA HIS C 25 -30.77 14.44 -17.62
C HIS C 25 -31.70 15.00 -18.67
N LEU C 26 -31.25 16.01 -19.41
CA LEU C 26 -32.07 16.54 -20.49
C LEU C 26 -31.95 15.69 -21.75
N ASP C 27 -30.77 15.09 -22.00
CA ASP C 27 -30.67 14.09 -23.07
C ASP C 27 -31.53 12.86 -22.79
N LEU C 28 -31.57 12.39 -21.54
CA LEU C 28 -32.51 11.36 -21.19
C LEU C 28 -33.94 11.84 -21.37
N THR C 29 -34.21 13.12 -21.13
CA THR C 29 -35.56 13.61 -21.41
C THR C 29 -35.88 13.48 -22.89
N HIS C 30 -34.96 13.93 -23.74
CA HIS C 30 -35.13 13.76 -25.18
C HIS C 30 -35.36 12.29 -25.52
N GLN C 31 -34.66 11.38 -24.84
CA GLN C 31 -34.80 9.98 -25.17
C GLN C 31 -36.25 9.52 -25.01
N ILE C 32 -36.88 9.84 -23.88
CA ILE C 32 -38.23 9.36 -23.66
C ILE C 32 -39.26 10.12 -24.49
N LEU C 33 -38.99 11.37 -24.86
CA LEU C 33 -39.89 12.06 -25.78
C LEU C 33 -39.98 11.30 -27.11
N LEU C 34 -38.84 10.75 -27.57
CA LEU C 34 -38.77 10.02 -28.84
C LEU C 34 -39.58 8.72 -28.78
N ARG C 35 -39.74 8.14 -27.59
CA ARG C 35 -40.55 6.95 -27.40
C ARG C 35 -42.01 7.28 -27.11
N GLY C 36 -42.41 8.56 -27.23
CA GLY C 36 -43.80 8.96 -27.19
C GLY C 36 -44.30 9.61 -25.92
N ALA C 37 -43.49 9.69 -24.88
CA ALA C 37 -43.97 10.26 -23.63
C ALA C 37 -44.13 11.77 -23.73
N THR C 38 -45.02 12.30 -22.92
CA THR C 38 -45.13 13.74 -22.73
C THR C 38 -44.43 14.11 -21.44
N VAL C 39 -43.80 15.29 -21.44
CA VAL C 39 -42.82 15.64 -20.42
C VAL C 39 -43.05 17.08 -19.95
N THR C 40 -43.02 17.29 -18.64
CA THR C 40 -42.92 18.62 -18.07
C THR C 40 -41.64 18.73 -17.26
N VAL C 41 -40.83 19.75 -17.54
CA VAL C 41 -39.57 19.95 -16.85
C VAL C 41 -39.70 21.12 -15.90
N LEU C 42 -39.36 20.89 -14.66
CA LEU C 42 -39.34 21.91 -13.64
C LEU C 42 -37.99 22.58 -13.64
N VAL C 43 -37.95 23.88 -13.90
CA VAL C 43 -36.70 24.64 -13.91
C VAL C 43 -36.98 25.95 -13.22
N THR C 44 -35.97 26.47 -12.51
CA THR C 44 -36.06 27.82 -11.99
C THR C 44 -35.71 28.80 -13.11
N PRO C 45 -36.04 30.10 -12.98
CA PRO C 45 -36.08 30.95 -14.18
C PRO C 45 -34.78 31.04 -14.96
N LYS C 46 -33.63 31.26 -14.31
CA LYS C 46 -32.39 31.43 -15.08
C LYS C 46 -32.09 30.21 -15.94
N ASN C 47 -32.35 29.01 -15.42
CA ASN C 47 -32.07 27.75 -16.10
C ASN C 47 -33.06 27.41 -17.21
N SER C 48 -34.06 28.26 -17.44
CA SER C 48 -35.10 27.92 -18.42
C SER C 48 -34.56 27.83 -19.84
N SER C 49 -33.44 28.48 -20.14
CA SER C 49 -32.94 28.58 -21.50
C SER C 49 -32.29 27.30 -22.01
N TYR C 50 -31.66 26.49 -21.12
CA TYR C 50 -31.12 25.19 -21.53
C TYR C 50 -32.18 24.32 -22.13
N LEU C 51 -33.44 24.58 -21.79
CA LEU C 51 -34.55 23.86 -22.35
C LEU C 51 -34.82 24.25 -23.80
N ASP C 52 -34.20 25.33 -24.28
CA ASP C 52 -34.49 25.81 -25.63
C ASP C 52 -34.16 24.73 -26.65
N ALA C 53 -32.99 24.08 -26.46
CA ALA C 53 -32.59 22.98 -27.34
C ALA C 53 -33.66 21.88 -27.38
N LEU C 54 -34.16 21.46 -26.22
CA LEU C 54 -35.26 20.54 -26.27
C LEU C 54 -36.50 21.20 -26.84
N ARG C 55 -36.71 22.47 -26.52
CA ARG C 55 -37.96 23.14 -26.91
C ARG C 55 -38.11 23.24 -28.42
N SER C 56 -37.01 23.49 -29.13
CA SER C 56 -37.05 23.56 -30.57
C SER C 56 -37.33 22.22 -31.22
N LEU C 57 -37.18 21.13 -30.48
CA LEU C 57 -37.29 19.81 -31.04
C LEU C 57 -38.65 19.18 -30.79
N HIS C 58 -39.48 19.75 -29.91
CA HIS C 58 -40.70 19.07 -29.56
C HIS C 58 -41.86 20.04 -29.44
N SER C 59 -43.05 19.55 -29.84
CA SER C 59 -44.26 20.33 -29.89
C SER C 59 -44.70 20.70 -28.49
N PRO C 60 -45.27 21.90 -28.28
CA PRO C 60 -45.78 22.26 -26.94
C PRO C 60 -46.79 21.29 -26.39
N GLU C 61 -47.43 20.49 -27.23
CA GLU C 61 -48.36 19.49 -26.74
C GLU C 61 -47.66 18.38 -25.98
N HIS C 62 -46.44 18.05 -26.37
CA HIS C 62 -45.70 16.96 -25.77
C HIS C 62 -44.68 17.41 -24.74
N PHE C 63 -44.22 18.67 -24.82
CA PHE C 63 -43.12 19.18 -24.01
C PHE C 63 -43.54 20.47 -23.32
N LYS C 64 -43.79 20.37 -22.02
CA LYS C 64 -44.21 21.49 -21.18
C LYS C 64 -43.07 21.90 -20.26
N THR C 65 -43.17 23.13 -19.76
CA THR C 65 -42.10 23.74 -19.00
C THR C 65 -42.71 24.40 -17.78
N LEU C 66 -42.44 23.89 -16.61
CA LEU C 66 -42.93 24.52 -15.40
C LEU C 66 -41.83 25.34 -14.74
N ILE C 67 -42.11 26.58 -14.38
CA ILE C 67 -41.07 27.49 -13.91
C ILE C 67 -41.44 28.04 -12.54
N LEU C 68 -40.68 27.69 -11.57
CA LEU C 68 -40.90 28.22 -10.23
C LEU C 68 -39.76 29.14 -9.81
N PRO C 69 -40.02 30.19 -9.03
CA PRO C 69 -38.93 31.10 -8.68
C PRO C 69 -37.90 30.36 -7.85
N PHE C 70 -36.62 30.72 -8.04
CA PHE C 70 -35.57 30.09 -7.24
C PHE C 70 -35.59 30.63 -5.82
N PRO C 71 -35.70 29.79 -4.81
CA PRO C 71 -35.81 30.27 -3.43
C PRO C 71 -34.59 31.06 -3.01
N SER C 72 -34.82 32.24 -2.42
CA SER C 72 -33.74 33.10 -1.96
C SER C 72 -32.91 32.40 -0.90
N HIS C 73 -31.58 32.39 -1.07
CA HIS C 73 -30.71 31.83 -0.05
C HIS C 73 -29.63 32.85 0.27
N PRO C 74 -29.41 33.13 1.56
CA PRO C 74 -28.40 34.12 1.97
C PRO C 74 -26.98 33.76 1.54
N CYS C 75 -26.68 32.47 1.36
CA CYS C 75 -25.34 31.99 1.05
C CYS C 75 -25.13 31.78 -0.43
N ILE C 76 -26.19 31.86 -1.22
CA ILE C 76 -26.10 31.82 -2.68
C ILE C 76 -26.28 33.24 -3.18
N PRO C 77 -25.37 33.74 -3.99
CA PRO C 77 -25.51 35.11 -4.50
C PRO C 77 -26.78 35.25 -5.30
N SER C 78 -27.32 36.47 -5.31
CA SER C 78 -28.51 36.75 -6.11
C SER C 78 -28.24 36.52 -7.57
N GLY C 79 -29.24 36.06 -8.29
CA GLY C 79 -29.11 35.84 -9.70
C GLY C 79 -28.38 34.57 -10.07
N VAL C 80 -27.88 33.81 -9.10
CA VAL C 80 -27.10 32.58 -9.33
C VAL C 80 -28.02 31.41 -9.02
N GLU C 81 -28.35 30.57 -10.03
CA GLU C 81 -29.21 29.42 -9.73
C GLU C 81 -28.70 28.13 -10.38
N SER C 82 -27.39 27.90 -10.36
CA SER C 82 -26.77 26.71 -10.95
C SER C 82 -25.45 26.44 -10.25
N LEU C 83 -25.29 25.26 -9.62
CA LEU C 83 -24.13 25.01 -8.77
C LEU C 83 -22.81 25.18 -9.52
N GLN C 84 -22.82 25.00 -10.84
CA GLN C 84 -21.66 25.23 -11.69
C GLN C 84 -21.08 26.64 -11.58
N GLN C 85 -21.80 27.59 -10.98
CA GLN C 85 -21.31 28.95 -10.86
C GLN C 85 -20.84 29.28 -9.46
N LEU C 86 -20.65 28.26 -8.64
CA LEU C 86 -20.29 28.44 -7.25
C LEU C 86 -19.19 27.45 -6.86
N PRO C 87 -18.63 27.60 -5.68
CA PRO C 87 -17.77 26.54 -5.17
C PRO C 87 -18.57 25.26 -5.06
N LEU C 88 -17.94 24.13 -5.42
CA LEU C 88 -18.62 22.87 -5.19
C LEU C 88 -19.13 22.79 -3.78
N GLU C 89 -18.46 23.49 -2.87
CA GLU C 89 -18.82 23.54 -1.46
C GLU C 89 -20.16 24.22 -1.19
N ALA C 90 -20.68 25.01 -2.14
CA ALA C 90 -22.01 25.61 -1.95
C ALA C 90 -23.10 24.58 -2.08
N ILE C 91 -22.79 23.30 -2.35
CA ILE C 91 -23.87 22.36 -2.64
C ILE C 91 -24.81 22.23 -1.46
N VAL C 92 -24.33 22.38 -0.24
CA VAL C 92 -25.21 22.21 0.90
C VAL C 92 -26.30 23.25 0.92
N HIS C 93 -26.07 24.39 0.28
CA HIS C 93 -27.03 25.47 0.16
C HIS C 93 -27.96 25.27 -1.04
N MET C 94 -27.40 24.79 -2.18
CA MET C 94 -28.21 24.28 -3.28
C MET C 94 -29.21 23.24 -2.78
N PHE C 95 -28.75 22.34 -1.95
CA PHE C 95 -29.64 21.39 -1.33
C PHE C 95 -30.68 22.12 -0.52
N ASP C 96 -30.25 23.03 0.35
CA ASP C 96 -31.18 23.70 1.25
C ASP C 96 -32.15 24.58 0.48
N ALA C 97 -31.65 25.33 -0.50
CA ALA C 97 -32.54 26.22 -1.24
C ALA C 97 -33.59 25.45 -2.05
N LEU C 98 -33.13 24.54 -2.90
CA LEU C 98 -34.03 23.80 -3.75
C LEU C 98 -35.08 23.02 -3.01
N SER C 99 -34.84 22.69 -1.74
CA SER C 99 -35.80 21.87 -0.98
C SER C 99 -37.09 22.63 -0.65
N ARG C 100 -37.08 23.93 -0.74
CA ARG C 100 -38.22 24.76 -0.54
C ARG C 100 -39.03 24.94 -1.81
N LEU C 101 -38.67 24.24 -2.88
CA LEU C 101 -39.57 24.07 -4.03
C LEU C 101 -40.73 23.13 -3.74
N HIS C 102 -40.73 22.51 -2.57
CA HIS C 102 -41.70 21.48 -2.26
C HIS C 102 -43.08 22.08 -2.17
N ASP C 103 -43.22 23.22 -1.51
CA ASP C 103 -44.55 23.78 -1.37
C ASP C 103 -45.05 24.53 -2.60
N PRO C 104 -44.20 25.15 -3.42
CA PRO C 104 -44.67 25.59 -4.72
C PRO C 104 -44.98 24.46 -5.69
N LEU C 105 -44.30 23.31 -5.60
CA LEU C 105 -44.62 22.20 -6.48
C LEU C 105 -45.93 21.56 -6.09
N VAL C 106 -46.14 21.28 -4.80
CA VAL C 106 -47.42 20.69 -4.41
C VAL C 106 -48.56 21.65 -4.72
N ASP C 107 -48.37 22.94 -4.42
CA ASP C 107 -49.35 23.97 -4.79
C ASP C 107 -49.74 23.84 -6.25
N PHE C 108 -48.76 23.71 -7.13
CA PHE C 108 -49.09 23.62 -8.54
C PHE C 108 -49.84 22.35 -8.84
N LEU C 109 -49.30 21.19 -8.42
CA LEU C 109 -49.88 19.94 -8.86
C LEU C 109 -51.32 19.78 -8.40
N SER C 110 -51.64 20.29 -7.19
CA SER C 110 -52.94 20.15 -6.58
C SER C 110 -54.01 21.02 -7.21
N ARG C 111 -53.64 22.00 -7.98
CA ARG C 111 -54.58 22.80 -8.75
C ARG C 111 -54.71 22.24 -10.14
N GLN C 112 -54.00 21.13 -10.39
CA GLN C 112 -54.06 20.57 -11.75
C GLN C 112 -55.27 19.66 -11.94
N PRO C 113 -55.95 19.57 -13.09
CA PRO C 113 -57.00 18.52 -13.28
C PRO C 113 -56.40 17.13 -13.36
N PRO C 114 -56.97 16.13 -12.66
CA PRO C 114 -56.30 14.82 -12.56
C PRO C 114 -55.92 14.25 -13.92
N SER C 115 -56.60 14.71 -14.96
CA SER C 115 -56.19 14.34 -16.31
C SER C 115 -54.76 14.79 -16.58
N ASP C 116 -54.39 15.98 -16.14
CA ASP C 116 -53.05 16.50 -16.40
C ASP C 116 -52.00 15.96 -15.44
N LEU C 117 -52.35 15.11 -14.48
CA LEU C 117 -51.30 14.69 -13.61
C LEU C 117 -50.27 13.88 -14.39
N PRO C 118 -49.05 13.84 -13.88
CA PRO C 118 -48.05 12.99 -14.46
C PRO C 118 -48.17 11.57 -13.90
N ASP C 119 -47.71 10.61 -14.67
CA ASP C 119 -47.68 9.24 -14.21
C ASP C 119 -46.40 8.90 -13.50
N ALA C 120 -45.32 9.62 -13.78
CA ALA C 120 -44.03 9.39 -13.16
C ALA C 120 -43.28 10.70 -12.98
N ILE C 121 -42.56 10.80 -11.86
CA ILE C 121 -41.60 11.85 -11.66
C ILE C 121 -40.23 11.24 -11.91
N LEU C 122 -39.39 11.93 -12.68
CA LEU C 122 -38.04 11.49 -13.00
C LEU C 122 -37.11 12.55 -12.44
N GLY C 123 -36.92 12.51 -11.13
CA GLY C 123 -36.18 13.55 -10.45
C GLY C 123 -34.71 13.22 -10.22
N SER C 124 -33.89 14.25 -10.03
CA SER C 124 -32.52 13.99 -9.67
C SER C 124 -32.50 13.30 -8.34
N SER C 125 -31.71 12.23 -8.25
CA SER C 125 -31.51 11.57 -6.97
C SER C 125 -31.11 12.55 -5.89
N PHE C 126 -30.37 13.62 -6.25
CA PHE C 126 -29.94 14.62 -5.28
C PHE C 126 -31.12 15.37 -4.68
N LEU C 127 -32.28 15.31 -5.35
CA LEU C 127 -33.48 15.95 -4.85
C LEU C 127 -34.50 14.97 -4.34
N SER C 128 -34.21 13.68 -4.32
CA SER C 128 -35.25 12.71 -3.98
C SER C 128 -35.85 12.84 -2.58
N PRO C 129 -35.16 13.37 -1.56
CA PRO C 129 -35.81 13.48 -0.26
C PRO C 129 -37.10 14.26 -0.28
N TRP C 130 -37.18 15.37 -1.00
CA TRP C 130 -38.45 16.08 -1.06
C TRP C 130 -39.28 15.69 -2.25
N ILE C 131 -38.65 15.25 -3.34
CA ILE C 131 -39.40 14.77 -4.50
C ILE C 131 -40.25 13.57 -4.14
N ASN C 132 -39.71 12.66 -3.31
CA ASN C 132 -40.48 11.50 -2.89
C ASN C 132 -41.70 11.91 -2.05
N LYS C 133 -41.54 12.90 -1.17
CA LYS C 133 -42.67 13.37 -0.40
C LYS C 133 -43.74 13.96 -1.31
N VAL C 134 -43.34 14.76 -2.30
CA VAL C 134 -44.30 15.19 -3.31
C VAL C 134 -44.86 13.96 -4.02
N ALA C 135 -43.97 13.10 -4.49
CA ALA C 135 -44.40 11.95 -5.29
C ALA C 135 -45.46 11.13 -4.54
N ASP C 136 -45.33 10.99 -3.22
CA ASP C 136 -46.26 10.10 -2.55
C ASP C 136 -47.59 10.80 -2.29
N ALA C 137 -47.56 12.08 -1.95
CA ALA C 137 -48.81 12.81 -1.74
C ALA C 137 -49.76 12.67 -2.90
N PHE C 138 -49.25 12.63 -4.12
CA PHE C 138 -50.11 12.48 -5.29
C PHE C 138 -50.12 11.06 -5.86
N SER C 139 -49.65 10.08 -5.08
CA SER C 139 -49.53 8.67 -5.47
C SER C 139 -48.92 8.51 -6.85
N ILE C 140 -47.73 9.07 -7.00
CA ILE C 140 -46.94 8.94 -8.21
C ILE C 140 -45.65 8.22 -7.85
N LYS C 141 -45.23 7.33 -8.72
CA LYS C 141 -43.92 6.74 -8.58
C LYS C 141 -42.87 7.79 -8.86
N SER C 142 -41.83 7.84 -8.03
CA SER C 142 -40.71 8.72 -8.29
C SER C 142 -39.54 7.85 -8.69
N ILE C 143 -39.14 7.97 -9.96
CA ILE C 143 -37.94 7.34 -10.49
C ILE C 143 -36.78 8.32 -10.43
N SER C 144 -35.66 7.89 -9.86
CA SER C 144 -34.50 8.73 -9.66
C SER C 144 -33.50 8.56 -10.80
N PHE C 145 -32.69 9.59 -10.98
CA PHE C 145 -31.69 9.66 -12.03
C PHE C 145 -30.38 10.15 -11.43
N LEU C 146 -29.25 9.53 -11.87
CA LEU C 146 -27.87 9.84 -11.48
C LEU C 146 -26.94 9.90 -12.70
N PRO C 147 -25.99 10.82 -12.70
CA PRO C 147 -25.04 10.93 -13.80
C PRO C 147 -23.73 10.19 -13.57
N ILE C 148 -23.65 9.35 -12.53
CA ILE C 148 -22.46 8.63 -12.13
C ILE C 148 -22.76 7.16 -12.28
N ASN C 149 -21.70 6.37 -12.30
CA ASN C 149 -21.79 4.95 -12.68
C ASN C 149 -22.12 4.11 -11.49
N ALA C 150 -22.51 2.87 -11.76
CA ALA C 150 -22.89 1.95 -10.68
C ALA C 150 -21.73 1.70 -9.74
N HIS C 151 -20.49 1.69 -10.26
CA HIS C 151 -19.33 1.51 -9.42
C HIS C 151 -19.25 2.63 -8.38
N SER C 152 -19.30 3.88 -8.82
CA SER C 152 -19.20 4.97 -7.86
C SER C 152 -20.29 4.90 -6.82
N ILE C 153 -21.52 4.55 -7.24
CA ILE C 153 -22.62 4.44 -6.28
C ILE C 153 -22.31 3.35 -5.25
N SER C 154 -21.69 2.24 -5.71
CA SER C 154 -21.41 1.12 -4.81
C SER C 154 -20.50 1.55 -3.68
N VAL C 155 -19.41 2.25 -4.03
CA VAL C 155 -18.53 2.78 -3.01
C VAL C 155 -19.25 3.82 -2.16
N MET C 156 -19.96 4.73 -2.82
CA MET C 156 -20.47 5.90 -2.13
C MET C 156 -21.52 5.53 -1.09
N TRP C 157 -22.54 4.73 -1.51
CA TRP C 157 -23.62 4.31 -0.62
C TRP C 157 -23.15 3.38 0.49
N ALA C 158 -22.07 2.64 0.25
CA ALA C 158 -21.57 1.68 1.23
C ALA C 158 -20.84 2.34 2.37
N GLN C 159 -20.45 3.58 2.21
CA GLN C 159 -19.75 4.25 3.27
C GLN C 159 -20.59 4.25 4.54
N GLU C 160 -19.89 4.24 5.65
CA GLU C 160 -20.48 4.32 6.97
C GLU C 160 -20.90 5.75 7.29
N ASP C 161 -20.02 6.72 7.08
CA ASP C 161 -20.31 8.12 7.35
C ASP C 161 -20.48 8.78 6.00
N ARG C 162 -21.74 8.96 5.61
CA ARG C 162 -22.09 9.51 4.31
C ARG C 162 -22.45 10.96 4.38
N SER C 163 -23.05 11.37 5.48
CA SER C 163 -23.69 12.67 5.59
C SER C 163 -22.67 13.76 5.26
N PHE C 164 -23.14 14.89 4.71
CA PHE C 164 -24.54 15.31 4.54
C PHE C 164 -25.34 14.68 3.39
N PHE C 165 -24.74 13.74 2.64
CA PHE C 165 -25.45 13.05 1.59
C PHE C 165 -26.35 11.97 2.12
N ASN C 166 -26.48 11.81 3.43
CA ASN C 166 -27.20 10.65 3.92
C ASN C 166 -28.66 10.73 3.49
N ASP C 167 -29.24 11.93 3.51
CA ASP C 167 -30.67 12.03 3.23
C ASP C 167 -31.00 11.67 1.79
N LEU C 168 -30.20 12.15 0.85
CA LEU C 168 -30.50 11.85 -0.54
C LEU C 168 -30.18 10.40 -0.88
N GLU C 169 -29.15 9.83 -0.25
CA GLU C 169 -28.82 8.44 -0.56
C GLU C 169 -29.88 7.49 -0.04
N THR C 170 -30.42 7.77 1.16
CA THR C 170 -31.54 6.99 1.70
C THR C 170 -32.80 7.13 0.85
N ALA C 171 -33.18 8.38 0.51
CA ALA C 171 -34.38 8.60 -0.27
C ALA C 171 -34.27 7.94 -1.63
N THR C 172 -33.07 7.89 -2.17
CA THR C 172 -32.88 7.17 -3.43
C THR C 172 -33.10 5.68 -3.23
N THR C 173 -32.60 5.13 -2.13
CA THR C 173 -32.81 3.73 -1.82
C THR C 173 -34.32 3.43 -1.70
N GLU C 174 -35.07 4.32 -1.03
CA GLU C 174 -36.48 4.16 -0.92
C GLU C 174 -37.26 4.62 -2.16
N SER C 175 -36.58 5.09 -3.19
CA SER C 175 -37.34 5.52 -4.36
C SER C 175 -37.87 4.30 -5.11
N TYR C 176 -38.77 4.60 -6.06
CA TYR C 176 -39.34 3.56 -6.89
C TYR C 176 -38.27 2.90 -7.73
N GLY C 177 -37.28 3.64 -8.19
CA GLY C 177 -36.22 3.06 -8.99
C GLY C 177 -35.20 4.12 -9.35
N LEU C 178 -34.05 3.65 -9.90
CA LEU C 178 -32.90 4.51 -10.20
C LEU C 178 -32.48 4.30 -11.64
N VAL C 179 -32.21 5.43 -12.33
CA VAL C 179 -31.69 5.48 -13.67
C VAL C 179 -30.30 6.08 -13.63
N ILE C 180 -29.30 5.43 -14.20
CA ILE C 180 -27.98 6.06 -14.19
C ILE C 180 -27.39 6.10 -15.59
N ASN C 181 -26.48 7.06 -15.81
CA ASN C 181 -25.85 7.23 -17.11
C ASN C 181 -24.64 6.31 -17.20
N SER C 182 -24.91 5.04 -17.44
CA SER C 182 -23.83 4.11 -17.70
C SER C 182 -24.41 2.99 -18.55
N PHE C 183 -23.53 2.21 -19.18
CA PHE C 183 -24.00 1.01 -19.86
C PHE C 183 -23.68 -0.21 -19.00
N TYR C 184 -24.41 -1.32 -19.26
CA TYR C 184 -24.44 -2.41 -18.28
C TYR C 184 -23.09 -3.11 -18.14
N ASP C 185 -22.42 -3.40 -19.24
CA ASP C 185 -21.30 -4.30 -19.13
C ASP C 185 -20.02 -3.60 -18.74
N LEU C 186 -20.03 -2.30 -18.63
CA LEU C 186 -18.83 -1.60 -18.16
C LEU C 186 -18.57 -1.82 -16.68
N GLU C 187 -19.60 -2.17 -15.90
CA GLU C 187 -19.44 -2.44 -14.48
C GLU C 187 -20.54 -3.38 -13.99
N PRO C 188 -20.57 -4.63 -14.39
CA PRO C 188 -21.73 -5.43 -14.02
C PRO C 188 -21.80 -5.78 -12.54
N GLU C 189 -20.70 -6.12 -11.87
CA GLU C 189 -20.85 -6.47 -10.45
C GLU C 189 -21.44 -5.33 -9.68
N PHE C 190 -21.13 -4.11 -10.07
CA PHE C 190 -21.54 -2.95 -9.30
C PHE C 190 -22.97 -2.55 -9.63
N VAL C 191 -23.45 -2.87 -10.83
CA VAL C 191 -24.88 -2.78 -11.10
C VAL C 191 -25.62 -3.73 -10.18
N GLU C 192 -25.33 -5.03 -10.29
CA GLU C 192 -26.04 -6.04 -9.51
C GLU C 192 -25.93 -5.74 -8.03
N THR C 193 -24.79 -5.17 -7.62
CA THR C 193 -24.58 -4.82 -6.20
C THR C 193 -25.56 -3.75 -5.73
N VAL C 194 -25.66 -2.62 -6.47
CA VAL C 194 -26.55 -1.56 -6.01
C VAL C 194 -27.99 -2.02 -6.07
N LYS C 195 -28.38 -2.73 -7.15
CA LYS C 195 -29.75 -3.24 -7.23
C LYS C 195 -30.08 -4.13 -6.05
N THR C 196 -29.11 -4.87 -5.52
CA THR C 196 -29.41 -5.80 -4.45
C THR C 196 -29.37 -5.16 -3.07
N ARG C 197 -28.34 -4.37 -2.77
CA ARG C 197 -28.15 -3.88 -1.40
C ARG C 197 -28.49 -2.43 -1.21
N PHE C 198 -29.00 -1.75 -2.23
CA PHE C 198 -29.18 -0.32 -2.09
C PHE C 198 -30.43 0.24 -2.78
N LEU C 199 -31.24 -0.59 -3.40
CA LEU C 199 -32.54 -0.17 -3.91
C LEU C 199 -33.55 -1.17 -3.37
N ASN C 200 -34.41 -0.70 -2.47
CA ASN C 200 -35.40 -1.55 -1.83
C ASN C 200 -36.18 -2.34 -2.85
N HIS C 201 -36.64 -1.68 -3.89
CA HIS C 201 -37.45 -2.34 -4.89
C HIS C 201 -36.63 -2.84 -6.07
N HIS C 202 -35.31 -2.76 -5.99
CA HIS C 202 -34.44 -3.55 -6.85
C HIS C 202 -34.69 -3.24 -8.33
N ARG C 203 -34.86 -1.96 -8.65
CA ARG C 203 -35.11 -1.50 -10.01
C ARG C 203 -34.06 -0.50 -10.46
N ILE C 204 -33.07 -0.95 -11.23
CA ILE C 204 -32.07 -0.07 -11.82
C ILE C 204 -32.13 -0.20 -13.34
N TRP C 205 -31.95 0.91 -14.02
CA TRP C 205 -31.93 0.96 -15.49
C TRP C 205 -30.64 1.64 -16.00
N THR C 206 -29.73 0.87 -16.60
CA THR C 206 -28.57 1.50 -17.23
C THR C 206 -28.94 1.98 -18.62
N VAL C 207 -28.74 3.26 -18.90
CA VAL C 207 -29.21 3.84 -20.18
C VAL C 207 -28.12 4.59 -20.94
N GLY C 208 -26.86 4.44 -20.52
CA GLY C 208 -25.80 5.27 -21.04
C GLY C 208 -24.93 4.58 -22.07
N PRO C 209 -23.99 5.34 -22.68
CA PRO C 209 -23.85 6.78 -22.48
C PRO C 209 -24.95 7.58 -23.19
N LEU C 210 -25.60 8.48 -22.46
CA LEU C 210 -26.59 9.32 -23.12
C LEU C 210 -25.89 10.26 -24.09
N LEU C 211 -26.40 10.29 -25.38
CA LEU C 211 -25.82 11.14 -26.41
C LEU C 211 -26.66 12.39 -26.62
N PRO C 212 -26.03 13.50 -27.02
CA PRO C 212 -26.74 14.76 -27.18
C PRO C 212 -27.59 14.84 -28.46
N PHE C 213 -28.38 15.90 -28.50
CA PHE C 213 -29.16 16.32 -29.67
C PHE C 213 -28.50 17.60 -30.23
N VAL C 217 -25.74 21.78 -31.45
CA VAL C 217 -26.47 21.84 -30.20
C VAL C 217 -25.66 22.59 -29.13
N ASP C 218 -26.21 23.70 -28.64
CA ASP C 218 -25.74 24.24 -27.36
C ASP C 218 -25.80 23.14 -26.31
N ARG C 219 -24.66 22.89 -25.67
CA ARG C 219 -24.64 21.78 -24.73
C ARG C 219 -24.42 22.27 -23.29
N GLY C 220 -25.15 23.29 -22.90
CA GLY C 220 -25.33 23.62 -21.49
C GLY C 220 -24.25 24.34 -20.69
N GLY C 221 -23.75 25.47 -21.18
CA GLY C 221 -24.50 26.28 -22.13
C GLY C 221 -24.05 26.65 -23.54
N GLN C 222 -23.59 27.88 -23.69
CA GLN C 222 -23.30 28.46 -25.01
C GLN C 222 -21.83 28.82 -25.05
N SER C 223 -21.12 28.23 -26.00
CA SER C 223 -19.66 28.24 -25.95
C SER C 223 -19.11 29.66 -26.14
N SER C 224 -18.29 30.10 -25.18
CA SER C 224 -17.77 31.47 -25.10
C SER C 224 -16.92 31.91 -26.29
N ILE C 225 -16.73 31.01 -27.26
CA ILE C 225 -16.17 31.36 -28.57
C ILE C 225 -16.98 30.56 -29.58
N PRO C 226 -17.53 31.18 -30.64
CA PRO C 226 -18.50 30.50 -31.53
C PRO C 226 -17.90 29.26 -32.18
N PRO C 227 -18.60 28.12 -32.12
CA PRO C 227 -18.05 26.89 -32.75
C PRO C 227 -17.74 27.04 -34.22
N ALA C 228 -18.26 28.05 -34.91
CA ALA C 228 -17.71 28.37 -36.23
C ALA C 228 -16.20 28.65 -36.14
N LYS C 229 -15.78 29.42 -35.13
CA LYS C 229 -14.38 29.81 -34.97
C LYS C 229 -13.51 28.68 -34.44
N VAL C 230 -14.04 27.85 -33.54
CA VAL C 230 -13.23 26.81 -32.88
C VAL C 230 -12.98 25.61 -33.79
N SER C 231 -13.99 25.21 -34.58
CA SER C 231 -13.85 24.06 -35.47
C SER C 231 -12.90 24.32 -36.61
N ALA C 232 -12.89 25.55 -37.15
CA ALA C 232 -11.98 25.88 -38.25
C ALA C 232 -10.54 25.92 -37.79
N TRP C 233 -10.31 26.15 -36.49
CA TRP C 233 -8.98 26.06 -35.92
C TRP C 233 -8.49 24.61 -35.87
N LEU C 234 -9.38 23.69 -35.48
CA LEU C 234 -8.99 22.29 -35.35
C LEU C 234 -8.84 21.60 -36.72
N ASP C 235 -9.72 21.91 -37.69
CA ASP C 235 -9.53 21.38 -39.05
C ASP C 235 -8.15 21.68 -39.60
N SER C 236 -7.55 22.79 -39.19
CA SER C 236 -6.23 23.18 -39.68
C SER C 236 -5.14 22.72 -38.72
N CYS C 237 -5.17 21.43 -38.41
CA CYS C 237 -4.07 20.74 -37.74
C CYS C 237 -3.65 19.59 -38.63
N PRO C 238 -2.38 19.51 -39.02
CA PRO C 238 -2.00 18.55 -40.07
C PRO C 238 -2.27 17.10 -39.70
N GLU C 239 -1.43 16.58 -38.81
CA GLU C 239 -1.48 15.20 -38.39
C GLU C 239 -2.79 14.95 -37.66
N ASP C 240 -3.66 14.11 -38.23
CA ASP C 240 -5.01 13.92 -37.71
C ASP C 240 -5.02 13.72 -36.19
N ASN C 241 -4.76 12.53 -35.69
CA ASN C 241 -4.87 12.33 -34.24
C ASN C 241 -3.78 13.04 -33.42
N SER C 242 -3.60 14.36 -33.59
CA SER C 242 -2.47 15.05 -32.97
C SER C 242 -2.72 16.14 -31.91
N VAL C 243 -3.97 16.61 -31.69
CA VAL C 243 -4.23 17.73 -30.77
C VAL C 243 -4.69 17.25 -29.40
N VAL C 244 -4.27 17.97 -28.36
CA VAL C 244 -4.51 17.59 -26.96
C VAL C 244 -5.52 18.56 -26.34
N TYR C 245 -6.72 18.05 -25.99
CA TYR C 245 -7.73 18.87 -25.32
C TYR C 245 -7.52 18.87 -23.81
N VAL C 246 -7.65 20.05 -23.20
CA VAL C 246 -7.52 20.22 -21.75
C VAL C 246 -8.80 20.84 -21.21
N GLY C 247 -9.54 20.08 -20.39
CA GLY C 247 -10.77 20.58 -19.81
C GLY C 247 -11.20 19.86 -18.55
N PHE C 248 -11.27 20.61 -17.45
CA PHE C 248 -11.64 20.07 -16.15
C PHE C 248 -13.13 20.29 -15.85
N GLY C 249 -13.96 20.42 -16.90
CA GLY C 249 -15.41 20.33 -16.72
C GLY C 249 -16.09 21.62 -16.28
N SER C 250 -17.30 21.46 -15.73
CA SER C 250 -18.08 22.61 -15.32
C SER C 250 -17.68 23.10 -13.94
N GLN C 251 -17.15 22.24 -13.09
CA GLN C 251 -17.04 22.61 -11.68
C GLN C 251 -15.69 23.19 -11.28
N ILE C 252 -14.58 22.86 -11.96
CA ILE C 252 -13.24 23.08 -11.43
C ILE C 252 -12.66 24.42 -11.85
N ARG C 253 -11.92 25.06 -10.93
CA ARG C 253 -11.11 26.27 -11.19
C ARG C 253 -9.74 26.10 -10.53
N LEU C 254 -8.69 25.87 -11.33
CA LEU C 254 -7.36 25.59 -10.79
C LEU C 254 -6.76 26.83 -10.15
N THR C 255 -5.81 26.63 -9.25
CA THR C 255 -5.20 27.76 -8.58
C THR C 255 -4.29 28.51 -9.54
N ALA C 256 -3.82 29.68 -9.07
CA ALA C 256 -2.81 30.45 -9.79
C ALA C 256 -1.56 29.61 -10.02
N GLU C 257 -1.10 28.91 -8.98
CA GLU C 257 0.08 28.06 -9.11
C GLU C 257 -0.15 26.93 -10.11
N GLN C 258 -1.29 26.22 -9.97
CA GLN C 258 -1.56 25.07 -10.83
C GLN C 258 -1.71 25.50 -12.27
N THR C 259 -2.43 26.60 -12.51
CA THR C 259 -2.62 27.05 -13.87
C THR C 259 -1.28 27.36 -14.50
N ALA C 260 -0.37 27.88 -13.68
CA ALA C 260 0.96 28.25 -14.16
C ALA C 260 1.79 27.03 -14.51
N ALA C 261 1.75 25.98 -13.69
CA ALA C 261 2.56 24.81 -14.00
C ALA C 261 2.02 24.02 -15.18
N LEU C 262 0.70 23.99 -15.34
CA LEU C 262 0.11 23.23 -16.45
C LEU C 262 0.43 23.88 -17.80
N ALA C 263 0.29 25.21 -17.89
CA ALA C 263 0.64 25.90 -19.13
C ALA C 263 2.10 25.73 -19.48
N ALA C 264 2.94 25.54 -18.46
CA ALA C 264 4.35 25.26 -18.67
C ALA C 264 4.56 23.92 -19.35
N ALA C 265 3.72 22.94 -19.03
CA ALA C 265 3.82 21.67 -19.73
C ALA C 265 3.37 21.78 -21.18
N LEU C 266 2.27 22.47 -21.44
CA LEU C 266 1.73 22.48 -22.78
C LEU C 266 2.60 23.26 -23.77
N GLU C 267 3.37 24.26 -23.29
CA GLU C 267 4.28 24.96 -24.20
C GLU C 267 5.62 24.24 -24.36
N LYS C 268 6.15 23.63 -23.29
CA LYS C 268 7.36 22.83 -23.39
C LYS C 268 7.15 21.65 -24.35
N SER C 269 5.97 21.06 -24.33
CA SER C 269 5.60 20.03 -25.30
C SER C 269 5.31 20.68 -26.64
N SER C 270 5.77 20.05 -27.73
CA SER C 270 5.45 20.61 -29.03
C SER C 270 4.13 20.11 -29.56
N VAL C 271 3.12 20.00 -28.69
CA VAL C 271 1.78 19.61 -29.09
C VAL C 271 0.96 20.87 -29.27
N ARG C 272 0.00 20.79 -30.19
CA ARG C 272 -1.07 21.75 -30.20
C ARG C 272 -2.12 21.33 -29.17
N PHE C 273 -2.92 22.30 -28.75
CA PHE C 273 -3.84 22.05 -27.65
C PHE C 273 -4.92 23.13 -27.63
N ILE C 274 -6.07 22.77 -27.03
CA ILE C 274 -7.13 23.69 -26.68
C ILE C 274 -7.39 23.52 -25.20
N TRP C 275 -7.37 24.61 -24.46
CA TRP C 275 -7.40 24.56 -23.01
C TRP C 275 -8.58 25.41 -22.54
N ALA C 276 -9.59 24.77 -21.94
CA ALA C 276 -10.77 25.50 -21.46
C ALA C 276 -10.61 25.87 -19.99
N VAL C 277 -10.81 27.16 -19.69
CA VAL C 277 -10.73 27.71 -18.32
C VAL C 277 -11.99 28.53 -18.09
N ARG C 278 -12.75 28.20 -17.04
CA ARG C 278 -13.93 29.00 -16.70
C ARG C 278 -13.69 29.83 -15.44
N ASP C 279 -14.73 30.48 -14.91
CA ASP C 279 -14.57 31.40 -13.79
C ASP C 279 -15.57 31.10 -12.66
N ALA C 280 -15.45 31.86 -11.52
CA ALA C 280 -16.24 31.64 -10.29
C ALA C 280 -17.01 32.86 -9.81
N ALA C 281 -18.11 32.65 -9.06
CA ALA C 281 -18.94 33.73 -8.51
C ALA C 281 -19.14 33.61 -7.00
N LYS C 282 -19.23 34.75 -6.33
CA LYS C 282 -19.36 34.84 -4.87
C LYS C 282 -20.29 36.00 -4.52
N LYS C 283 -20.70 36.04 -3.24
CA LYS C 283 -21.33 37.15 -2.47
C LYS C 283 -22.61 36.68 -1.82
N PRO C 297 -9.38 40.39 -11.25
CA PRO C 297 -8.66 39.12 -11.32
C PRO C 297 -8.70 38.47 -12.72
N ALA C 298 -7.53 38.12 -13.26
CA ALA C 298 -7.43 37.39 -14.52
C ALA C 298 -6.26 36.41 -14.44
N GLY C 299 -6.54 35.12 -14.61
CA GLY C 299 -5.54 34.08 -14.44
C GLY C 299 -4.72 33.73 -15.66
N PHE C 300 -4.88 34.47 -16.76
CA PHE C 300 -4.23 34.13 -18.02
C PHE C 300 -2.70 34.31 -17.93
N GLU C 301 -1.97 33.33 -18.50
CA GLU C 301 -0.51 33.32 -18.44
C GLU C 301 0.11 34.07 -19.61
N GLU C 302 1.04 34.98 -19.31
CA GLU C 302 1.57 35.93 -20.29
C GLU C 302 2.40 35.23 -21.38
N ARG C 303 1.98 35.37 -22.63
CA ARG C 303 0.83 36.21 -22.97
C ARG C 303 -0.22 35.50 -23.87
N VAL C 304 -0.47 34.20 -23.64
CA VAL C 304 -1.28 33.33 -24.52
C VAL C 304 -0.55 33.18 -25.85
N LYS C 305 0.53 33.96 -26.03
CA LYS C 305 1.35 34.10 -27.23
C LYS C 305 2.04 32.85 -27.76
N GLU C 306 1.74 31.69 -27.20
CA GLU C 306 2.30 30.49 -27.84
C GLU C 306 1.57 30.15 -29.14
N LYS C 307 0.35 30.67 -29.32
CA LYS C 307 -0.43 30.47 -30.53
C LYS C 307 -0.31 29.03 -31.00
N GLY C 308 -0.52 28.11 -30.05
CA GLY C 308 -0.67 26.69 -30.27
C GLY C 308 -2.02 26.02 -30.02
N LEU C 309 -3.08 26.62 -29.42
CA LEU C 309 -3.24 27.99 -28.87
C LEU C 309 -4.35 28.15 -27.77
N VAL C 310 -5.64 28.06 -28.14
CA VAL C 310 -6.69 28.88 -27.54
C VAL C 310 -7.06 28.64 -26.07
N ILE C 311 -7.98 29.47 -25.56
CA ILE C 311 -8.34 29.67 -24.15
C ILE C 311 -9.83 30.04 -24.10
N ARG C 312 -10.43 30.00 -22.91
CA ARG C 312 -11.87 30.17 -22.71
C ARG C 312 -12.11 31.05 -21.47
N GLY C 313 -13.31 31.07 -20.85
CA GLY C 313 -14.65 30.73 -21.34
C GLY C 313 -15.62 29.61 -20.82
N TRP C 314 -16.33 29.00 -21.78
CA TRP C 314 -17.02 27.72 -21.66
C TRP C 314 -17.05 27.17 -23.07
N ALA C 315 -16.55 25.96 -23.29
CA ALA C 315 -16.18 25.53 -24.64
C ALA C 315 -17.16 24.54 -25.23
N PRO C 316 -17.16 24.35 -26.57
CA PRO C 316 -17.96 23.25 -27.13
C PRO C 316 -17.10 22.00 -27.12
N GLN C 317 -17.12 21.36 -25.96
CA GLN C 317 -16.23 20.24 -25.66
C GLN C 317 -16.51 19.02 -26.54
N THR C 318 -17.77 18.61 -26.64
CA THR C 318 -18.09 17.43 -27.42
C THR C 318 -17.78 17.62 -28.89
N MET C 319 -17.92 18.84 -29.42
CA MET C 319 -17.53 19.07 -30.81
C MET C 319 -16.01 18.98 -30.97
N ILE C 320 -15.27 19.45 -29.97
CA ILE C 320 -13.83 19.31 -29.98
C ILE C 320 -13.46 17.83 -29.93
N LEU C 321 -13.99 17.10 -28.96
CA LEU C 321 -13.57 15.72 -28.77
C LEU C 321 -14.04 14.82 -29.92
N GLU C 322 -15.14 15.17 -30.61
CA GLU C 322 -15.59 14.42 -31.78
C GLU C 322 -14.70 14.64 -33.02
N HIS C 323 -13.99 15.77 -33.09
CA HIS C 323 -13.16 16.13 -34.24
C HIS C 323 -12.03 15.14 -34.53
N ARG C 324 -11.58 15.15 -35.79
CA ARG C 324 -10.48 14.30 -36.25
C ARG C 324 -9.16 14.63 -35.58
N ALA C 325 -8.94 15.92 -35.32
CA ALA C 325 -7.63 16.40 -34.88
C ALA C 325 -7.28 16.11 -33.44
N VAL C 326 -8.24 15.73 -32.61
CA VAL C 326 -8.01 15.58 -31.18
C VAL C 326 -7.91 14.11 -30.86
N GLY C 327 -6.83 13.74 -30.18
CA GLY C 327 -6.60 12.36 -29.84
C GLY C 327 -6.24 12.22 -28.37
N SER C 328 -6.35 13.32 -27.61
CA SER C 328 -6.15 13.24 -26.16
C SER C 328 -7.07 14.19 -25.40
N TYR C 329 -7.32 13.83 -24.15
CA TYR C 329 -8.17 14.58 -23.23
C TYR C 329 -7.56 14.44 -21.85
N LEU C 330 -7.01 15.54 -21.34
CA LEU C 330 -6.52 15.69 -19.98
C LEU C 330 -7.70 16.11 -19.11
N THR C 331 -8.17 15.20 -18.25
CA THR C 331 -9.49 15.33 -17.63
C THR C 331 -9.36 15.32 -16.13
N HIS C 332 -10.35 15.91 -15.48
CA HIS C 332 -10.67 15.63 -14.08
C HIS C 332 -11.28 14.25 -13.92
N LEU C 333 -11.62 13.59 -15.02
CA LEU C 333 -12.22 12.28 -15.01
C LEU C 333 -13.58 12.29 -14.32
N GLY C 334 -14.38 13.35 -14.53
CA GLY C 334 -15.77 13.29 -14.21
C GLY C 334 -16.52 12.36 -15.15
N TRP C 335 -17.62 11.75 -14.66
CA TRP C 335 -18.19 10.62 -15.39
C TRP C 335 -18.83 11.03 -16.71
N GLY C 336 -19.40 12.24 -16.78
CA GLY C 336 -19.91 12.70 -18.06
C GLY C 336 -18.80 12.90 -19.08
N SER C 337 -17.70 13.55 -18.66
CA SER C 337 -16.60 13.85 -19.57
C SER C 337 -15.86 12.61 -20.00
N VAL C 338 -15.84 11.59 -19.13
CA VAL C 338 -15.22 10.31 -19.49
C VAL C 338 -15.98 9.65 -20.63
N LEU C 339 -17.31 9.66 -20.57
CA LEU C 339 -18.08 9.04 -21.62
C LEU C 339 -17.92 9.80 -22.93
N GLU C 340 -17.89 11.14 -22.86
CA GLU C 340 -17.64 11.97 -24.05
C GLU C 340 -16.25 11.70 -24.65
N GLY C 341 -15.24 11.48 -23.81
CA GLY C 341 -13.92 11.17 -24.32
C GLY C 341 -13.86 9.80 -24.98
N MET C 342 -14.75 8.89 -24.58
CA MET C 342 -14.83 7.58 -25.19
C MET C 342 -15.69 7.58 -26.45
N VAL C 343 -16.79 8.34 -26.48
CA VAL C 343 -17.57 8.40 -27.72
C VAL C 343 -16.74 9.08 -28.81
N GLY C 344 -15.82 9.98 -28.44
CA GLY C 344 -14.88 10.53 -29.41
C GLY C 344 -13.66 9.67 -29.64
N GLY C 345 -13.39 8.71 -28.76
CA GLY C 345 -12.23 7.84 -28.89
C GLY C 345 -10.88 8.51 -28.72
N VAL C 346 -10.60 9.09 -27.56
CA VAL C 346 -9.34 9.78 -27.33
C VAL C 346 -8.67 9.23 -26.10
N MET C 347 -7.34 9.33 -26.06
CA MET C 347 -6.58 8.96 -24.87
C MET C 347 -7.03 9.82 -23.70
N LEU C 348 -7.22 9.19 -22.55
CA LEU C 348 -7.67 9.89 -21.36
C LEU C 348 -6.51 10.02 -20.40
N LEU C 349 -6.13 11.25 -20.11
CA LEU C 349 -5.14 11.52 -19.08
C LEU C 349 -5.91 12.09 -17.90
N ALA C 350 -5.91 11.36 -16.80
CA ALA C 350 -6.81 11.64 -15.71
C ALA C 350 -6.09 12.49 -14.67
N TRP C 351 -6.81 13.45 -14.12
CA TRP C 351 -6.31 14.26 -13.01
C TRP C 351 -7.49 14.42 -12.05
N PRO C 352 -7.74 13.40 -11.21
CA PRO C 352 -8.93 13.39 -10.36
C PRO C 352 -8.85 14.43 -9.26
N MET C 353 -10.00 14.95 -8.87
CA MET C 353 -9.97 16.01 -7.86
C MET C 353 -11.09 15.95 -6.83
N GLN C 354 -12.26 15.44 -7.14
CA GLN C 354 -13.42 15.58 -6.28
C GLN C 354 -14.53 14.75 -6.89
N ALA C 355 -15.67 14.66 -6.19
CA ALA C 355 -16.84 13.97 -6.73
C ALA C 355 -16.43 12.52 -7.03
N ASP C 356 -16.68 11.98 -8.21
CA ASP C 356 -16.31 10.60 -8.44
C ASP C 356 -14.89 10.40 -8.80
N HIS C 357 -14.16 11.48 -9.09
CA HIS C 357 -12.94 11.37 -9.88
C HIS C 357 -12.03 10.31 -9.35
N PHE C 358 -12.02 10.13 -8.04
CA PHE C 358 -11.23 9.07 -7.47
C PHE C 358 -11.90 7.73 -7.68
N PHE C 359 -13.21 7.61 -7.45
CA PHE C 359 -13.92 6.40 -7.84
C PHE C 359 -13.68 6.08 -9.32
N ASN C 360 -13.74 7.09 -10.18
CA ASN C 360 -13.57 6.82 -11.59
C ASN C 360 -12.15 6.39 -11.88
N THR C 361 -11.17 6.92 -11.15
CA THR C 361 -9.79 6.51 -11.41
C THR C 361 -9.62 5.05 -11.05
N THR C 362 -10.22 4.62 -9.94
CA THR C 362 -10.16 3.21 -9.52
C THR C 362 -10.75 2.28 -10.56
N LEU C 363 -11.87 2.68 -11.19
CA LEU C 363 -12.48 1.88 -12.25
C LEU C 363 -11.74 1.99 -13.57
N ILE C 364 -11.31 3.18 -13.95
CA ILE C 364 -10.93 3.43 -15.32
C ILE C 364 -9.42 3.31 -15.52
N VAL C 365 -8.61 3.79 -14.59
CA VAL C 365 -7.17 3.61 -14.71
C VAL C 365 -6.73 2.28 -14.14
N ASP C 366 -7.22 1.90 -12.98
CA ASP C 366 -6.74 0.71 -12.30
C ASP C 366 -7.46 -0.52 -12.80
N LYS C 367 -8.68 -0.76 -12.34
CA LYS C 367 -9.38 -2.00 -12.66
C LYS C 367 -9.42 -2.23 -14.16
N LEU C 368 -9.68 -1.20 -14.94
CA LEU C 368 -9.90 -1.40 -16.36
C LEU C 368 -8.67 -1.18 -17.21
N ARG C 369 -7.69 -0.43 -16.71
CA ARG C 369 -6.46 -0.15 -17.44
C ARG C 369 -6.81 0.49 -18.79
N ALA C 370 -7.48 1.64 -18.71
CA ALA C 370 -8.01 2.33 -19.90
C ALA C 370 -7.69 3.81 -19.96
N ALA C 371 -6.75 4.28 -19.14
CA ALA C 371 -6.42 5.71 -19.08
C ALA C 371 -5.14 5.84 -18.30
N VAL C 372 -4.48 6.98 -18.43
CA VAL C 372 -3.27 7.25 -17.67
C VAL C 372 -3.54 8.40 -16.71
N ARG C 373 -3.13 8.21 -15.45
CA ARG C 373 -3.28 9.24 -14.43
C ARG C 373 -2.10 10.22 -14.49
N VAL C 374 -2.38 11.52 -14.63
CA VAL C 374 -1.30 12.51 -14.77
C VAL C 374 -1.41 13.65 -13.76
N GLY C 375 -2.13 13.42 -12.65
CA GLY C 375 -2.24 14.40 -11.57
C GLY C 375 -2.77 13.70 -10.33
N GLU C 376 -2.51 14.26 -9.15
CA GLU C 376 -2.78 13.52 -7.93
C GLU C 376 -4.02 14.02 -7.20
N ASN C 377 -3.94 15.16 -6.53
CA ASN C 377 -5.00 15.62 -5.66
C ASN C 377 -5.54 16.92 -6.24
N ARG C 378 -6.58 17.46 -5.62
CA ARG C 378 -7.15 18.70 -6.14
C ARG C 378 -6.17 19.84 -6.09
N ASP C 379 -5.24 19.84 -5.13
CA ASP C 379 -4.27 20.93 -4.98
C ASP C 379 -2.86 20.61 -5.44
N SER C 380 -2.61 19.41 -5.96
CA SER C 380 -1.32 19.11 -6.54
C SER C 380 -0.96 20.10 -7.67
N VAL C 381 0.34 20.29 -7.85
CA VAL C 381 0.91 21.23 -8.82
C VAL C 381 1.85 20.39 -9.68
N PRO C 382 1.49 20.07 -10.93
CA PRO C 382 2.30 19.10 -11.67
C PRO C 382 3.72 19.61 -11.79
N ASP C 383 4.66 18.68 -11.78
CA ASP C 383 6.02 19.03 -12.14
C ASP C 383 6.01 19.28 -13.64
N SER C 384 6.37 20.50 -14.06
CA SER C 384 6.03 20.88 -15.43
C SER C 384 6.80 20.06 -16.43
N ASP C 385 8.00 19.61 -16.07
CA ASP C 385 8.78 18.78 -16.97
C ASP C 385 8.21 17.37 -17.05
N LYS C 386 7.88 16.78 -15.91
CA LYS C 386 7.27 15.47 -15.89
C LYS C 386 5.96 15.45 -16.70
N LEU C 387 5.06 16.41 -16.44
CA LEU C 387 3.79 16.41 -17.15
C LEU C 387 3.99 16.76 -18.62
N ALA C 388 5.03 17.52 -18.96
CA ALA C 388 5.22 17.87 -20.35
C ALA C 388 5.60 16.67 -21.19
N ARG C 389 6.28 15.70 -20.59
CA ARG C 389 6.67 14.52 -21.34
C ARG C 389 5.48 13.62 -21.60
N ILE C 390 4.63 13.41 -20.59
CA ILE C 390 3.46 12.59 -20.81
C ILE C 390 2.51 13.27 -21.79
N LEU C 391 2.55 14.60 -21.83
CA LEU C 391 1.67 15.35 -22.72
C LEU C 391 2.08 15.18 -24.17
N ALA C 392 3.36 15.43 -24.47
CA ALA C 392 3.84 15.29 -25.85
C ALA C 392 3.89 13.84 -26.30
N GLU C 393 4.34 12.91 -25.45
CA GLU C 393 4.35 11.50 -25.83
C GLU C 393 2.96 10.91 -25.87
N SER C 394 1.93 11.66 -25.51
CA SER C 394 0.55 11.24 -25.73
C SER C 394 0.02 11.65 -27.10
N ALA C 395 0.43 12.85 -27.57
CA ALA C 395 -0.05 13.38 -28.85
C ALA C 395 0.22 12.42 -30.00
N ARG C 396 1.27 11.62 -29.87
CA ARG C 396 1.57 10.43 -30.67
C ARG C 396 2.81 9.85 -30.00
N GLU C 397 3.00 8.53 -30.07
CA GLU C 397 2.10 7.60 -30.72
C GLU C 397 0.77 7.43 -29.97
N ASP C 398 -0.15 6.69 -30.60
CA ASP C 398 -1.29 6.10 -29.89
C ASP C 398 -0.83 5.30 -28.68
N LEU C 399 -1.14 5.75 -27.46
CA LEU C 399 -0.70 5.04 -26.27
C LEU C 399 -1.46 3.73 -26.10
N PRO C 400 -0.87 2.75 -25.40
CA PRO C 400 -1.49 1.41 -25.36
C PRO C 400 -2.81 1.39 -24.61
N GLU C 401 -2.95 2.20 -23.57
CA GLU C 401 -4.22 2.26 -22.86
C GLU C 401 -5.35 2.81 -23.72
N ARG C 402 -5.05 3.42 -24.86
CA ARG C 402 -6.11 3.93 -25.72
C ARG C 402 -6.84 2.81 -26.44
N VAL C 403 -6.17 1.69 -26.73
CA VAL C 403 -6.86 0.58 -27.41
C VAL C 403 -7.85 -0.10 -26.46
N THR C 404 -7.50 -0.20 -25.18
CA THR C 404 -8.44 -0.73 -24.20
C THR C 404 -9.64 0.19 -24.05
N LEU C 405 -9.40 1.50 -24.10
CA LEU C 405 -10.50 2.46 -24.17
C LEU C 405 -11.40 2.18 -25.37
N MET C 406 -10.79 1.91 -26.54
CA MET C 406 -11.56 1.73 -27.76
C MET C 406 -12.31 0.41 -27.79
N LYS C 407 -11.82 -0.61 -27.07
CA LYS C 407 -12.60 -1.83 -26.91
C LYS C 407 -13.80 -1.58 -26.03
N LEU C 408 -13.79 -0.53 -25.24
CA LEU C 408 -15.00 -0.15 -24.54
C LEU C 408 -15.89 0.75 -25.39
N ARG C 409 -15.33 1.69 -26.15
CA ARG C 409 -16.17 2.48 -27.04
C ARG C 409 -16.98 1.58 -27.95
N GLU C 410 -16.38 0.52 -28.47
CA GLU C 410 -17.15 -0.36 -29.34
C GLU C 410 -18.21 -1.10 -28.54
N LYS C 411 -17.89 -1.48 -27.29
CA LYS C 411 -18.88 -2.10 -26.41
C LYS C 411 -20.00 -1.11 -26.02
N ALA C 412 -19.66 0.16 -25.80
CA ALA C 412 -20.71 1.12 -25.46
C ALA C 412 -21.64 1.33 -26.64
N MET C 413 -21.10 1.35 -27.87
CA MET C 413 -21.94 1.56 -29.05
C MET C 413 -22.88 0.38 -29.27
N GLU C 414 -22.48 -0.82 -28.87
CA GLU C 414 -23.39 -1.95 -28.96
C GLU C 414 -24.49 -1.85 -27.92
N ALA C 415 -24.18 -1.23 -26.78
CA ALA C 415 -25.14 -1.14 -25.69
C ALA C 415 -26.24 -0.12 -25.92
N ILE C 416 -25.92 1.07 -26.44
CA ILE C 416 -26.89 2.17 -26.39
C ILE C 416 -28.02 1.96 -27.39
N LYS C 417 -27.69 1.55 -28.61
CA LYS C 417 -28.70 1.32 -29.63
C LYS C 417 -28.13 0.29 -30.58
N GLU C 418 -29.00 -0.45 -31.25
CA GLU C 418 -30.39 -0.66 -30.94
C GLU C 418 -30.42 -2.12 -30.54
N GLY C 419 -31.09 -2.47 -29.46
CA GLY C 419 -31.07 -3.83 -28.99
C GLY C 419 -30.05 -4.11 -27.90
N GLY C 420 -29.30 -3.08 -27.48
CA GLY C 420 -28.31 -3.26 -26.44
C GLY C 420 -28.91 -3.08 -25.06
N SER C 421 -28.05 -3.23 -24.05
CA SER C 421 -28.48 -3.13 -22.67
C SER C 421 -29.21 -1.81 -22.40
N SER C 422 -28.73 -0.72 -22.97
CA SER C 422 -29.24 0.63 -22.66
C SER C 422 -30.43 1.06 -23.50
N TYR C 423 -30.53 0.64 -24.76
CA TYR C 423 -31.78 0.75 -25.50
C TYR C 423 -32.87 -0.10 -24.85
N LYS C 424 -32.55 -1.32 -24.42
CA LYS C 424 -33.54 -2.15 -23.75
C LYS C 424 -34.07 -1.46 -22.52
N ASN C 425 -33.18 -0.89 -21.71
CA ASN C 425 -33.63 -0.26 -20.49
C ASN C 425 -34.42 1.02 -20.74
N LEU C 426 -34.07 1.80 -21.77
CA LEU C 426 -34.81 3.03 -22.03
C LEU C 426 -36.25 2.74 -22.46
N ASP C 427 -36.45 1.68 -23.24
CA ASP C 427 -37.80 1.25 -23.57
C ASP C 427 -38.51 0.63 -22.36
N GLU C 428 -37.82 -0.26 -21.65
CA GLU C 428 -38.39 -0.86 -20.45
C GLU C 428 -38.82 0.23 -19.46
N LEU C 429 -38.04 1.31 -19.41
CA LEU C 429 -38.34 2.45 -18.55
C LEU C 429 -39.62 3.18 -18.97
N VAL C 430 -39.71 3.64 -20.22
CA VAL C 430 -40.91 4.40 -20.61
C VAL C 430 -42.16 3.55 -20.43
N ALA C 431 -42.08 2.25 -20.74
CA ALA C 431 -43.21 1.38 -20.50
C ALA C 431 -43.52 1.29 -19.01
N GLU C 432 -42.49 1.09 -18.19
CA GLU C 432 -42.74 0.93 -16.76
C GLU C 432 -43.44 2.16 -16.18
N MET C 433 -43.13 3.35 -16.66
CA MET C 433 -43.74 4.53 -16.09
C MET C 433 -45.25 4.57 -16.33
N CYS C 434 -45.77 3.75 -17.23
CA CYS C 434 -47.20 3.74 -17.48
C CYS C 434 -47.96 2.91 -16.45
N LEU C 435 -47.28 1.95 -15.85
CA LEU C 435 -47.88 1.05 -14.89
C LEU C 435 -48.38 1.78 -13.64
N LYS D 7 0.10 -23.20 35.42
CA LYS D 7 1.39 -23.05 34.76
C LYS D 7 2.24 -24.34 34.84
N LYS D 8 1.77 -25.38 34.13
CA LYS D 8 2.50 -26.65 33.98
C LYS D 8 2.20 -27.25 32.61
N PRO D 9 2.74 -26.64 31.52
CA PRO D 9 2.60 -27.27 30.20
C PRO D 9 3.82 -28.08 29.85
N HIS D 10 3.64 -29.22 29.22
CA HIS D 10 4.79 -29.98 28.75
C HIS D 10 5.10 -29.51 27.36
N VAL D 11 6.29 -28.94 27.16
CA VAL D 11 6.65 -28.26 25.91
C VAL D 11 7.74 -29.05 25.21
N LEU D 12 7.52 -29.41 23.95
CA LEU D 12 8.58 -29.99 23.11
C LEU D 12 9.26 -28.88 22.33
N VAL D 13 10.57 -28.72 22.55
CA VAL D 13 11.37 -27.63 21.99
C VAL D 13 12.24 -28.22 20.88
N ILE D 14 12.13 -27.66 19.68
CA ILE D 14 12.91 -28.07 18.52
C ILE D 14 13.59 -26.86 17.91
N PRO D 15 14.81 -26.52 18.33
CA PRO D 15 15.49 -25.35 17.80
C PRO D 15 16.15 -25.64 16.48
N PHE D 16 16.42 -24.58 15.74
CA PHE D 16 17.18 -24.73 14.52
C PHE D 16 18.66 -24.82 14.89
N PRO D 17 19.38 -25.83 14.38
CA PRO D 17 20.76 -26.05 14.81
C PRO D 17 21.72 -24.95 14.45
N GLN D 18 21.33 -23.69 14.41
CA GLN D 18 22.29 -22.64 14.09
C GLN D 18 22.42 -21.73 15.29
N SER D 19 23.64 -21.21 15.49
CA SER D 19 23.91 -20.48 16.73
C SER D 19 22.98 -19.31 16.90
N GLY D 20 22.80 -18.50 15.85
CA GLY D 20 21.92 -17.35 15.93
C GLY D 20 20.49 -17.69 16.28
N HIS D 21 20.08 -18.93 16.01
CA HIS D 21 18.76 -19.50 16.33
C HIS D 21 18.73 -20.27 17.64
N MET D 22 19.66 -21.21 17.85
CA MET D 22 19.59 -22.06 19.03
C MET D 22 19.96 -21.28 20.30
N VAL D 23 20.85 -20.26 20.21
CA VAL D 23 21.28 -19.55 21.43
C VAL D 23 20.14 -18.86 22.16
N PRO D 24 19.29 -18.02 21.54
CA PRO D 24 18.19 -17.46 22.32
C PRO D 24 17.09 -18.49 22.54
N HIS D 25 16.92 -19.44 21.64
CA HIS D 25 15.84 -20.42 21.76
C HIS D 25 15.97 -21.24 23.04
N LEU D 26 17.19 -21.46 23.52
CA LEU D 26 17.41 -22.17 24.79
C LEU D 26 17.25 -21.23 25.98
N ASP D 27 17.55 -19.95 25.77
CA ASP D 27 17.27 -18.96 26.79
C ASP D 27 15.76 -18.85 27.04
N LEU D 28 14.95 -18.92 25.96
CA LEU D 28 13.50 -19.05 26.07
C LEU D 28 13.08 -20.36 26.72
N THR D 29 13.83 -21.46 26.45
CA THR D 29 13.58 -22.74 27.13
C THR D 29 13.77 -22.61 28.64
N HIS D 30 14.86 -21.95 29.05
CA HIS D 30 15.07 -21.64 30.46
C HIS D 30 13.89 -20.85 31.05
N GLN D 31 13.37 -19.86 30.32
CA GLN D 31 12.33 -18.99 30.87
C GLN D 31 11.07 -19.77 31.15
N ILE D 32 10.59 -20.61 30.21
CA ILE D 32 9.32 -21.32 30.43
C ILE D 32 9.50 -22.45 31.43
N LEU D 33 10.70 -23.01 31.52
CA LEU D 33 10.97 -23.96 32.58
C LEU D 33 10.77 -23.30 33.95
N LEU D 34 11.19 -22.02 34.08
CA LEU D 34 11.15 -21.29 35.33
C LEU D 34 9.73 -20.98 35.76
N ARG D 35 8.79 -20.91 34.81
CA ARG D 35 7.36 -20.65 35.05
C ARG D 35 6.54 -21.93 35.23
N GLY D 36 7.20 -23.09 35.36
CA GLY D 36 6.56 -24.34 35.68
C GLY D 36 6.45 -25.34 34.55
N ALA D 37 6.87 -25.00 33.33
CA ALA D 37 6.77 -25.96 32.25
C ALA D 37 7.79 -27.06 32.43
N THR D 38 7.45 -28.24 31.95
CA THR D 38 8.41 -29.32 31.78
C THR D 38 8.77 -29.36 30.32
N VAL D 39 10.02 -29.68 30.03
CA VAL D 39 10.65 -29.40 28.73
C VAL D 39 11.43 -30.60 28.19
N THR D 40 11.14 -30.97 26.94
CA THR D 40 11.97 -31.88 26.14
C THR D 40 12.61 -31.12 24.98
N VAL D 41 13.92 -31.23 24.85
CA VAL D 41 14.65 -30.58 23.77
C VAL D 41 15.05 -31.65 22.76
N LEU D 42 14.67 -31.45 21.49
CA LEU D 42 15.05 -32.35 20.40
C LEU D 42 16.35 -31.86 19.82
N VAL D 43 17.39 -32.69 19.90
CA VAL D 43 18.72 -32.35 19.38
C VAL D 43 19.29 -33.57 18.71
N THR D 44 20.04 -33.38 17.64
CA THR D 44 20.85 -34.49 17.15
C THR D 44 22.06 -34.55 18.06
N PRO D 45 22.81 -35.66 18.03
CA PRO D 45 23.76 -35.92 19.14
C PRO D 45 24.86 -34.88 19.28
N LYS D 46 25.48 -34.53 18.18
CA LYS D 46 26.63 -33.64 18.23
C LYS D 46 26.30 -32.34 18.93
N ASN D 47 25.07 -31.85 18.74
CA ASN D 47 24.53 -30.66 19.38
C ASN D 47 24.08 -30.90 20.82
N SER D 48 24.15 -32.13 21.32
CA SER D 48 23.63 -32.39 22.67
C SER D 48 24.43 -31.67 23.74
N SER D 49 25.69 -31.34 23.49
CA SER D 49 26.52 -30.79 24.55
C SER D 49 26.19 -29.34 24.83
N TYR D 50 25.65 -28.63 23.85
CA TYR D 50 25.20 -27.26 24.09
C TYR D 50 24.18 -27.18 25.21
N LEU D 51 23.35 -28.21 25.32
CA LEU D 51 22.32 -28.28 26.35
C LEU D 51 22.89 -28.54 27.73
N ASP D 52 24.20 -28.82 27.84
CA ASP D 52 24.76 -29.20 29.13
C ASP D 52 24.59 -28.09 30.14
N ALA D 53 24.84 -26.83 29.71
CA ALA D 53 24.67 -25.70 30.60
C ALA D 53 23.26 -25.64 31.17
N LEU D 54 22.26 -25.75 30.29
CA LEU D 54 20.85 -25.77 30.70
C LEU D 54 20.51 -26.99 31.54
N ARG D 55 21.14 -28.12 31.25
CA ARG D 55 20.88 -29.33 32.02
C ARG D 55 21.34 -29.17 33.47
N SER D 56 22.44 -28.43 33.69
CA SER D 56 22.93 -28.17 35.03
C SER D 56 21.97 -27.34 35.87
N LEU D 57 20.95 -26.72 35.28
CA LEU D 57 20.07 -25.79 35.99
C LEU D 57 18.74 -26.38 36.41
N HIS D 58 18.34 -27.54 35.86
CA HIS D 58 17.00 -28.07 36.09
C HIS D 58 17.08 -29.57 36.30
N SER D 59 16.27 -30.07 37.21
CA SER D 59 16.32 -31.47 37.59
C SER D 59 15.88 -32.38 36.44
N PRO D 60 16.48 -33.56 36.26
CA PRO D 60 16.06 -34.45 35.15
C PRO D 60 14.59 -34.81 35.14
N GLU D 61 13.89 -34.69 36.26
CA GLU D 61 12.45 -34.96 36.21
C GLU D 61 11.71 -33.86 35.44
N HIS D 62 12.22 -32.62 35.49
CA HIS D 62 11.63 -31.45 34.84
C HIS D 62 12.26 -31.08 33.50
N PHE D 63 13.49 -31.55 33.22
CA PHE D 63 14.19 -31.22 31.98
C PHE D 63 14.69 -32.49 31.33
N LYS D 64 14.02 -32.95 30.27
CA LYS D 64 14.40 -34.12 29.50
C LYS D 64 14.95 -33.71 28.14
N THR D 65 15.65 -34.64 27.51
CA THR D 65 16.39 -34.39 26.27
C THR D 65 16.10 -35.54 25.33
N LEU D 66 15.44 -35.29 24.23
CA LEU D 66 15.23 -36.31 23.21
C LEU D 66 16.32 -36.14 22.18
N ILE D 67 17.08 -37.20 21.91
CA ILE D 67 18.24 -37.10 21.05
C ILE D 67 18.08 -38.12 19.96
N LEU D 68 17.91 -37.66 18.71
CA LEU D 68 17.74 -38.49 17.54
C LEU D 68 18.96 -38.37 16.64
N PRO D 69 19.33 -39.41 15.88
CA PRO D 69 20.45 -39.26 14.95
C PRO D 69 20.09 -38.30 13.81
N PHE D 70 21.08 -37.53 13.36
CA PHE D 70 20.92 -36.56 12.26
C PHE D 70 20.78 -37.27 10.90
N PRO D 71 19.75 -36.97 10.13
CA PRO D 71 19.55 -37.70 8.86
C PRO D 71 20.66 -37.45 7.86
N SER D 72 21.21 -38.54 7.34
CA SER D 72 22.31 -38.47 6.39
C SER D 72 21.87 -37.78 5.10
N HIS D 73 22.67 -36.79 4.67
CA HIS D 73 22.43 -36.07 3.43
C HIS D 73 23.72 -36.01 2.62
N PRO D 74 23.64 -36.30 1.33
CA PRO D 74 24.84 -36.29 0.49
C PRO D 74 25.58 -34.96 0.44
N CYS D 75 24.87 -33.86 0.64
CA CYS D 75 25.43 -32.53 0.48
C CYS D 75 25.87 -31.90 1.78
N ILE D 76 25.59 -32.55 2.91
CA ILE D 76 26.05 -32.09 4.21
C ILE D 76 27.25 -32.94 4.61
N PRO D 77 28.37 -32.33 4.97
CA PRO D 77 29.58 -33.12 5.30
C PRO D 77 29.44 -33.98 6.55
N SER D 78 30.18 -35.09 6.54
CA SER D 78 30.14 -36.05 7.64
C SER D 78 30.54 -35.41 8.96
N GLY D 79 29.86 -35.80 10.03
CA GLY D 79 30.17 -35.32 11.35
C GLY D 79 29.70 -33.93 11.67
N VAL D 80 29.01 -33.24 10.76
CA VAL D 80 28.72 -31.81 10.90
C VAL D 80 27.31 -31.60 11.47
N GLU D 81 27.30 -31.07 12.68
CA GLU D 81 26.08 -30.78 13.43
C GLU D 81 25.07 -29.94 12.65
N SER D 82 25.46 -28.71 12.36
CA SER D 82 24.62 -27.57 12.62
C SER D 82 25.17 -26.39 11.82
N LEU D 83 24.32 -25.78 11.00
CA LEU D 83 24.73 -24.82 9.97
C LEU D 83 25.69 -23.73 10.45
N GLN D 84 25.78 -23.50 11.78
CA GLN D 84 26.73 -22.54 12.34
C GLN D 84 28.16 -22.78 11.91
N GLN D 85 28.50 -23.97 11.41
CA GLN D 85 29.86 -24.26 11.02
C GLN D 85 30.06 -24.53 9.54
N LEU D 86 29.16 -24.14 8.67
CA LEU D 86 29.44 -24.44 7.26
C LEU D 86 29.08 -23.25 6.36
N PRO D 87 29.32 -23.30 5.05
CA PRO D 87 28.89 -22.18 4.19
C PRO D 87 27.40 -21.94 4.25
N LEU D 88 27.03 -20.67 4.33
CA LEU D 88 25.63 -20.31 4.45
C LEU D 88 24.78 -20.88 3.32
N GLU D 89 25.36 -21.14 2.17
CA GLU D 89 24.57 -21.69 1.05
C GLU D 89 23.99 -23.07 1.37
N ALA D 90 24.51 -23.74 2.40
CA ALA D 90 24.01 -25.04 2.80
C ALA D 90 22.64 -25.01 3.47
N ILE D 91 22.11 -23.85 3.83
CA ILE D 91 20.95 -23.85 4.70
C ILE D 91 19.80 -24.62 4.06
N VAL D 92 19.73 -24.62 2.73
CA VAL D 92 18.67 -25.37 2.08
C VAL D 92 18.86 -26.86 2.26
N HIS D 93 20.10 -27.31 2.51
CA HIS D 93 20.34 -28.73 2.77
C HIS D 93 20.08 -29.07 4.24
N MET D 94 20.47 -28.20 5.16
CA MET D 94 20.00 -28.29 6.54
C MET D 94 18.49 -28.46 6.61
N PHE D 95 17.76 -27.63 5.86
CA PHE D 95 16.30 -27.72 5.84
C PHE D 95 15.87 -29.10 5.39
N ASP D 96 16.44 -29.60 4.31
CA ASP D 96 15.94 -30.84 3.78
C ASP D 96 16.28 -32.00 4.72
N ALA D 97 17.49 -32.02 5.25
CA ALA D 97 17.86 -33.12 6.14
C ALA D 97 17.05 -33.08 7.42
N LEU D 98 16.98 -31.92 8.08
CA LEU D 98 16.23 -31.87 9.32
C LEU D 98 14.80 -32.27 9.12
N SER D 99 14.24 -32.08 7.91
CA SER D 99 12.84 -32.39 7.67
C SER D 99 12.57 -33.88 7.68
N ARG D 100 13.61 -34.70 7.58
CA ARG D 100 13.46 -36.14 7.72
C ARG D 100 13.56 -36.58 9.17
N LEU D 101 13.68 -35.65 10.11
CA LEU D 101 13.39 -35.97 11.49
C LEU D 101 11.91 -36.19 11.71
N HIS D 102 11.08 -35.96 10.68
CA HIS D 102 9.63 -35.98 10.87
C HIS D 102 9.17 -37.37 11.26
N ASP D 103 9.63 -38.40 10.55
CA ASP D 103 9.10 -39.72 10.85
C ASP D 103 9.79 -40.35 12.04
N PRO D 104 11.07 -40.14 12.28
CA PRO D 104 11.60 -40.57 13.58
C PRO D 104 10.95 -39.86 14.75
N LEU D 105 10.53 -38.61 14.61
CA LEU D 105 9.87 -37.98 15.73
C LEU D 105 8.50 -38.59 15.95
N VAL D 106 7.71 -38.72 14.87
CA VAL D 106 6.34 -39.25 14.99
C VAL D 106 6.33 -40.71 15.41
N ASP D 107 7.20 -41.53 14.82
CA ASP D 107 7.37 -42.92 15.27
C ASP D 107 7.64 -42.97 16.77
N PHE D 108 8.57 -42.13 17.26
CA PHE D 108 8.89 -42.11 18.67
C PHE D 108 7.71 -41.64 19.52
N LEU D 109 7.14 -40.49 19.16
CA LEU D 109 6.06 -39.93 19.96
C LEU D 109 4.89 -40.90 20.07
N SER D 110 4.63 -41.64 18.99
CA SER D 110 3.46 -42.52 18.96
C SER D 110 3.62 -43.76 19.83
N ARG D 111 4.81 -44.09 20.26
CA ARG D 111 4.98 -45.25 21.11
C ARG D 111 4.93 -44.88 22.59
N GLN D 112 4.79 -43.64 22.90
CA GLN D 112 4.90 -43.12 24.26
C GLN D 112 3.54 -43.13 24.93
N PRO D 113 3.52 -43.39 26.23
CA PRO D 113 2.25 -43.37 26.95
C PRO D 113 1.54 -42.05 26.77
N PRO D 114 0.24 -42.06 26.43
CA PRO D 114 -0.41 -40.82 25.98
C PRO D 114 -0.33 -39.62 26.94
N SER D 115 -0.21 -39.80 28.27
CA SER D 115 -0.06 -38.65 29.18
C SER D 115 1.22 -37.85 28.93
N ASP D 116 2.33 -38.53 28.55
CA ASP D 116 3.65 -37.96 28.30
C ASP D 116 3.74 -37.18 27.01
N LEU D 117 2.69 -37.09 26.21
CA LEU D 117 2.73 -36.27 25.03
C LEU D 117 2.77 -34.80 25.50
N PRO D 118 3.24 -33.89 24.65
CA PRO D 118 3.28 -32.47 25.01
C PRO D 118 2.00 -31.71 24.68
N ASP D 119 1.81 -30.57 25.36
CA ASP D 119 0.68 -29.72 25.07
C ASP D 119 0.99 -28.76 23.93
N ALA D 120 2.25 -28.46 23.71
CA ALA D 120 2.66 -27.58 22.63
C ALA D 120 4.04 -28.02 22.14
N ILE D 121 4.30 -27.86 20.84
CA ILE D 121 5.66 -27.95 20.31
C ILE D 121 6.13 -26.53 20.12
N LEU D 122 7.32 -26.20 20.57
CA LEU D 122 7.83 -24.83 20.39
C LEU D 122 9.03 -24.88 19.45
N GLY D 123 8.76 -25.05 18.14
CA GLY D 123 9.79 -25.29 17.16
C GLY D 123 10.23 -24.06 16.37
N SER D 124 11.45 -24.12 15.84
CA SER D 124 11.94 -23.00 15.02
C SER D 124 11.07 -22.86 13.79
N SER D 125 10.59 -21.63 13.57
CA SER D 125 9.84 -21.31 12.37
C SER D 125 10.51 -21.88 11.15
N PHE D 126 11.84 -22.03 11.20
CA PHE D 126 12.58 -22.62 10.10
C PHE D 126 12.21 -24.07 9.85
N LEU D 127 11.66 -24.76 10.85
CA LEU D 127 11.27 -26.15 10.70
C LEU D 127 9.75 -26.33 10.72
N SER D 128 8.98 -25.25 10.76
CA SER D 128 7.54 -25.41 10.95
C SER D 128 6.81 -26.19 9.85
N PRO D 129 7.28 -26.23 8.58
CA PRO D 129 6.55 -27.02 7.58
C PRO D 129 6.28 -28.47 7.99
N TRP D 130 7.28 -29.15 8.59
CA TRP D 130 7.10 -30.50 9.09
C TRP D 130 6.82 -30.54 10.59
N ILE D 131 7.26 -29.53 11.36
CA ILE D 131 6.91 -29.47 12.79
C ILE D 131 5.40 -29.32 12.95
N ASN D 132 4.75 -28.56 12.09
CA ASN D 132 3.30 -28.46 12.10
C ASN D 132 2.65 -29.76 11.66
N LYS D 133 3.21 -30.46 10.68
CA LYS D 133 2.69 -31.77 10.30
C LYS D 133 2.76 -32.73 11.49
N VAL D 134 3.90 -32.74 12.18
CA VAL D 134 4.03 -33.51 13.42
C VAL D 134 2.98 -33.05 14.43
N ALA D 135 2.95 -31.73 14.72
CA ALA D 135 2.13 -31.18 15.80
C ALA D 135 0.66 -31.51 15.67
N ASP D 136 0.11 -31.47 14.47
CA ASP D 136 -1.33 -31.70 14.30
C ASP D 136 -1.65 -33.17 14.08
N ALA D 137 -0.69 -33.97 13.62
CA ALA D 137 -0.89 -35.43 13.62
C ALA D 137 -1.27 -35.92 15.01
N PHE D 138 -0.75 -35.29 16.07
CA PHE D 138 -1.10 -35.58 17.46
C PHE D 138 -1.99 -34.51 18.09
N SER D 139 -2.58 -33.62 17.30
CA SER D 139 -3.49 -32.54 17.77
C SER D 139 -2.92 -31.75 18.97
N ILE D 140 -1.71 -31.22 18.75
CA ILE D 140 -0.96 -30.44 19.71
C ILE D 140 -0.70 -29.06 19.11
N LYS D 141 -0.72 -28.01 19.96
CA LYS D 141 -0.36 -26.66 19.50
C LYS D 141 1.10 -26.59 19.01
N SER D 142 1.33 -25.94 17.86
CA SER D 142 2.66 -25.62 17.36
C SER D 142 2.88 -24.11 17.49
N ILE D 143 3.76 -23.70 18.41
CA ILE D 143 4.18 -22.31 18.54
C ILE D 143 5.56 -22.17 17.89
N SER D 144 5.71 -21.22 16.99
CA SER D 144 6.95 -21.04 16.24
C SER D 144 7.86 -19.99 16.87
N PHE D 145 9.17 -20.10 16.60
CA PHE D 145 10.16 -19.20 17.18
C PHE D 145 11.13 -18.67 16.11
N LEU D 146 11.43 -17.38 16.20
CA LEU D 146 12.39 -16.72 15.33
C LEU D 146 13.27 -15.80 16.17
N PRO D 147 14.56 -15.71 15.86
CA PRO D 147 15.46 -14.86 16.66
C PRO D 147 15.63 -13.47 16.12
N ILE D 148 14.73 -13.07 15.20
CA ILE D 148 14.78 -11.79 14.51
C ILE D 148 13.57 -10.95 14.91
N ASN D 149 13.61 -9.65 14.55
CA ASN D 149 12.68 -8.64 15.04
C ASN D 149 11.42 -8.56 14.19
N ALA D 150 10.42 -7.87 14.74
CA ALA D 150 9.13 -7.72 14.04
C ALA D 150 9.30 -6.97 12.74
N HIS D 151 10.21 -6.01 12.73
CA HIS D 151 10.49 -5.25 11.54
C HIS D 151 10.91 -6.14 10.38
N SER D 152 11.96 -6.93 10.60
CA SER D 152 12.53 -7.76 9.54
C SER D 152 11.51 -8.76 8.97
N ILE D 153 10.71 -9.37 9.84
CA ILE D 153 9.73 -10.35 9.34
C ILE D 153 8.77 -9.70 8.36
N SER D 154 8.31 -8.48 8.68
CA SER D 154 7.34 -7.82 7.81
C SER D 154 7.93 -7.60 6.42
N VAL D 155 9.22 -7.22 6.34
CA VAL D 155 9.84 -7.10 5.03
C VAL D 155 9.82 -8.45 4.32
N MET D 156 10.30 -9.50 4.99
CA MET D 156 10.50 -10.78 4.30
C MET D 156 9.19 -11.42 3.92
N TRP D 157 8.26 -11.53 4.88
CA TRP D 157 7.00 -12.18 4.59
C TRP D 157 6.23 -11.40 3.53
N ALA D 158 6.48 -10.09 3.42
CA ALA D 158 5.83 -9.28 2.42
C ALA D 158 6.49 -9.42 1.06
N GLN D 159 7.69 -9.97 0.99
CA GLN D 159 8.39 -10.08 -0.28
C GLN D 159 7.53 -10.81 -1.28
N GLU D 160 7.60 -10.39 -2.53
CA GLU D 160 6.79 -11.06 -3.54
C GLU D 160 7.39 -12.44 -3.84
N ASP D 161 8.69 -12.50 -4.12
CA ASP D 161 9.37 -13.77 -4.37
C ASP D 161 10.21 -14.05 -3.14
N ARG D 162 9.73 -14.98 -2.30
CA ARG D 162 10.42 -15.35 -1.07
C ARG D 162 11.15 -16.68 -1.16
N SER D 163 10.66 -17.63 -1.95
CA SER D 163 11.20 -18.98 -1.95
C SER D 163 12.71 -18.95 -2.20
N PHE D 164 13.44 -19.91 -1.64
CA PHE D 164 12.93 -21.11 -0.96
C PHE D 164 12.41 -20.89 0.45
N PHE D 165 12.33 -19.65 0.91
CA PHE D 165 11.73 -19.43 2.21
C PHE D 165 10.21 -19.44 2.14
N ASN D 166 9.62 -19.69 0.98
CA ASN D 166 8.17 -19.54 0.92
C ASN D 166 7.46 -20.60 1.75
N ASP D 167 7.95 -21.84 1.73
CA ASP D 167 7.27 -22.88 2.51
C ASP D 167 7.39 -22.62 4.00
N LEU D 168 8.54 -22.10 4.41
CA LEU D 168 8.86 -21.84 5.81
C LEU D 168 8.03 -20.70 6.37
N GLU D 169 7.82 -19.66 5.57
CA GLU D 169 7.10 -18.46 6.01
C GLU D 169 5.60 -18.69 6.06
N THR D 170 5.09 -19.38 5.04
CA THR D 170 3.68 -19.73 5.02
C THR D 170 3.34 -20.66 6.17
N ALA D 171 4.24 -21.62 6.47
CA ALA D 171 4.03 -22.53 7.60
C ALA D 171 4.04 -21.79 8.92
N THR D 172 4.84 -20.72 9.06
CA THR D 172 4.73 -19.89 10.26
C THR D 172 3.43 -19.07 10.24
N THR D 173 3.04 -18.54 9.07
CA THR D 173 1.79 -17.79 9.01
C THR D 173 0.61 -18.64 9.50
N GLU D 174 0.53 -19.87 9.01
CA GLU D 174 -0.53 -20.73 9.49
C GLU D 174 -0.21 -21.38 10.84
N SER D 175 0.89 -21.03 11.48
CA SER D 175 1.10 -21.56 12.81
C SER D 175 0.13 -20.92 13.80
N TYR D 176 0.01 -21.56 14.98
CA TYR D 176 -0.80 -21.05 16.06
C TYR D 176 -0.30 -19.71 16.56
N GLY D 177 1.00 -19.49 16.52
CA GLY D 177 1.55 -18.24 16.99
C GLY D 177 3.03 -18.27 16.78
N LEU D 178 3.65 -17.12 16.95
CA LEU D 178 5.07 -16.94 16.71
C LEU D 178 5.65 -16.24 17.91
N VAL D 179 6.78 -16.74 18.41
CA VAL D 179 7.51 -16.14 19.53
C VAL D 179 8.77 -15.50 18.95
N ILE D 180 8.95 -14.19 19.16
CA ILE D 180 10.11 -13.52 18.56
C ILE D 180 10.96 -12.86 19.64
N ASN D 181 12.23 -12.69 19.30
CA ASN D 181 13.25 -12.18 20.21
C ASN D 181 13.39 -10.66 20.09
N SER D 182 12.39 -9.97 20.60
CA SER D 182 12.41 -8.53 20.56
C SER D 182 11.52 -8.03 21.68
N PHE D 183 11.68 -6.77 22.05
CA PHE D 183 10.80 -6.08 22.96
C PHE D 183 9.85 -5.24 22.13
N TYR D 184 8.68 -4.94 22.70
CA TYR D 184 7.54 -4.50 21.89
C TYR D 184 7.79 -3.17 21.16
N ASP D 185 8.53 -2.23 21.77
CA ASP D 185 8.83 -0.93 21.15
C ASP D 185 10.32 -0.62 21.23
N LEU D 186 10.79 0.22 20.32
CA LEU D 186 10.25 0.33 19.00
C LEU D 186 10.78 -0.94 18.32
N GLU D 187 9.96 -1.60 17.52
CA GLU D 187 8.88 -0.93 16.82
C GLU D 187 7.52 -1.68 16.77
N PRO D 188 6.54 -1.09 17.47
CA PRO D 188 5.19 -1.69 17.57
C PRO D 188 4.44 -1.66 16.27
N GLU D 189 4.71 -0.70 15.41
CA GLU D 189 4.03 -0.73 14.13
C GLU D 189 4.28 -2.08 13.46
N PHE D 190 5.49 -2.60 13.60
CA PHE D 190 5.85 -3.81 12.87
C PHE D 190 5.41 -5.08 13.62
N VAL D 191 5.29 -5.01 14.93
CA VAL D 191 4.61 -6.06 15.67
C VAL D 191 3.16 -6.20 15.23
N GLU D 192 2.38 -5.11 15.31
CA GLU D 192 0.97 -5.14 14.92
C GLU D 192 0.78 -5.53 13.46
N THR D 193 1.72 -5.16 12.59
CA THR D 193 1.60 -5.52 11.18
C THR D 193 1.66 -7.01 10.96
N VAL D 194 2.62 -7.66 11.60
CA VAL D 194 2.75 -9.11 11.45
C VAL D 194 1.52 -9.81 12.00
N LYS D 195 1.07 -9.39 13.19
CA LYS D 195 -0.10 -9.99 13.86
C LYS D 195 -1.37 -9.87 13.02
N THR D 196 -1.51 -8.79 12.25
CA THR D 196 -2.72 -8.56 11.49
C THR D 196 -2.66 -9.19 10.10
N ARG D 197 -1.55 -9.05 9.40
CA ARG D 197 -1.47 -9.51 8.01
C ARG D 197 -0.50 -10.66 7.75
N PHE D 198 0.03 -11.33 8.78
CA PHE D 198 1.00 -12.41 8.54
C PHE D 198 0.89 -13.59 9.51
N LEU D 199 -0.05 -13.55 10.45
CA LEU D 199 -0.34 -14.65 11.35
C LEU D 199 -1.84 -14.87 11.29
N ASN D 200 -2.28 -16.00 10.75
CA ASN D 200 -3.72 -16.25 10.60
C ASN D 200 -4.45 -16.03 11.92
N HIS D 201 -3.91 -16.53 13.02
CA HIS D 201 -4.56 -16.43 14.32
C HIS D 201 -4.00 -15.31 15.19
N HIS D 202 -3.12 -14.44 14.64
CA HIS D 202 -2.84 -13.12 15.19
C HIS D 202 -2.22 -13.16 16.59
N ARG D 203 -1.25 -14.02 16.80
CA ARG D 203 -0.68 -14.17 18.13
C ARG D 203 0.78 -13.71 18.17
N ILE D 204 0.99 -12.48 18.72
CA ILE D 204 2.30 -11.85 18.92
C ILE D 204 2.92 -12.38 20.18
N TRP D 205 4.19 -12.69 20.14
CA TRP D 205 4.91 -13.06 21.36
C TRP D 205 6.24 -12.30 21.34
N THR D 206 6.27 -11.11 21.97
CA THR D 206 7.51 -10.37 22.18
C THR D 206 8.08 -10.70 23.56
N VAL D 207 9.30 -11.25 23.59
CA VAL D 207 9.88 -11.82 24.82
C VAL D 207 11.30 -11.31 25.07
N GLY D 208 11.74 -10.31 24.32
CA GLY D 208 13.12 -9.89 24.32
C GLY D 208 13.42 -8.64 25.12
N PRO D 209 14.70 -8.28 25.25
CA PRO D 209 15.83 -9.07 24.79
C PRO D 209 15.98 -10.29 25.64
N LEU D 210 16.03 -11.49 25.06
CA LEU D 210 16.29 -12.69 25.85
C LEU D 210 17.74 -12.71 26.30
N LEU D 211 17.95 -12.84 27.61
CA LEU D 211 19.21 -12.80 28.32
C LEU D 211 19.71 -14.19 28.72
N PRO D 212 21.02 -14.38 28.82
CA PRO D 212 21.57 -15.70 29.12
C PRO D 212 21.32 -16.10 30.57
N PHE D 213 21.64 -17.37 30.89
CA PHE D 213 21.58 -17.88 32.28
C PHE D 213 22.94 -18.28 32.89
N SER D 224 37.11 -20.57 23.17
CA SER D 224 38.07 -21.21 22.27
C SER D 224 39.50 -20.69 22.48
N ILE D 225 39.62 -19.73 23.39
CA ILE D 225 40.88 -19.31 24.00
C ILE D 225 40.41 -19.08 25.43
N PRO D 226 41.12 -19.56 26.47
CA PRO D 226 40.47 -19.70 27.80
C PRO D 226 39.82 -18.41 28.26
N PRO D 227 38.50 -18.45 28.51
CA PRO D 227 37.77 -17.26 28.95
C PRO D 227 38.22 -16.70 30.29
N ALA D 228 38.84 -17.51 31.14
CA ALA D 228 39.54 -16.96 32.31
C ALA D 228 40.62 -15.97 31.88
N LYS D 229 41.32 -16.27 30.78
CA LYS D 229 42.37 -15.40 30.30
C LYS D 229 41.80 -14.11 29.72
N VAL D 230 40.58 -14.16 29.18
CA VAL D 230 39.98 -13.03 28.50
C VAL D 230 39.62 -11.92 29.50
N SER D 231 39.26 -12.29 30.73
CA SER D 231 39.07 -11.27 31.75
C SER D 231 40.39 -10.61 32.12
N ALA D 232 41.50 -11.36 32.06
CA ALA D 232 42.80 -10.78 32.43
C ALA D 232 43.31 -9.75 31.42
N TRP D 233 42.98 -9.88 30.14
CA TRP D 233 43.33 -8.84 29.18
C TRP D 233 42.47 -7.59 29.33
N LEU D 234 41.17 -7.77 29.50
CA LEU D 234 40.26 -6.64 29.62
C LEU D 234 40.44 -5.90 30.93
N ASP D 235 41.14 -6.50 31.88
CA ASP D 235 41.45 -5.82 33.13
C ASP D 235 42.73 -4.99 33.05
N SER D 236 43.65 -5.33 32.15
CA SER D 236 44.84 -4.55 31.93
C SER D 236 44.71 -3.61 30.72
N GLU D 239 41.58 2.54 32.04
CA GLU D 239 41.41 2.59 30.60
C GLU D 239 40.08 1.96 30.20
N ASP D 240 38.97 2.46 30.76
CA ASP D 240 37.67 1.82 30.65
C ASP D 240 36.82 2.50 29.58
N ASN D 241 36.05 1.68 28.85
CA ASN D 241 35.23 2.14 27.72
C ASN D 241 36.11 2.67 26.60
N SER D 242 37.25 1.99 26.41
CA SER D 242 38.26 2.36 25.42
C SER D 242 38.51 1.26 24.40
N VAL D 243 37.97 0.07 24.61
CA VAL D 243 38.22 -1.08 23.75
C VAL D 243 37.09 -1.23 22.74
N VAL D 244 37.43 -1.62 21.51
CA VAL D 244 36.47 -1.84 20.43
C VAL D 244 36.45 -3.34 20.10
N TYR D 245 35.27 -3.96 20.25
CA TYR D 245 35.11 -5.38 19.97
C TYR D 245 34.85 -5.58 18.48
N VAL D 246 35.53 -6.57 17.90
CA VAL D 246 35.40 -6.91 16.49
C VAL D 246 34.95 -8.35 16.38
N GLY D 247 33.74 -8.56 15.89
CA GLY D 247 33.26 -9.91 15.69
C GLY D 247 32.11 -9.98 14.74
N PHE D 248 32.30 -10.64 13.60
CA PHE D 248 31.24 -10.72 12.59
C PHE D 248 30.44 -12.01 12.72
N GLY D 249 30.35 -12.54 13.95
CA GLY D 249 29.37 -13.54 14.25
C GLY D 249 29.79 -14.96 13.93
N SER D 250 28.75 -15.81 13.84
CA SER D 250 28.90 -17.24 13.65
C SER D 250 29.11 -17.61 12.21
N GLN D 251 28.57 -16.85 11.28
CA GLN D 251 28.54 -17.25 9.89
C GLN D 251 29.66 -16.68 9.03
N ILE D 252 30.20 -15.48 9.34
CA ILE D 252 31.00 -14.73 8.38
C ILE D 252 32.47 -15.07 8.53
N ARG D 253 33.17 -15.17 7.40
CA ARG D 253 34.62 -15.31 7.38
C ARG D 253 35.16 -14.41 6.28
N LEU D 254 35.83 -13.33 6.65
CA LEU D 254 36.32 -12.44 5.61
C LEU D 254 37.47 -13.10 4.87
N THR D 255 37.65 -12.71 3.62
CA THR D 255 38.69 -13.33 2.82
C THR D 255 40.05 -12.80 3.23
N ALA D 256 41.11 -13.40 2.67
CA ALA D 256 42.46 -12.90 2.88
C ALA D 256 42.60 -11.45 2.41
N GLU D 257 42.09 -11.15 1.22
CA GLU D 257 42.16 -9.78 0.72
C GLU D 257 41.40 -8.84 1.65
N GLN D 258 40.23 -9.28 2.10
CA GLN D 258 39.47 -8.51 3.08
C GLN D 258 40.21 -8.42 4.40
N THR D 259 40.79 -9.54 4.85
CA THR D 259 41.52 -9.53 6.12
C THR D 259 42.71 -8.59 6.05
N ALA D 260 43.24 -8.34 4.85
CA ALA D 260 44.33 -7.38 4.74
C ALA D 260 43.85 -6.00 5.14
N ALA D 261 42.67 -5.60 4.70
CA ALA D 261 42.18 -4.25 5.01
C ALA D 261 41.76 -4.10 6.47
N LEU D 262 41.17 -5.16 7.06
CA LEU D 262 40.76 -5.09 8.47
C LEU D 262 42.00 -5.04 9.36
N ALA D 263 43.01 -5.86 9.04
CA ALA D 263 44.29 -5.77 9.71
C ALA D 263 44.90 -4.40 9.49
N ALA D 264 44.55 -3.75 8.38
CA ALA D 264 45.06 -2.41 8.09
C ALA D 264 44.56 -1.38 9.10
N ALA D 265 43.40 -1.61 9.73
CA ALA D 265 42.93 -0.70 10.76
C ALA D 265 43.92 -0.65 11.92
N LEU D 266 44.55 -1.80 12.20
CA LEU D 266 45.59 -1.96 13.23
C LEU D 266 46.89 -1.26 12.85
N GLU D 267 47.12 -1.06 11.55
CA GLU D 267 48.33 -0.43 11.03
C GLU D 267 48.26 1.10 11.09
N LYS D 268 47.09 1.68 10.79
CA LYS D 268 46.92 3.11 11.02
C LYS D 268 46.68 3.43 12.49
N SER D 269 45.60 2.90 13.06
CA SER D 269 45.29 3.08 14.47
C SER D 269 46.02 2.11 15.38
N SER D 270 46.61 2.63 16.44
CA SER D 270 47.26 1.83 17.49
C SER D 270 46.38 1.69 18.74
N VAL D 271 45.09 1.38 18.60
CA VAL D 271 44.18 1.26 19.75
C VAL D 271 44.15 -0.18 20.26
N ARG D 272 43.79 -0.35 21.53
CA ARG D 272 43.58 -1.71 22.06
C ARG D 272 42.21 -2.22 21.65
N PHE D 273 42.12 -3.54 21.45
CA PHE D 273 40.98 -4.18 20.79
C PHE D 273 41.11 -5.69 20.95
N ILE D 274 39.99 -6.40 20.80
CA ILE D 274 40.04 -7.85 20.60
C ILE D 274 39.15 -8.22 19.40
N TRP D 275 39.67 -9.06 18.52
CA TRP D 275 39.11 -9.34 17.20
C TRP D 275 38.86 -10.82 17.02
N ALA D 276 37.59 -11.20 16.83
CA ALA D 276 37.17 -12.60 16.70
C ALA D 276 37.20 -13.08 15.24
N VAL D 277 37.81 -14.24 15.01
CA VAL D 277 37.90 -14.84 13.67
C VAL D 277 37.47 -16.32 13.73
N ARG D 278 36.48 -16.69 12.88
CA ARG D 278 35.95 -18.05 12.73
C ARG D 278 36.49 -18.78 11.47
N ASP D 279 35.86 -19.94 11.18
CA ASP D 279 36.20 -20.93 10.11
C ASP D 279 34.94 -21.35 9.31
N ALA D 280 35.14 -22.29 8.36
CA ALA D 280 34.07 -22.97 7.61
C ALA D 280 34.58 -24.35 7.17
N ALA D 281 33.65 -25.33 7.10
CA ALA D 281 33.99 -26.71 6.74
C ALA D 281 33.08 -27.26 5.63
N LYS D 282 33.65 -28.10 4.75
CA LYS D 282 32.91 -28.82 3.72
C LYS D 282 33.56 -30.20 3.57
N LYS D 283 33.05 -30.98 2.60
CA LYS D 283 33.59 -32.26 2.05
C LYS D 283 32.46 -33.28 1.91
N ARG D 303 52.39 -9.45 10.11
CA ARG D 303 51.52 -10.11 11.08
C ARG D 303 52.28 -10.98 12.08
N VAL D 304 52.19 -10.58 13.35
CA VAL D 304 51.50 -9.35 13.71
C VAL D 304 52.35 -8.42 14.61
N LYS D 305 52.79 -8.97 15.74
CA LYS D 305 53.72 -8.36 16.71
C LYS D 305 52.94 -7.56 17.77
N ILE D 311 43.37 -12.40 18.46
CA ILE D 311 43.59 -13.71 17.86
C ILE D 311 42.55 -14.64 18.45
N ARG D 312 41.79 -15.36 17.63
CA ARG D 312 40.67 -16.14 18.18
C ARG D 312 40.43 -17.44 17.41
N GLY D 313 39.29 -18.07 17.72
CA GLY D 313 38.73 -19.23 17.07
C GLY D 313 37.22 -19.35 17.22
N TRP D 314 36.70 -19.13 18.45
CA TRP D 314 35.28 -18.86 18.70
C TRP D 314 35.16 -18.11 20.01
N ALA D 315 34.40 -16.96 20.02
CA ALA D 315 34.59 -15.91 21.02
C ALA D 315 33.57 -15.94 22.13
N PRO D 316 33.95 -15.37 23.30
CA PRO D 316 32.96 -15.11 24.35
C PRO D 316 32.36 -13.70 24.28
N GLN D 317 31.32 -13.46 23.48
CA GLN D 317 30.83 -12.09 23.25
C GLN D 317 30.24 -11.47 24.52
N THR D 318 29.30 -12.17 25.15
CA THR D 318 28.59 -11.61 26.30
C THR D 318 29.55 -11.21 27.41
N MET D 319 30.67 -11.92 27.53
CA MET D 319 31.69 -11.55 28.53
C MET D 319 32.37 -10.24 28.17
N ILE D 320 32.70 -10.09 26.88
CA ILE D 320 33.36 -8.89 26.40
C ILE D 320 32.43 -7.71 26.48
N LEU D 321 31.22 -7.86 25.93
CA LEU D 321 30.29 -6.73 25.82
C LEU D 321 29.79 -6.28 27.18
N GLU D 322 29.61 -7.21 28.12
CA GLU D 322 29.16 -6.84 29.44
C GLU D 322 30.26 -6.11 30.21
N HIS D 323 31.53 -6.35 29.84
CA HIS D 323 32.62 -5.71 30.54
C HIS D 323 32.48 -4.20 30.41
N ARG D 324 32.90 -3.47 31.46
CA ARG D 324 32.90 -2.01 31.39
C ARG D 324 34.01 -1.48 30.48
N ALA D 325 35.14 -2.20 30.39
CA ALA D 325 36.27 -1.71 29.62
C ALA D 325 36.02 -1.77 28.12
N VAL D 326 34.95 -2.44 27.68
CA VAL D 326 34.61 -2.58 26.26
C VAL D 326 33.44 -1.65 25.97
N GLY D 327 33.64 -0.71 25.02
CA GLY D 327 32.67 0.33 24.71
C GLY D 327 32.40 0.60 23.23
N SER D 328 32.92 -0.25 22.36
CA SER D 328 32.56 -0.24 20.94
C SER D 328 32.59 -1.68 20.41
N TYR D 329 31.81 -1.94 19.35
CA TYR D 329 31.62 -3.27 18.78
C TYR D 329 31.48 -3.13 17.27
N LEU D 330 32.47 -3.64 16.54
CA LEU D 330 32.41 -3.65 15.08
C LEU D 330 31.72 -4.94 14.65
N THR D 331 30.47 -4.84 14.17
CA THR D 331 29.56 -5.97 14.02
C THR D 331 28.94 -6.03 12.63
N HIS D 332 28.48 -7.23 12.27
CA HIS D 332 27.63 -7.50 11.12
C HIS D 332 26.20 -7.00 11.28
N LEU D 333 25.79 -6.59 12.49
CA LEU D 333 24.45 -6.09 12.79
C LEU D 333 23.36 -7.15 12.61
N GLY D 334 23.68 -8.39 12.97
CA GLY D 334 22.66 -9.40 13.16
C GLY D 334 21.83 -9.11 14.39
N TRP D 335 20.56 -9.56 14.35
CA TRP D 335 19.59 -9.11 15.36
C TRP D 335 19.89 -9.68 16.73
N GLY D 336 20.39 -10.91 16.80
CA GLY D 336 20.78 -11.44 18.08
C GLY D 336 21.91 -10.64 18.68
N SER D 337 22.93 -10.34 17.86
CA SER D 337 24.10 -9.59 18.30
C SER D 337 23.80 -8.12 18.52
N VAL D 338 22.76 -7.57 17.89
CA VAL D 338 22.33 -6.19 18.20
C VAL D 338 21.85 -6.10 19.66
N LEU D 339 21.06 -7.09 20.11
CA LEU D 339 20.57 -7.05 21.48
C LEU D 339 21.72 -7.22 22.47
N GLU D 340 22.70 -8.09 22.17
CA GLU D 340 23.88 -8.19 23.03
C GLU D 340 24.69 -6.89 23.00
N GLY D 341 24.79 -6.25 21.84
CA GLY D 341 25.47 -4.98 21.81
C GLY D 341 24.70 -3.89 22.53
N MET D 342 23.37 -4.01 22.57
CA MET D 342 22.55 -2.99 23.23
C MET D 342 22.46 -3.20 24.73
N VAL D 343 22.29 -4.46 25.17
CA VAL D 343 22.22 -4.76 26.60
C VAL D 343 23.59 -4.54 27.26
N GLY D 344 24.69 -4.67 26.49
CA GLY D 344 26.05 -4.44 26.97
C GLY D 344 26.47 -3.00 27.13
N GLY D 345 25.68 -2.07 26.62
CA GLY D 345 26.00 -0.67 26.79
C GLY D 345 27.29 -0.29 26.09
N VAL D 346 27.35 -0.55 24.79
CA VAL D 346 28.50 -0.22 23.97
C VAL D 346 28.00 0.43 22.68
N MET D 347 28.83 1.28 22.09
CA MET D 347 28.52 1.85 20.79
C MET D 347 28.48 0.75 19.75
N LEU D 348 27.47 0.76 18.90
CA LEU D 348 27.36 -0.28 17.89
C LEU D 348 27.84 0.28 16.56
N LEU D 349 28.92 -0.29 16.05
CA LEU D 349 29.44 0.09 14.76
C LEU D 349 29.02 -0.97 13.75
N ALA D 350 28.20 -0.58 12.77
CA ALA D 350 27.51 -1.53 11.92
C ALA D 350 28.20 -1.72 10.57
N TRP D 351 28.30 -2.98 10.13
CA TRP D 351 28.80 -3.33 8.79
C TRP D 351 28.02 -4.52 8.27
N PRO D 352 26.84 -4.29 7.70
CA PRO D 352 25.98 -5.40 7.29
C PRO D 352 26.50 -6.11 6.05
N MET D 353 26.26 -7.42 5.99
CA MET D 353 26.79 -8.28 4.94
C MET D 353 25.83 -9.31 4.38
N GLN D 354 24.82 -9.73 5.11
CA GLN D 354 24.20 -10.99 4.80
C GLN D 354 22.94 -11.11 5.64
N ALA D 355 22.18 -12.18 5.41
CA ALA D 355 21.04 -12.59 6.26
C ALA D 355 20.09 -11.40 6.37
N ASP D 356 19.68 -11.00 7.57
CA ASP D 356 18.81 -9.84 7.75
C ASP D 356 19.59 -8.55 7.98
N HIS D 357 20.93 -8.60 7.97
CA HIS D 357 21.72 -7.48 8.46
C HIS D 357 21.28 -6.15 7.89
N PHE D 358 20.76 -6.15 6.66
CA PHE D 358 20.32 -4.90 6.08
C PHE D 358 18.97 -4.44 6.62
N PHE D 359 18.04 -5.37 6.84
CA PHE D 359 16.85 -5.03 7.62
C PHE D 359 17.23 -4.40 8.95
N ASN D 360 18.25 -4.96 9.63
CA ASN D 360 18.61 -4.43 10.93
C ASN D 360 19.24 -3.04 10.80
N THR D 361 20.00 -2.80 9.72
CA THR D 361 20.57 -1.47 9.55
C THR D 361 19.48 -0.42 9.29
N THR D 362 18.49 -0.74 8.44
CA THR D 362 17.40 0.21 8.17
C THR D 362 16.61 0.53 9.45
N LEU D 363 16.37 -0.46 10.31
CA LEU D 363 15.60 -0.19 11.53
C LEU D 363 16.43 0.64 12.51
N ILE D 364 17.70 0.29 12.69
CA ILE D 364 18.49 0.78 13.81
C ILE D 364 19.36 1.98 13.42
N VAL D 365 19.96 1.99 12.25
CA VAL D 365 20.74 3.16 11.91
C VAL D 365 19.89 4.25 11.25
N ASP D 366 18.91 3.88 10.42
CA ASP D 366 18.12 4.86 9.63
C ASP D 366 16.88 5.44 10.33
N LYS D 367 15.81 4.64 10.50
CA LYS D 367 14.56 5.18 11.09
C LYS D 367 14.78 5.72 12.50
N LEU D 368 15.45 4.93 13.36
CA LEU D 368 15.65 5.25 14.78
C LEU D 368 17.03 5.82 15.11
N ARG D 369 18.04 5.61 14.26
CA ARG D 369 19.35 6.28 14.31
C ARG D 369 20.05 6.06 15.66
N ALA D 370 20.40 4.80 15.94
CA ALA D 370 21.05 4.39 17.19
C ALA D 370 22.34 3.60 16.96
N ALA D 371 22.92 3.68 15.77
CA ALA D 371 24.16 3.00 15.37
C ALA D 371 24.67 3.71 14.12
N VAL D 372 25.97 3.58 13.86
CA VAL D 372 26.57 4.20 12.69
C VAL D 372 26.96 3.11 11.69
N ARG D 373 26.66 3.34 10.41
CA ARG D 373 27.06 2.44 9.34
C ARG D 373 28.51 2.75 8.90
N VAL D 374 29.40 1.77 9.02
CA VAL D 374 30.81 1.94 8.74
C VAL D 374 31.27 0.91 7.73
N GLY D 375 30.33 0.38 6.96
CA GLY D 375 30.62 -0.58 5.90
C GLY D 375 29.43 -0.69 4.96
N GLU D 376 29.69 -1.17 3.74
CA GLU D 376 28.63 -1.16 2.72
C GLU D 376 27.98 -2.52 2.53
N ASN D 377 28.62 -3.44 1.80
CA ASN D 377 28.03 -4.73 1.48
C ASN D 377 29.05 -5.81 1.84
N ARG D 378 28.68 -7.08 1.56
CA ARG D 378 29.47 -8.23 2.00
C ARG D 378 30.92 -8.19 1.55
N ASP D 379 31.21 -7.55 0.41
CA ASP D 379 32.57 -7.48 -0.10
C ASP D 379 33.14 -6.08 -0.07
N SER D 380 32.44 -5.13 0.54
CA SER D 380 33.06 -3.82 0.71
C SER D 380 34.41 -4.02 1.37
N VAL D 381 35.39 -3.23 0.94
CA VAL D 381 36.74 -3.34 1.49
C VAL D 381 37.31 -1.95 1.69
N PRO D 382 36.84 -1.15 2.65
CA PRO D 382 37.37 0.22 2.77
C PRO D 382 38.84 0.17 3.16
N ASP D 383 39.63 1.10 2.64
CA ASP D 383 40.99 1.27 3.15
C ASP D 383 40.89 2.01 4.48
N SER D 384 41.43 1.37 5.52
CA SER D 384 41.17 1.80 6.89
C SER D 384 41.85 3.07 7.32
N ASP D 385 42.36 3.90 6.40
CA ASP D 385 42.88 5.17 6.88
C ASP D 385 41.70 5.99 7.39
N LYS D 386 40.63 6.01 6.58
CA LYS D 386 39.35 6.54 7.03
C LYS D 386 38.78 5.72 8.20
N LEU D 387 38.75 4.39 8.05
CA LEU D 387 38.09 3.57 9.07
C LEU D 387 38.91 3.41 10.37
N ALA D 388 40.25 3.55 10.36
CA ALA D 388 40.99 3.40 11.63
C ALA D 388 40.77 4.61 12.53
N ARG D 389 40.54 5.78 11.95
CA ARG D 389 40.20 6.97 12.71
C ARG D 389 38.76 6.92 13.21
N ILE D 390 37.86 6.24 12.47
CA ILE D 390 36.48 6.07 12.94
C ILE D 390 36.46 5.24 14.24
N LEU D 391 37.43 4.34 14.38
CA LEU D 391 37.64 3.58 15.61
C LEU D 391 38.25 4.47 16.69
N ALA D 392 39.24 5.31 16.32
CA ALA D 392 39.91 6.17 17.28
C ALA D 392 38.89 7.03 18.02
N GLU D 393 37.84 7.46 17.33
CA GLU D 393 36.72 8.13 18.00
C GLU D 393 35.99 7.13 18.88
N LEU D 399 29.79 9.86 23.17
CA LEU D 399 29.35 9.91 21.78
C LEU D 399 27.82 9.94 21.78
N PRO D 400 27.20 10.66 20.83
CA PRO D 400 25.74 10.87 20.94
C PRO D 400 24.88 9.63 20.63
N GLU D 401 25.24 8.81 19.64
CA GLU D 401 24.40 7.63 19.41
C GLU D 401 24.49 6.63 20.55
N ARG D 402 25.49 6.73 21.43
CA ARG D 402 25.53 5.79 22.52
C ARG D 402 24.47 6.14 23.56
N VAL D 403 24.17 7.44 23.72
CA VAL D 403 23.09 7.85 24.61
C VAL D 403 21.74 7.47 24.00
N THR D 404 21.63 7.53 22.67
CA THR D 404 20.44 6.97 22.02
C THR D 404 20.40 5.45 22.18
N LEU D 405 21.56 4.78 22.14
CA LEU D 405 21.56 3.36 22.48
C LEU D 405 21.04 3.13 23.88
N MET D 406 21.50 3.93 24.83
CA MET D 406 21.17 3.67 26.22
C MET D 406 19.71 3.96 26.54
N LYS D 407 19.06 4.83 25.75
CA LYS D 407 17.63 5.03 25.90
C LYS D 407 16.84 3.80 25.50
N LEU D 408 17.39 2.94 24.65
CA LEU D 408 16.79 1.64 24.42
C LEU D 408 17.24 0.63 25.43
N ARG D 409 18.49 0.71 25.90
CA ARG D 409 18.93 -0.13 27.01
C ARG D 409 18.00 0.01 28.20
N GLU D 410 17.53 1.24 28.50
CA GLU D 410 16.60 1.40 29.62
C GLU D 410 15.22 0.84 29.30
N LYS D 411 14.74 1.04 28.07
CA LYS D 411 13.42 0.53 27.66
C LYS D 411 13.39 -1.00 27.64
N ALA D 412 14.47 -1.63 27.19
CA ALA D 412 14.51 -3.08 27.18
C ALA D 412 14.51 -3.64 28.59
N MET D 413 15.22 -2.98 29.52
CA MET D 413 15.20 -3.49 30.87
C MET D 413 13.81 -3.33 31.47
N GLU D 414 13.08 -2.28 31.06
CA GLU D 414 11.69 -2.19 31.52
C GLU D 414 10.79 -3.20 30.82
N ALA D 415 11.10 -3.58 29.57
CA ALA D 415 10.26 -4.58 28.91
C ALA D 415 10.49 -5.96 29.53
N ILE D 416 11.74 -6.29 29.88
CA ILE D 416 12.02 -7.64 30.36
C ILE D 416 11.66 -7.78 31.83
N LYS D 417 12.01 -6.80 32.67
CA LYS D 417 11.71 -6.82 34.12
C LYS D 417 10.24 -7.08 34.44
N GLU D 418 9.98 -7.47 35.70
CA GLU D 418 8.65 -7.85 36.15
C GLU D 418 7.61 -6.76 35.90
N GLY D 419 6.55 -7.12 35.17
CA GLY D 419 5.50 -6.19 34.78
C GLY D 419 5.61 -5.56 33.41
N GLY D 420 6.66 -5.84 32.66
CA GLY D 420 6.83 -5.24 31.35
C GLY D 420 6.15 -6.02 30.24
N SER D 421 6.23 -5.44 29.04
CA SER D 421 5.61 -6.05 27.86
C SER D 421 6.10 -7.47 27.66
N SER D 422 7.40 -7.69 27.85
CA SER D 422 8.01 -8.97 27.53
C SER D 422 8.00 -9.96 28.69
N TYR D 423 8.13 -9.49 29.92
CA TYR D 423 7.84 -10.35 31.07
C TYR D 423 6.39 -10.80 31.08
N LYS D 424 5.48 -9.88 30.77
CA LYS D 424 4.11 -10.31 30.66
C LYS D 424 4.03 -11.40 29.64
N ASN D 425 4.79 -11.35 28.51
CA ASN D 425 4.17 -12.19 27.52
C ASN D 425 4.64 -13.58 27.88
N LEU D 426 5.82 -13.66 28.55
CA LEU D 426 6.39 -14.96 28.92
C LEU D 426 5.52 -15.69 29.94
N ASP D 427 4.84 -14.95 30.81
CA ASP D 427 3.81 -15.55 31.67
C ASP D 427 2.65 -16.02 30.81
N GLU D 428 2.21 -15.15 29.92
CA GLU D 428 1.09 -15.43 29.04
C GLU D 428 1.34 -16.64 28.14
N LEU D 429 2.55 -16.76 27.61
CA LEU D 429 2.87 -17.91 26.75
C LEU D 429 2.74 -19.22 27.52
N VAL D 430 3.38 -19.31 28.68
CA VAL D 430 3.31 -20.54 29.46
C VAL D 430 1.87 -20.87 29.80
N ALA D 431 1.09 -19.86 30.20
CA ALA D 431 -0.32 -20.08 30.48
C ALA D 431 -1.04 -20.58 29.23
N GLU D 432 -0.70 -20.03 28.07
CA GLU D 432 -1.34 -20.40 26.80
C GLU D 432 -1.08 -21.84 26.38
N MET D 433 0.14 -22.34 26.59
CA MET D 433 0.52 -23.62 25.99
C MET D 433 -0.28 -24.80 26.52
N CYS D 434 -0.91 -24.66 27.70
CA CYS D 434 -1.62 -25.81 28.22
C CYS D 434 -3.11 -25.86 27.85
N LEU D 435 -3.83 -24.73 27.78
CA LEU D 435 -5.24 -24.81 27.39
C LEU D 435 -5.48 -25.19 25.91
N1 UDP E . -18.76 20.04 27.15
C2 UDP E . -19.20 20.47 28.39
N3 UDP E . -20.56 20.64 28.49
C4 UDP E . -21.49 20.45 27.48
C5 UDP E . -20.95 20.02 26.24
C6 UDP E . -19.63 19.84 26.11
O2 UDP E . -18.46 20.66 29.35
O4 UDP E . -22.70 20.66 27.72
C1' UDP E . -17.32 19.82 26.94
C2' UDP E . -16.89 18.34 27.08
O2' UDP E . -16.52 18.00 28.42
C3' UDP E . -15.70 18.26 26.13
C4' UDP E . -16.10 19.22 25.02
O4' UDP E . -17.01 20.20 25.62
O3' UDP E . -14.44 18.65 26.71
C5' UDP E . -16.76 18.58 23.83
O5' UDP E . -15.75 18.23 22.86
PA UDP E . -15.56 16.76 22.38
O1A UDP E . -14.14 16.59 21.93
O2A UDP E . -16.06 15.79 23.43
O3A UDP E . -16.56 16.62 21.14
PB UDP E . -16.77 17.68 19.99
O1B UDP E . -15.43 18.19 19.41
O2B UDP E . -17.60 16.91 18.94
O3B UDP E . -17.68 18.71 20.66
N1 UDP F . 11.48 -24.96 -24.34
C2 UDP F . 11.05 -25.82 -25.36
N3 UDP F . 10.18 -26.81 -24.95
C4 UDP F . 9.72 -27.03 -23.68
C5 UDP F . 10.22 -26.12 -22.69
C6 UDP F . 11.06 -25.14 -23.04
O2 UDP F . 11.40 -25.73 -26.53
O4 UDP F . 8.95 -27.97 -23.47
C1' UDP F . 12.43 -23.89 -24.68
C2' UDP F . 11.82 -22.53 -24.99
O2' UDP F . 11.64 -22.42 -26.39
C3' UDP F . 12.93 -21.59 -24.55
C4' UDP F . 13.52 -22.30 -23.35
O4' UDP F . 13.28 -23.70 -23.57
O3' UDP F . 13.89 -21.44 -25.57
C5' UDP F . 12.94 -21.90 -22.01
O5' UDP F . 13.79 -20.95 -21.35
PA UDP F . 13.16 -19.71 -20.60
O1A UDP F . 14.26 -18.73 -20.39
O2A UDP F . 11.92 -19.20 -21.30
O3A UDP F . 12.68 -20.32 -19.20
PB UDP F . 13.64 -21.10 -18.20
O1B UDP F . 15.01 -20.64 -18.28
O2B UDP F . 13.01 -20.85 -16.83
O3B UDP F . 13.49 -22.54 -18.67
N1 UDP G . -18.92 21.00 -20.75
C2 UDP G . -19.00 21.74 -21.93
N3 UDP G . -18.09 22.76 -22.02
C4 UDP G . -17.14 23.11 -21.10
C5 UDP G . -17.13 22.31 -19.90
C6 UDP G . -18.00 21.30 -19.78
O2 UDP G . -19.81 21.51 -22.82
O4 UDP G . -16.37 24.07 -21.33
C1' UDP G . -19.87 19.87 -20.58
C2' UDP G . -19.30 18.52 -20.99
O2' UDP G . -19.51 18.33 -22.39
C3' UDP G . -20.11 17.54 -20.12
C4' UDP G . -20.67 18.41 -18.99
O4' UDP G . -20.19 19.74 -19.22
O3' UDP G . -21.15 16.88 -20.85
C5' UDP G . -20.30 17.98 -17.59
O5' UDP G . -19.81 16.63 -17.53
PA UDP G . -19.19 16.06 -16.21
O1A UDP G . -17.70 16.21 -16.21
O2A UDP G . -19.75 14.70 -16.01
O3A UDP G . -19.71 17.01 -15.12
PB UDP G . -18.88 17.89 -14.11
O1B UDP G . -17.86 16.88 -13.54
O2B UDP G . -18.24 18.92 -15.01
O3B UDP G . -19.72 18.50 -13.08
N1 UDP H . 28.92 -15.80 19.14
C2 UDP H . 29.94 -15.87 20.07
N3 UDP H . 31.21 -15.96 19.54
C4 UDP H . 31.54 -15.98 18.20
C5 UDP H . 30.42 -15.91 17.31
C6 UDP H . 29.18 -15.81 17.79
O2 UDP H . 29.74 -15.87 21.27
O4 UDP H . 32.73 -16.06 17.88
C1' UDP H . 27.54 -15.69 19.67
C2' UDP H . 27.09 -14.24 19.78
O2' UDP H . 27.43 -13.79 21.09
C3' UDP H . 25.57 -14.36 19.61
C4' UDP H . 25.39 -15.63 18.75
O4' UDP H . 26.65 -16.32 18.78
O3' UDP H . 24.94 -14.49 20.88
C5' UDP H . 24.99 -15.41 17.30
O5' UDP H . 23.85 -14.53 17.12
PA UDP H . 23.63 -13.76 15.75
O1A UDP H . 24.78 -12.79 15.48
O2A UDP H . 22.26 -13.19 15.79
O3A UDP H . 23.73 -14.92 14.61
PB UDP H . 24.33 -14.80 13.14
O1B UDP H . 25.81 -14.61 13.40
O2B UDP H . 24.09 -16.18 12.54
O3B UDP H . 23.66 -13.69 12.35
#